data_3B02
# 
_entry.id   3B02 
# 
_audit_conform.dict_name       mmcif_pdbx.dic 
_audit_conform.dict_version    5.380 
_audit_conform.dict_location   http://mmcif.pdb.org/dictionaries/ascii/mmcif_pdbx.dic 
# 
loop_
_database_2.database_id 
_database_2.database_code 
_database_2.pdbx_database_accession 
_database_2.pdbx_DOI 
PDB   3B02         pdb_00003b02 10.2210/pdb3b02/pdb 
RCSB  RCSB029908   ?            ?                   
WWPDB D_1000029908 ?            ?                   
# 
_pdbx_database_PDB_obs_spr.id               SPRSDE 
_pdbx_database_PDB_obs_spr.date             2011-06-15 
_pdbx_database_PDB_obs_spr.pdb_id           3B02 
_pdbx_database_PDB_obs_spr.replace_pdb_id   2ZDB 
_pdbx_database_PDB_obs_spr.details          ? 
# 
_pdbx_database_related.db_name        TargetDB 
_pdbx_database_related.db_id          ttk003001007.1 
_pdbx_database_related.details        . 
_pdbx_database_related.content_type   unspecified 
# 
_pdbx_database_status.status_code                     REL 
_pdbx_database_status.entry_id                        3B02 
_pdbx_database_status.recvd_initial_deposition_date   2011-06-03 
_pdbx_database_status.deposit_site                    PDBJ 
_pdbx_database_status.process_site                    PDBJ 
_pdbx_database_status.status_code_sf                  REL 
_pdbx_database_status.status_code_mr                  ? 
_pdbx_database_status.SG_entry                        Y 
_pdbx_database_status.status_code_cs                  ? 
_pdbx_database_status.methods_development_category    ? 
_pdbx_database_status.pdb_format_compatible           Y 
_pdbx_database_status.status_code_nmr_data            ? 
# 
loop_
_audit_author.name 
_audit_author.pdbx_ordinal 
'Agari, Y.'                                              1 
'Kuramitsu, S.'                                          2 
'Shinkai, A.'                                            3 
'RIKEN Structural Genomics/Proteomics Initiative (RSGI)' 4 
# 
_citation.id                        primary 
_citation.title                     
;X-ray crystal structure of TTHB099, a CRP/FNR superfamily transcriptional regulator from Thermus thermophilus HB8, reveals a DNA-binding protein with no required allosteric effector molecule
;
_citation.journal_abbrev            Proteins 
_citation.journal_volume            80 
_citation.page_first                1490 
_citation.page_last                 1494 
_citation.year                      2012 
_citation.journal_id_ASTM           PSFGEY 
_citation.country                   US 
_citation.journal_id_ISSN           0887-3585 
_citation.journal_id_CSD            0867 
_citation.book_publisher            ? 
_citation.pdbx_database_id_PubMed   22383301 
_citation.pdbx_database_id_DOI      10.1002/prot.24049 
# 
loop_
_citation_author.citation_id 
_citation_author.name 
_citation_author.ordinal 
_citation_author.identifier_ORCID 
primary 'Agari, Y.'     1 ? 
primary 'Kuramitsu, S.' 2 ? 
primary 'Shinkai, A.'   3 ? 
# 
_cell.entry_id           3B02 
_cell.length_a           147.626 
_cell.length_b           147.626 
_cell.length_c           147.626 
_cell.angle_alpha        90.00 
_cell.angle_beta         90.00 
_cell.angle_gamma        90.00 
_cell.Z_PDB              48 
_cell.pdbx_unique_axis   ? 
_cell.length_a_esd       ? 
_cell.length_b_esd       ? 
_cell.length_c_esd       ? 
_cell.angle_alpha_esd    ? 
_cell.angle_beta_esd     ? 
_cell.angle_gamma_esd    ? 
# 
_symmetry.entry_id                         3B02 
_symmetry.space_group_name_H-M             'I 41 3 2' 
_symmetry.pdbx_full_space_group_name_H-M   ? 
_symmetry.cell_setting                     ? 
_symmetry.Int_Tables_number                214 
_symmetry.space_group_name_Hall            ? 
# 
loop_
_entity.id 
_entity.type 
_entity.src_method 
_entity.pdbx_description 
_entity.formula_weight 
_entity.pdbx_number_of_molecules 
_entity.pdbx_ec 
_entity.pdbx_mutation 
_entity.pdbx_fragment 
_entity.details 
1 polymer man 'Transcriptional regulator, Crp family' 22173.387 1   ? ? ? ? 
2 water   nat water                                   18.015    146 ? ? ? ? 
# 
_entity_poly.entity_id                      1 
_entity_poly.type                           'polypeptide(L)' 
_entity_poly.nstd_linkage                   no 
_entity_poly.nstd_monomer                   no 
_entity_poly.pdbx_seq_one_letter_code       
;MKRFARKETIYLRGEEARTLYRLEEGLVRVVELLPDGRLITLRHVLPGDYFGEEALEGKAYRYTAEAMTEAVVQGLEPRA
MDHEALHRVARNLARQMRRVQAYEAHLQTGELRARIARYLLFLADTPLSARDRQGIYVTVSHEEIADATASIRESVSKVL
ADLRREGLIATAYRRVYLLDLAALEREAGSALEAA
;
_entity_poly.pdbx_seq_one_letter_code_can   
;MKRFARKETIYLRGEEARTLYRLEEGLVRVVELLPDGRLITLRHVLPGDYFGEEALEGKAYRYTAEAMTEAVVQGLEPRA
MDHEALHRVARNLARQMRRVQAYEAHLQTGELRARIARYLLFLADTPLSARDRQGIYVTVSHEEIADATASIRESVSKVL
ADLRREGLIATAYRRVYLLDLAALEREAGSALEAA
;
_entity_poly.pdbx_strand_id                 A 
_entity_poly.pdbx_target_identifier         ttk003001007.1 
# 
loop_
_entity_poly_seq.entity_id 
_entity_poly_seq.num 
_entity_poly_seq.mon_id 
_entity_poly_seq.hetero 
1 1   MET n 
1 2   LYS n 
1 3   ARG n 
1 4   PHE n 
1 5   ALA n 
1 6   ARG n 
1 7   LYS n 
1 8   GLU n 
1 9   THR n 
1 10  ILE n 
1 11  TYR n 
1 12  LEU n 
1 13  ARG n 
1 14  GLY n 
1 15  GLU n 
1 16  GLU n 
1 17  ALA n 
1 18  ARG n 
1 19  THR n 
1 20  LEU n 
1 21  TYR n 
1 22  ARG n 
1 23  LEU n 
1 24  GLU n 
1 25  GLU n 
1 26  GLY n 
1 27  LEU n 
1 28  VAL n 
1 29  ARG n 
1 30  VAL n 
1 31  VAL n 
1 32  GLU n 
1 33  LEU n 
1 34  LEU n 
1 35  PRO n 
1 36  ASP n 
1 37  GLY n 
1 38  ARG n 
1 39  LEU n 
1 40  ILE n 
1 41  THR n 
1 42  LEU n 
1 43  ARG n 
1 44  HIS n 
1 45  VAL n 
1 46  LEU n 
1 47  PRO n 
1 48  GLY n 
1 49  ASP n 
1 50  TYR n 
1 51  PHE n 
1 52  GLY n 
1 53  GLU n 
1 54  GLU n 
1 55  ALA n 
1 56  LEU n 
1 57  GLU n 
1 58  GLY n 
1 59  LYS n 
1 60  ALA n 
1 61  TYR n 
1 62  ARG n 
1 63  TYR n 
1 64  THR n 
1 65  ALA n 
1 66  GLU n 
1 67  ALA n 
1 68  MET n 
1 69  THR n 
1 70  GLU n 
1 71  ALA n 
1 72  VAL n 
1 73  VAL n 
1 74  GLN n 
1 75  GLY n 
1 76  LEU n 
1 77  GLU n 
1 78  PRO n 
1 79  ARG n 
1 80  ALA n 
1 81  MET n 
1 82  ASP n 
1 83  HIS n 
1 84  GLU n 
1 85  ALA n 
1 86  LEU n 
1 87  HIS n 
1 88  ARG n 
1 89  VAL n 
1 90  ALA n 
1 91  ARG n 
1 92  ASN n 
1 93  LEU n 
1 94  ALA n 
1 95  ARG n 
1 96  GLN n 
1 97  MET n 
1 98  ARG n 
1 99  ARG n 
1 100 VAL n 
1 101 GLN n 
1 102 ALA n 
1 103 TYR n 
1 104 GLU n 
1 105 ALA n 
1 106 HIS n 
1 107 LEU n 
1 108 GLN n 
1 109 THR n 
1 110 GLY n 
1 111 GLU n 
1 112 LEU n 
1 113 ARG n 
1 114 ALA n 
1 115 ARG n 
1 116 ILE n 
1 117 ALA n 
1 118 ARG n 
1 119 TYR n 
1 120 LEU n 
1 121 LEU n 
1 122 PHE n 
1 123 LEU n 
1 124 ALA n 
1 125 ASP n 
1 126 THR n 
1 127 PRO n 
1 128 LEU n 
1 129 SER n 
1 130 ALA n 
1 131 ARG n 
1 132 ASP n 
1 133 ARG n 
1 134 GLN n 
1 135 GLY n 
1 136 ILE n 
1 137 TYR n 
1 138 VAL n 
1 139 THR n 
1 140 VAL n 
1 141 SER n 
1 142 HIS n 
1 143 GLU n 
1 144 GLU n 
1 145 ILE n 
1 146 ALA n 
1 147 ASP n 
1 148 ALA n 
1 149 THR n 
1 150 ALA n 
1 151 SER n 
1 152 ILE n 
1 153 ARG n 
1 154 GLU n 
1 155 SER n 
1 156 VAL n 
1 157 SER n 
1 158 LYS n 
1 159 VAL n 
1 160 LEU n 
1 161 ALA n 
1 162 ASP n 
1 163 LEU n 
1 164 ARG n 
1 165 ARG n 
1 166 GLU n 
1 167 GLY n 
1 168 LEU n 
1 169 ILE n 
1 170 ALA n 
1 171 THR n 
1 172 ALA n 
1 173 TYR n 
1 174 ARG n 
1 175 ARG n 
1 176 VAL n 
1 177 TYR n 
1 178 LEU n 
1 179 LEU n 
1 180 ASP n 
1 181 LEU n 
1 182 ALA n 
1 183 ALA n 
1 184 LEU n 
1 185 GLU n 
1 186 ARG n 
1 187 GLU n 
1 188 ALA n 
1 189 GLY n 
1 190 SER n 
1 191 ALA n 
1 192 LEU n 
1 193 GLU n 
1 194 ALA n 
1 195 ALA n 
# 
_entity_src_gen.entity_id                          1 
_entity_src_gen.pdbx_src_id                        1 
_entity_src_gen.pdbx_alt_source_flag               sample 
_entity_src_gen.pdbx_seq_type                      ? 
_entity_src_gen.pdbx_beg_seq_num                   ? 
_entity_src_gen.pdbx_end_seq_num                   ? 
_entity_src_gen.gene_src_common_name               ? 
_entity_src_gen.gene_src_genus                     ? 
_entity_src_gen.pdbx_gene_src_gene                 TTHB099 
_entity_src_gen.gene_src_species                   ? 
_entity_src_gen.gene_src_strain                    HB8 
_entity_src_gen.gene_src_tissue                    ? 
_entity_src_gen.gene_src_tissue_fraction           ? 
_entity_src_gen.gene_src_details                   ? 
_entity_src_gen.pdbx_gene_src_fragment             ? 
_entity_src_gen.pdbx_gene_src_scientific_name      'Thermus thermophilus' 
_entity_src_gen.pdbx_gene_src_ncbi_taxonomy_id     300852 
_entity_src_gen.pdbx_gene_src_variant              ? 
_entity_src_gen.pdbx_gene_src_cell_line            ? 
_entity_src_gen.pdbx_gene_src_atcc                 ? 
_entity_src_gen.pdbx_gene_src_organ                ? 
_entity_src_gen.pdbx_gene_src_organelle            ? 
_entity_src_gen.pdbx_gene_src_cell                 ? 
_entity_src_gen.pdbx_gene_src_cellular_location    ? 
_entity_src_gen.host_org_common_name               ? 
_entity_src_gen.pdbx_host_org_scientific_name      'Escherichia coli' 
_entity_src_gen.pdbx_host_org_ncbi_taxonomy_id     562 
_entity_src_gen.host_org_genus                     ? 
_entity_src_gen.pdbx_host_org_gene                 ? 
_entity_src_gen.pdbx_host_org_organ                ? 
_entity_src_gen.host_org_species                   ? 
_entity_src_gen.pdbx_host_org_tissue               ? 
_entity_src_gen.pdbx_host_org_tissue_fraction      ? 
_entity_src_gen.pdbx_host_org_strain               'BL21(DE3)' 
_entity_src_gen.pdbx_host_org_variant              ? 
_entity_src_gen.pdbx_host_org_cell_line            ? 
_entity_src_gen.pdbx_host_org_atcc                 ? 
_entity_src_gen.pdbx_host_org_culture_collection   ? 
_entity_src_gen.pdbx_host_org_cell                 ? 
_entity_src_gen.pdbx_host_org_organelle            ? 
_entity_src_gen.pdbx_host_org_cellular_location    ? 
_entity_src_gen.pdbx_host_org_vector_type          PLASMID 
_entity_src_gen.pdbx_host_org_vector               ? 
_entity_src_gen.host_org_details                   ? 
_entity_src_gen.expression_system_id               ? 
_entity_src_gen.plasmid_name                       pET-11a 
_entity_src_gen.plasmid_details                    ? 
_entity_src_gen.pdbx_description                   ? 
# 
_struct_ref.id                         1 
_struct_ref.db_name                    UNP 
_struct_ref.db_code                    Q53W63_THET8 
_struct_ref.pdbx_db_accession          Q53W63 
_struct_ref.entity_id                  1 
_struct_ref.pdbx_seq_one_letter_code   
;MKRFARKETIYLRGEEARTLYRLEEGLVRVVELLPDGRLITLRHVLPGDYFGEEALEGKAYRYTAEAMTEAVVQGLEPRA
MDHEALHRVARNLARQMRRVQAYEAHLQTGELRARIARYLLFLADTPLSARDRQGIYVTVSHEEIADATASIRESVSKVL
ADLRREGLIATAYRRVYLLDLAALEREAGSALEAA
;
_struct_ref.pdbx_align_begin           1 
_struct_ref.pdbx_db_isoform            ? 
# 
_struct_ref_seq.align_id                      1 
_struct_ref_seq.ref_id                        1 
_struct_ref_seq.pdbx_PDB_id_code              3B02 
_struct_ref_seq.pdbx_strand_id                A 
_struct_ref_seq.seq_align_beg                 1 
_struct_ref_seq.pdbx_seq_align_beg_ins_code   ? 
_struct_ref_seq.seq_align_end                 195 
_struct_ref_seq.pdbx_seq_align_end_ins_code   ? 
_struct_ref_seq.pdbx_db_accession             Q53W63 
_struct_ref_seq.db_align_beg                  1 
_struct_ref_seq.pdbx_db_align_beg_ins_code    ? 
_struct_ref_seq.db_align_end                  195 
_struct_ref_seq.pdbx_db_align_end_ins_code    ? 
_struct_ref_seq.pdbx_auth_seq_align_beg       1 
_struct_ref_seq.pdbx_auth_seq_align_end       195 
# 
loop_
_chem_comp.id 
_chem_comp.type 
_chem_comp.mon_nstd_flag 
_chem_comp.name 
_chem_comp.pdbx_synonyms 
_chem_comp.formula 
_chem_comp.formula_weight 
ALA 'L-peptide linking' y ALANINE         ? 'C3 H7 N O2'     89.093  
ARG 'L-peptide linking' y ARGININE        ? 'C6 H15 N4 O2 1' 175.209 
ASN 'L-peptide linking' y ASPARAGINE      ? 'C4 H8 N2 O3'    132.118 
ASP 'L-peptide linking' y 'ASPARTIC ACID' ? 'C4 H7 N O4'     133.103 
GLN 'L-peptide linking' y GLUTAMINE       ? 'C5 H10 N2 O3'   146.144 
GLU 'L-peptide linking' y 'GLUTAMIC ACID' ? 'C5 H9 N O4'     147.129 
GLY 'peptide linking'   y GLYCINE         ? 'C2 H5 N O2'     75.067  
HIS 'L-peptide linking' y HISTIDINE       ? 'C6 H10 N3 O2 1' 156.162 
HOH non-polymer         . WATER           ? 'H2 O'           18.015  
ILE 'L-peptide linking' y ISOLEUCINE      ? 'C6 H13 N O2'    131.173 
LEU 'L-peptide linking' y LEUCINE         ? 'C6 H13 N O2'    131.173 
LYS 'L-peptide linking' y LYSINE          ? 'C6 H15 N2 O2 1' 147.195 
MET 'L-peptide linking' y METHIONINE      ? 'C5 H11 N O2 S'  149.211 
PHE 'L-peptide linking' y PHENYLALANINE   ? 'C9 H11 N O2'    165.189 
PRO 'L-peptide linking' y PROLINE         ? 'C5 H9 N O2'     115.130 
SER 'L-peptide linking' y SERINE          ? 'C3 H7 N O3'     105.093 
THR 'L-peptide linking' y THREONINE       ? 'C4 H9 N O3'     119.119 
TYR 'L-peptide linking' y TYROSINE        ? 'C9 H11 N O3'    181.189 
VAL 'L-peptide linking' y VALINE          ? 'C5 H11 N O2'    117.146 
# 
_exptl.entry_id          3B02 
_exptl.method            'X-RAY DIFFRACTION' 
_exptl.crystals_number   1 
# 
_exptl_crystal.id                    1 
_exptl_crystal.density_meas          ? 
_exptl_crystal.density_Matthews      3.02 
_exptl_crystal.density_percent_sol   59.31 
_exptl_crystal.description           ? 
_exptl_crystal.F_000                 ? 
_exptl_crystal.preparation           ? 
# 
_exptl_crystal_grow.crystal_id      1 
_exptl_crystal_grow.method          'VAPOR DIFFUSION, SITTING DROP' 
_exptl_crystal_grow.temp            293.0 
_exptl_crystal_grow.temp_details    ? 
_exptl_crystal_grow.pH              7.4 
_exptl_crystal_grow.pdbx_details    
'18% Polyacrylic Acid 5100, 0.1M HEPES, 0.1M Magnesium Chloride, pH 7.4, VAPOR DIFFUSION, SITTING DROP, temperature 293.0K' 
_exptl_crystal_grow.pdbx_pH_range   . 
# 
_diffrn.id                     1 
_diffrn.ambient_temp           100 
_diffrn.ambient_temp_details   ? 
_diffrn.crystal_id             1 
# 
_diffrn_detector.diffrn_id              1 
_diffrn_detector.detector               CCD 
_diffrn_detector.type                   'RAYONIX MX-225' 
_diffrn_detector.pdbx_collection_date   2007-10-13 
_diffrn_detector.details                
'A fixed exit Si double crystal monochromator followed by a two dimensional focusing mirror which is coated in rhodium.' 
# 
_diffrn_radiation.diffrn_id                        1 
_diffrn_radiation.wavelength_id                    1 
_diffrn_radiation.pdbx_monochromatic_or_laue_m_l   M 
_diffrn_radiation.monochromator                    'Fixed exit Si double crystal monochromator' 
_diffrn_radiation.pdbx_diffrn_protocol             'SINGLE WAVELENGTH' 
_diffrn_radiation.pdbx_scattering_type             x-ray 
# 
_diffrn_radiation_wavelength.id           1 
_diffrn_radiation_wavelength.wavelength   1.0 
_diffrn_radiation_wavelength.wt           1.0 
# 
_diffrn_source.diffrn_id                   1 
_diffrn_source.source                      SYNCHROTRON 
_diffrn_source.type                        'SPRING-8 BEAMLINE BL26B2' 
_diffrn_source.pdbx_synchrotron_site       SPring-8 
_diffrn_source.pdbx_synchrotron_beamline   BL26B2 
_diffrn_source.pdbx_wavelength             ? 
_diffrn_source.pdbx_wavelength_list        1.0 
# 
_reflns.entry_id                     3B02 
_reflns.observed_criterion_sigma_I   ? 
_reflns.observed_criterion_sigma_F   ? 
_reflns.d_resolution_low             50 
_reflns.d_resolution_high            1.92 
_reflns.number_obs                   21153 
_reflns.number_all                   ? 
_reflns.percent_possible_obs         ? 
_reflns.pdbx_Rmerge_I_obs            0.055 
_reflns.pdbx_Rsym_value              ? 
_reflns.pdbx_netI_over_sigmaI        88.3 
_reflns.B_iso_Wilson_estimate        13.6 
_reflns.pdbx_redundancy              50.6 
_reflns.R_free_details               ? 
_reflns.limit_h_max                  ? 
_reflns.limit_h_min                  ? 
_reflns.limit_k_max                  ? 
_reflns.limit_k_min                  ? 
_reflns.limit_l_max                  ? 
_reflns.limit_l_min                  ? 
_reflns.observed_criterion_F_max     ? 
_reflns.observed_criterion_F_min     ? 
_reflns.pdbx_chi_squared             ? 
_reflns.pdbx_scaling_rejects         ? 
_reflns.pdbx_ordinal                 1 
_reflns.pdbx_diffrn_id               1 
# 
_reflns_shell.d_res_high                  1.92 
_reflns_shell.d_res_low                   1.98 
_reflns_shell.percent_possible_all        94.2 
_reflns_shell.Rmerge_I_obs                0.248 
_reflns_shell.pdbx_Rsym_value             ? 
_reflns_shell.meanI_over_sigI_obs         20.6 
_reflns_shell.pdbx_redundancy             46.0 
_reflns_shell.percent_possible_obs        ? 
_reflns_shell.number_unique_all           1643 
_reflns_shell.number_measured_all         ? 
_reflns_shell.number_measured_obs         ? 
_reflns_shell.number_unique_obs           ? 
_reflns_shell.pdbx_chi_squared            ? 
_reflns_shell.pdbx_rejects                ? 
_reflns_shell.pdbx_netI_over_sigmaI_obs   ? 
_reflns_shell.number_possible             ? 
_reflns_shell.Rmerge_F_all                ? 
_reflns_shell.Rmerge_F_obs                ? 
_reflns_shell.Rmerge_I_all                ? 
_reflns_shell.meanI_over_sigI_all         ? 
_reflns_shell.pdbx_Rrim_I_all             ? 
_reflns_shell.pdbx_Rpim_I_all             ? 
_reflns_shell.pdbx_ordinal                1 
_reflns_shell.pdbx_diffrn_id              1 
# 
_refine.entry_id                                 3B02 
_refine.ls_number_reflns_obs                     21130 
_refine.ls_number_reflns_all                     21130 
_refine.pdbx_ls_sigma_I                          ? 
_refine.pdbx_ls_sigma_F                          0.0 
_refine.pdbx_data_cutoff_high_absF               5847318.73 
_refine.pdbx_data_cutoff_low_absF                0.000000 
_refine.pdbx_data_cutoff_high_rms_absF           ? 
_refine.ls_d_res_low                             46.68 
_refine.ls_d_res_high                            1.92 
_refine.ls_percent_reflns_obs                    99.4 
_refine.ls_R_factor_obs                          0.183 
_refine.ls_R_factor_all                          0.187 
_refine.ls_R_factor_R_work                       0.183 
_refine.ls_R_factor_R_free                       0.220 
_refine.ls_R_factor_R_free_error                 0.005 
_refine.ls_R_factor_R_free_error_details         ? 
_refine.ls_percent_reflns_R_free                 9.9 
_refine.ls_number_reflns_R_free                  2088 
_refine.ls_number_parameters                     ? 
_refine.ls_number_restraints                     ? 
_refine.occupancy_min                            ? 
_refine.occupancy_max                            ? 
_refine.correlation_coeff_Fo_to_Fc               ? 
_refine.correlation_coeff_Fo_to_Fc_free          ? 
_refine.B_iso_mean                               26.9 
_refine.aniso_B[1][1]                            0.00 
_refine.aniso_B[2][2]                            0.00 
_refine.aniso_B[3][3]                            0.00 
_refine.aniso_B[1][2]                            0.00 
_refine.aniso_B[1][3]                            0.00 
_refine.aniso_B[2][3]                            0.00 
_refine.solvent_model_details                    'FLAT MODEL' 
_refine.solvent_model_param_ksol                 0.38 
_refine.solvent_model_param_bsol                 56.1011 
_refine.pdbx_solvent_vdw_probe_radii             ? 
_refine.pdbx_solvent_ion_probe_radii             ? 
_refine.pdbx_solvent_shrinkage_radii             ? 
_refine.pdbx_ls_cross_valid_method               THROUGHOUT 
_refine.details                                  'BULK SOLVENT MODEL USED' 
_refine.pdbx_starting_model                      'PDB ENTRY 2ZCW' 
_refine.pdbx_method_to_determine_struct          'MOLECULAR REPLACEMENT' 
_refine.pdbx_isotropic_thermal_model             RESTRAINED 
_refine.pdbx_stereochemistry_target_values       'Engh & Huber' 
_refine.pdbx_stereochem_target_val_spec_case     ? 
_refine.pdbx_R_Free_selection_details            RANDOM 
_refine.pdbx_overall_ESU_R_Free                  ? 
_refine.overall_SU_ML                            ? 
_refine.pdbx_overall_phase_error                 ? 
_refine.overall_SU_B                             ? 
_refine.overall_SU_R_Cruickshank_DPI             ? 
_refine.ls_redundancy_reflns_obs                 ? 
_refine.B_iso_min                                ? 
_refine.B_iso_max                                ? 
_refine.overall_SU_R_free                        ? 
_refine.ls_wR_factor_R_free                      ? 
_refine.ls_wR_factor_R_work                      ? 
_refine.overall_FOM_free_R_set                   ? 
_refine.overall_FOM_work_R_set                   ? 
_refine.pdbx_diffrn_id                           1 
_refine.pdbx_refine_id                           'X-RAY DIFFRACTION' 
_refine.pdbx_overall_ESU_R                       ? 
_refine.pdbx_TLS_residual_ADP_flag               ? 
_refine.pdbx_overall_SU_R_free_Cruickshank_DPI   ? 
_refine.pdbx_overall_SU_R_Blow_DPI               ? 
_refine.pdbx_overall_SU_R_free_Blow_DPI          ? 
# 
_refine_analyze.entry_id                        3B02 
_refine_analyze.Luzzati_coordinate_error_obs    0.19 
_refine_analyze.Luzzati_sigma_a_obs             0.07 
_refine_analyze.Luzzati_d_res_low_obs           5.00 
_refine_analyze.Luzzati_coordinate_error_free   0.24 
_refine_analyze.Luzzati_sigma_a_free            0.12 
_refine_analyze.Luzzati_d_res_low_free          ? 
_refine_analyze.number_disordered_residues      ? 
_refine_analyze.occupancy_sum_hydrogen          ? 
_refine_analyze.occupancy_sum_non_hydrogen      ? 
_refine_analyze.pdbx_Luzzati_d_res_high_obs     ? 
_refine_analyze.pdbx_refine_id                  'X-RAY DIFFRACTION' 
# 
_refine_hist.pdbx_refine_id                   'X-RAY DIFFRACTION' 
_refine_hist.cycle_id                         LAST 
_refine_hist.pdbx_number_atoms_protein        1559 
_refine_hist.pdbx_number_atoms_nucleic_acid   0 
_refine_hist.pdbx_number_atoms_ligand         0 
_refine_hist.number_atoms_solvent             146 
_refine_hist.number_atoms_total               1705 
_refine_hist.d_res_high                       1.92 
_refine_hist.d_res_low                        46.68 
# 
loop_
_refine_ls_restr.type 
_refine_ls_restr.dev_ideal 
_refine_ls_restr.dev_ideal_target 
_refine_ls_restr.weight 
_refine_ls_restr.number 
_refine_ls_restr.pdbx_restraint_function 
_refine_ls_restr.pdbx_refine_id 
c_bond_d                0.007 ?    ? ? ? 'X-RAY DIFFRACTION' 
c_bond_d_na             ?     ?    ? ? ? 'X-RAY DIFFRACTION' 
c_bond_d_prot           ?     ?    ? ? ? 'X-RAY DIFFRACTION' 
c_angle_d               ?     ?    ? ? ? 'X-RAY DIFFRACTION' 
c_angle_d_na            ?     ?    ? ? ? 'X-RAY DIFFRACTION' 
c_angle_d_prot          ?     ?    ? ? ? 'X-RAY DIFFRACTION' 
c_angle_deg             1.3   ?    ? ? ? 'X-RAY DIFFRACTION' 
c_angle_deg_na          ?     ?    ? ? ? 'X-RAY DIFFRACTION' 
c_angle_deg_prot        ?     ?    ? ? ? 'X-RAY DIFFRACTION' 
c_dihedral_angle_d      22.5  ?    ? ? ? 'X-RAY DIFFRACTION' 
c_dihedral_angle_d_na   ?     ?    ? ? ? 'X-RAY DIFFRACTION' 
c_dihedral_angle_d_prot ?     ?    ? ? ? 'X-RAY DIFFRACTION' 
c_improper_angle_d      0.76  ?    ? ? ? 'X-RAY DIFFRACTION' 
c_improper_angle_d_na   ?     ?    ? ? ? 'X-RAY DIFFRACTION' 
c_improper_angle_d_prot ?     ?    ? ? ? 'X-RAY DIFFRACTION' 
c_mcbond_it             5.02  1.50 ? ? ? 'X-RAY DIFFRACTION' 
c_mcangle_it            5.39  2.00 ? ? ? 'X-RAY DIFFRACTION' 
c_scbond_it             9.16  2.00 ? ? ? 'X-RAY DIFFRACTION' 
c_scangle_it            11.61 2.50 ? ? ? 'X-RAY DIFFRACTION' 
# 
_refine_ls_shell.pdbx_refine_id                   'X-RAY DIFFRACTION' 
_refine_ls_shell.pdbx_total_number_of_bins_used   6 
_refine_ls_shell.d_res_high                       1.92 
_refine_ls_shell.d_res_low                        2.04 
_refine_ls_shell.number_reflns_R_work             3035 
_refine_ls_shell.R_factor_R_work                  0.194 
_refine_ls_shell.percent_reflns_obs               96.7 
_refine_ls_shell.R_factor_R_free                  0.227 
_refine_ls_shell.R_factor_R_free_error            0.013 
_refine_ls_shell.percent_reflns_R_free            9.6 
_refine_ls_shell.number_reflns_R_free             323 
_refine_ls_shell.number_reflns_all                ? 
_refine_ls_shell.R_factor_all                     ? 
_refine_ls_shell.number_reflns_obs                3358 
_refine_ls_shell.redundancy_reflns_obs            ? 
# 
loop_
_pdbx_xplor_file.pdbx_refine_id 
_pdbx_xplor_file.serial_no 
_pdbx_xplor_file.param_file 
_pdbx_xplor_file.topol_file 
'X-RAY DIFFRACTION' 1 protein_rep.param  protein.top      
'X-RAY DIFFRACTION' 2 dna-rna_rep.param  dna-rna.top      
'X-RAY DIFFRACTION' 3 water_rep.param    water.top        
'X-RAY DIFFRACTION' 4 ion.param          ion.top          
'X-RAY DIFFRACTION' 5 carbohydrate.param carbohydrate.top 
# 
_struct.entry_id                  3B02 
_struct.title                     
'Crystal structure of TTHB099, a transcriptional regulator CRP family from Thermus thermophilus HB8' 
_struct.pdbx_model_details        ? 
_struct.pdbx_CASP_flag            ? 
_struct.pdbx_model_type_details   ? 
# 
_struct_keywords.entry_id        3B02 
_struct_keywords.pdbx_keywords   'TRANSCRIPTION REGULATOR' 
_struct_keywords.text            
;Structural Genomics, RIKEN Structural Genomics/Proteomics Initiative, RSGI, cyclic nucleotide monophosphate-binding domain, Helix-turn-helix DNA-binding motif, Bacterial regulatory proteins, CRP family, DNA, TRANSCRIPTION REGULATOR
;
# 
loop_
_struct_asym.id 
_struct_asym.pdbx_blank_PDB_chainid_flag 
_struct_asym.pdbx_modified 
_struct_asym.entity_id 
_struct_asym.details 
A N N 1 ? 
B N N 2 ? 
# 
_struct_biol.id        1 
_struct_biol.details   ? 
# 
loop_
_struct_conf.conf_type_id 
_struct_conf.id 
_struct_conf.pdbx_PDB_helix_id 
_struct_conf.beg_label_comp_id 
_struct_conf.beg_label_asym_id 
_struct_conf.beg_label_seq_id 
_struct_conf.pdbx_beg_PDB_ins_code 
_struct_conf.end_label_comp_id 
_struct_conf.end_label_asym_id 
_struct_conf.end_label_seq_id 
_struct_conf.pdbx_end_PDB_ins_code 
_struct_conf.beg_auth_comp_id 
_struct_conf.beg_auth_asym_id 
_struct_conf.beg_auth_seq_id 
_struct_conf.end_auth_comp_id 
_struct_conf.end_auth_asym_id 
_struct_conf.end_auth_seq_id 
_struct_conf.pdbx_PDB_helix_class 
_struct_conf.details 
_struct_conf.pdbx_PDB_helix_length 
HELX_P HELX_P1 1 GLY A 52  ? GLU A 57  ? GLY A 52  GLU A 57  5 ? 6  
HELX_P HELX_P2 2 GLU A 77  ? MET A 81  ? GLU A 77  MET A 81  5 ? 5  
HELX_P HELX_P3 3 ASP A 82  ? GLN A 108 ? ASP A 82  GLN A 108 1 ? 27 
HELX_P HELX_P4 4 GLU A 111 ? ALA A 124 ? GLU A 111 ALA A 124 1 ? 14 
HELX_P HELX_P5 5 SER A 141 ? ALA A 148 ? SER A 141 ALA A 148 1 ? 8  
HELX_P HELX_P6 6 ILE A 152 ? GLU A 166 ? ILE A 152 GLU A 166 1 ? 15 
HELX_P HELX_P7 7 ASP A 180 ? GLY A 189 ? ASP A 180 GLY A 189 1 ? 10 
# 
_struct_conf_type.id          HELX_P 
_struct_conf_type.criteria    ? 
_struct_conf_type.reference   ? 
# 
loop_
_struct_sheet.id 
_struct_sheet.type 
_struct_sheet.number_strands 
_struct_sheet.details 
A ? 4 ? 
B ? 4 ? 
C ? 4 ? 
# 
loop_
_struct_sheet_order.sheet_id 
_struct_sheet_order.range_id_1 
_struct_sheet_order.range_id_2 
_struct_sheet_order.offset 
_struct_sheet_order.sense 
A 1 2 ? anti-parallel 
A 2 3 ? anti-parallel 
A 3 4 ? anti-parallel 
B 1 2 ? anti-parallel 
B 2 3 ? anti-parallel 
B 3 4 ? anti-parallel 
C 1 2 ? anti-parallel 
C 2 3 ? anti-parallel 
C 3 4 ? anti-parallel 
# 
loop_
_struct_sheet_range.sheet_id 
_struct_sheet_range.id 
_struct_sheet_range.beg_label_comp_id 
_struct_sheet_range.beg_label_asym_id 
_struct_sheet_range.beg_label_seq_id 
_struct_sheet_range.pdbx_beg_PDB_ins_code 
_struct_sheet_range.end_label_comp_id 
_struct_sheet_range.end_label_asym_id 
_struct_sheet_range.end_label_seq_id 
_struct_sheet_range.pdbx_end_PDB_ins_code 
_struct_sheet_range.beg_auth_comp_id 
_struct_sheet_range.beg_auth_asym_id 
_struct_sheet_range.beg_auth_seq_id 
_struct_sheet_range.end_auth_comp_id 
_struct_sheet_range.end_auth_asym_id 
_struct_sheet_range.end_auth_seq_id 
A 1 LYS A 2   ? PHE A 4   ? LYS A 2   PHE A 4   
A 2 ALA A 71  ? LEU A 76  ? ALA A 71  LEU A 76  
A 3 LEU A 20  ? GLU A 25  ? LEU A 20  GLU A 25  
A 4 TYR A 50  ? PHE A 51  ? TYR A 50  PHE A 51  
B 1 THR A 9   ? TYR A 11  ? THR A 9   TYR A 11  
B 2 THR A 64  ? ALA A 67  ? THR A 64  ALA A 67  
B 3 VAL A 28  ? LEU A 33  ? VAL A 28  LEU A 33  
B 4 LEU A 39  ? VAL A 45  ? LEU A 39  VAL A 45  
C 1 SER A 129 ? ASP A 132 ? SER A 129 ASP A 132 
C 2 GLY A 135 ? THR A 139 ? GLY A 135 THR A 139 
C 3 ARG A 175 ? LEU A 178 ? ARG A 175 LEU A 178 
C 4 ILE A 169 ? ALA A 172 ? ILE A 169 ALA A 172 
# 
loop_
_pdbx_struct_sheet_hbond.sheet_id 
_pdbx_struct_sheet_hbond.range_id_1 
_pdbx_struct_sheet_hbond.range_id_2 
_pdbx_struct_sheet_hbond.range_1_label_atom_id 
_pdbx_struct_sheet_hbond.range_1_label_comp_id 
_pdbx_struct_sheet_hbond.range_1_label_asym_id 
_pdbx_struct_sheet_hbond.range_1_label_seq_id 
_pdbx_struct_sheet_hbond.range_1_PDB_ins_code 
_pdbx_struct_sheet_hbond.range_1_auth_atom_id 
_pdbx_struct_sheet_hbond.range_1_auth_comp_id 
_pdbx_struct_sheet_hbond.range_1_auth_asym_id 
_pdbx_struct_sheet_hbond.range_1_auth_seq_id 
_pdbx_struct_sheet_hbond.range_2_label_atom_id 
_pdbx_struct_sheet_hbond.range_2_label_comp_id 
_pdbx_struct_sheet_hbond.range_2_label_asym_id 
_pdbx_struct_sheet_hbond.range_2_label_seq_id 
_pdbx_struct_sheet_hbond.range_2_PDB_ins_code 
_pdbx_struct_sheet_hbond.range_2_auth_atom_id 
_pdbx_struct_sheet_hbond.range_2_auth_comp_id 
_pdbx_struct_sheet_hbond.range_2_auth_asym_id 
_pdbx_struct_sheet_hbond.range_2_auth_seq_id 
A 1 2 N PHE A 4   ? N PHE A 4   O ALA A 71  ? O ALA A 71  
A 2 3 O VAL A 72  ? O VAL A 72  N GLU A 24  ? N GLU A 24  
A 3 4 N TYR A 21  ? N TYR A 21  O PHE A 51  ? O PHE A 51  
B 1 2 N ILE A 10  ? N ILE A 10  O ALA A 65  ? O ALA A 65  
B 2 3 O THR A 64  ? O THR A 64  N VAL A 31  ? N VAL A 31  
B 3 4 N VAL A 28  ? N VAL A 28  O VAL A 45  ? O VAL A 45  
C 1 2 N ALA A 130 ? N ALA A 130 O TYR A 137 ? O TYR A 137 
C 2 3 N ILE A 136 ? N ILE A 136 O LEU A 178 ? O LEU A 178 
C 3 4 O TYR A 177 ? O TYR A 177 N ALA A 170 ? N ALA A 170 
# 
_atom_sites.entry_id                    3B02 
_atom_sites.fract_transf_matrix[1][1]   0.00212950 
_atom_sites.fract_transf_matrix[1][2]   0.00508906 
_atom_sites.fract_transf_matrix[1][3]   -0.00393113 
_atom_sites.fract_transf_matrix[2][1]   0.00609390 
_atom_sites.fract_transf_matrix[2][2]   -0.00291938 
_atom_sites.fract_transf_matrix[2][3]   -0.00047822 
_atom_sites.fract_transf_matrix[3][1]   -0.00205346 
_atom_sites.fract_transf_matrix[3][2]   -0.00338611 
_atom_sites.fract_transf_matrix[3][3]   -0.00549587 
_atom_sites.fract_transf_vector[1]      0.541129 
_atom_sites.fract_transf_vector[2]      0.389583 
_atom_sites.fract_transf_vector[3]      0.626515 
# 
loop_
_atom_type.symbol 
C 
N 
O 
S 
# 
loop_
_atom_site.group_PDB 
_atom_site.id 
_atom_site.type_symbol 
_atom_site.label_atom_id 
_atom_site.label_alt_id 
_atom_site.label_comp_id 
_atom_site.label_asym_id 
_atom_site.label_entity_id 
_atom_site.label_seq_id 
_atom_site.pdbx_PDB_ins_code 
_atom_site.Cartn_x 
_atom_site.Cartn_y 
_atom_site.Cartn_z 
_atom_site.occupancy 
_atom_site.B_iso_or_equiv 
_atom_site.pdbx_formal_charge 
_atom_site.auth_seq_id 
_atom_site.auth_comp_id 
_atom_site.auth_asym_id 
_atom_site.auth_atom_id 
_atom_site.pdbx_PDB_model_num 
ATOM   1    N N   . MET A 1 1   ? -17.742 6.219   11.879  1.00 18.77  ? 1   MET A N   1 
ATOM   2    C CA  . MET A 1 1   ? -16.719 5.135   11.811  1.00 27.20  ? 1   MET A CA  1 
ATOM   3    C C   . MET A 1 1   ? -17.333 3.900   11.156  1.00 29.24  ? 1   MET A C   1 
ATOM   4    O O   . MET A 1 1   ? -18.489 3.566   11.413  1.00 24.81  ? 1   MET A O   1 
ATOM   5    C CB  . MET A 1 1   ? -16.261 4.764   13.223  1.00 27.08  ? 1   MET A CB  1 
ATOM   6    C CG  . MET A 1 1   ? -14.853 4.230   13.312  1.00 45.42  ? 1   MET A CG  1 
ATOM   7    S SD  . MET A 1 1   ? -13.634 5.567   13.225  1.00 55.19  ? 1   MET A SD  1 
ATOM   8    C CE  . MET A 1 1   ? -13.557 6.070   14.942  1.00 65.87  ? 1   MET A CE  1 
ATOM   9    N N   . LYS A 1 2   ? -16.569 3.227   10.305  1.00 14.87  ? 2   LYS A N   1 
ATOM   10   C CA  . LYS A 1 2   ? -17.055 2.007   9.667   1.00 19.03  ? 2   LYS A CA  1 
ATOM   11   C C   . LYS A 1 2   ? -15.906 1.042   9.449   1.00 20.93  ? 2   LYS A C   1 
ATOM   12   O O   . LYS A 1 2   ? -14.812 1.457   9.065   1.00 17.92  ? 2   LYS A O   1 
ATOM   13   C CB  . LYS A 1 2   ? -17.705 2.305   8.316   1.00 15.71  ? 2   LYS A CB  1 
ATOM   14   C CG  . LYS A 1 2   ? -18.486 1.113   7.782   1.00 21.45  ? 2   LYS A CG  1 
ATOM   15   C CD  . LYS A 1 2   ? -19.139 1.369   6.440   1.00 37.86  ? 2   LYS A CD  1 
ATOM   16   C CE  . LYS A 1 2   ? -19.925 0.139   6.006   1.00 44.19  ? 2   LYS A CE  1 
ATOM   17   N NZ  . LYS A 1 2   ? -20.291 0.175   4.565   1.00 49.00  ? 2   LYS A NZ  1 
ATOM   18   N N   . ARG A 1 3   ? -16.156 -0.244  9.683   1.00 17.23  ? 3   ARG A N   1 
ATOM   19   C CA  . ARG A 1 3   ? -15.133 -1.270  9.500   1.00 18.50  ? 3   ARG A CA  1 
ATOM   20   C C   . ARG A 1 3   ? -15.318 -1.998  8.168   1.00 22.25  ? 3   ARG A C   1 
ATOM   21   O O   . ARG A 1 3   ? -16.446 -2.262  7.735   1.00 16.66  ? 3   ARG A O   1 
ATOM   22   C CB  . ARG A 1 3   ? -15.166 -2.273  10.668  1.00 21.99  ? 3   ARG A CB  1 
ATOM   23   C CG  . ARG A 1 3   ? -14.080 -3.352  10.607  1.00 29.78  ? 3   ARG A CG  1 
ATOM   24   C CD  . ARG A 1 3   ? -14.172 -4.285  11.814  1.00 44.93  ? 3   ARG A CD  1 
ATOM   25   N NE  . ARG A 1 3   ? -13.915 -3.578  13.069  1.00 34.71  ? 3   ARG A NE  1 
ATOM   26   C CZ  . ARG A 1 3   ? -12.713 -3.419  13.617  1.00 30.54  ? 3   ARG A CZ  1 
ATOM   27   N NH1 . ARG A 1 3   ? -11.630 -3.925  13.036  1.00 34.75  ? 3   ARG A NH1 1 
ATOM   28   N NH2 . ARG A 1 3   ? -12.588 -2.727  14.741  1.00 28.35  ? 3   ARG A NH2 1 
ATOM   29   N N   . PHE A 1 4   ? -14.198 -2.314  7.525   1.00 16.78  ? 4   PHE A N   1 
ATOM   30   C CA  . PHE A 1 4   ? -14.185 -2.995  6.237   1.00 21.60  ? 4   PHE A CA  1 
ATOM   31   C C   . PHE A 1 4   ? -13.297 -4.220  6.332   1.00 18.27  ? 4   PHE A C   1 
ATOM   32   O O   . PHE A 1 4   ? -12.278 -4.205  7.025   1.00 22.54  ? 4   PHE A O   1 
ATOM   33   C CB  . PHE A 1 4   ? -13.629 -2.070  5.145   1.00 20.19  ? 4   PHE A CB  1 
ATOM   34   C CG  . PHE A 1 4   ? -14.521 -0.904  4.818   1.00 22.06  ? 4   PHE A CG  1 
ATOM   35   C CD1 . PHE A 1 4   ? -15.409 -0.969  3.744   1.00 24.59  ? 4   PHE A CD1 1 
ATOM   36   C CD2 . PHE A 1 4   ? -14.491 0.247   5.596   1.00 12.97  ? 4   PHE A CD2 1 
ATOM   37   C CE1 . PHE A 1 4   ? -16.257 0.102   3.452   1.00 26.93  ? 4   PHE A CE1 1 
ATOM   38   C CE2 . PHE A 1 4   ? -15.335 1.326   5.317   1.00 18.45  ? 4   PHE A CE2 1 
ATOM   39   C CZ  . PHE A 1 4   ? -16.220 1.251   4.240   1.00 22.25  ? 4   PHE A CZ  1 
ATOM   40   N N   . ALA A 1 5   ? -13.679 -5.282  5.633   1.00 20.74  ? 5   ALA A N   1 
ATOM   41   C CA  . ALA A 1 5   ? -12.883 -6.503  5.629   1.00 20.74  ? 5   ALA A CA  1 
ATOM   42   C C   . ALA A 1 5   ? -11.889 -6.447  4.474   1.00 19.71  ? 5   ALA A C   1 
ATOM   43   O O   . ALA A 1 5   ? -12.070 -5.674  3.528   1.00 20.06  ? 5   ALA A O   1 
ATOM   44   C CB  . ALA A 1 5   ? -13.795 -7.729  5.477   1.00 26.02  ? 5   ALA A CB  1 
ATOM   45   N N   . ARG A 1 6   ? -10.839 -7.260  4.553   1.00 21.96  ? 6   ARG A N   1 
ATOM   46   C CA  . ARG A 1 6   ? -9.833  -7.308  3.496   1.00 17.29  ? 6   ARG A CA  1 
ATOM   47   C C   . ARG A 1 6   ? -10.518 -7.561  2.158   1.00 25.43  ? 6   ARG A C   1 
ATOM   48   O O   . ARG A 1 6   ? -11.407 -8.414  2.050   1.00 21.27  ? 6   ARG A O   1 
ATOM   49   C CB  . ARG A 1 6   ? -8.813  -8.417  3.780   1.00 20.79  ? 6   ARG A CB  1 
ATOM   50   C CG  . ARG A 1 6   ? -7.833  -8.667  2.640   1.00 26.24  ? 6   ARG A CG  1 
ATOM   51   C CD  . ARG A 1 6   ? -6.856  -9.793  2.964   1.00 38.55  ? 6   ARG A CD  1 
ATOM   52   N NE  . ARG A 1 6   ? -6.217  -10.334 1.762   1.00 46.10  ? 6   ARG A NE  1 
ATOM   53   C CZ  . ARG A 1 6   ? -5.360  -9.673  0.984   1.00 58.58  ? 6   ARG A CZ  1 
ATOM   54   N NH1 . ARG A 1 6   ? -4.845  -10.270 -0.086  1.00 45.25  ? 6   ARG A NH1 1 
ATOM   55   N NH2 . ARG A 1 6   ? -5.005  -8.423  1.267   1.00 24.79  ? 6   ARG A NH2 1 
ATOM   56   N N   . LYS A 1 7   ? -10.098 -6.803  1.150   1.00 16.96  ? 7   LYS A N   1 
ATOM   57   C CA  . LYS A 1 7   ? -10.623 -6.879  -0.211  1.00 17.14  ? 7   LYS A CA  1 
ATOM   58   C C   . LYS A 1 7   ? -11.924 -6.126  -0.458  1.00 17.49  ? 7   LYS A C   1 
ATOM   59   O O   . LYS A 1 7   ? -12.379 -6.033  -1.597  1.00 22.85  ? 7   LYS A O   1 
ATOM   60   C CB  . LYS A 1 7   ? -10.779 -8.339  -0.660  1.00 28.30  ? 7   LYS A CB  1 
ATOM   61   C CG  . LYS A 1 7   ? -9.458  -9.066  -0.876  1.00 37.30  ? 7   LYS A CG  1 
ATOM   62   C CD  . LYS A 1 7   ? -8.613  -8.379  -1.937  1.00 50.81  ? 7   LYS A CD  1 
ATOM   63   C CE  . LYS A 1 7   ? -7.295  -9.112  -2.149  1.00 66.77  ? 7   LYS A CE  1 
ATOM   64   N NZ  . LYS A 1 7   ? -6.403  -8.406  -3.115  1.00 63.12  ? 7   LYS A NZ  1 
ATOM   65   N N   . GLU A 1 8   ? -12.551 -5.604  0.590   1.00 15.94  ? 8   GLU A N   1 
ATOM   66   C CA  . GLU A 1 8   ? -13.767 -4.837  0.369   1.00 13.77  ? 8   GLU A CA  1 
ATOM   67   C C   . GLU A 1 8   ? -13.303 -3.455  -0.067  1.00 18.86  ? 8   GLU A C   1 
ATOM   68   O O   . GLU A 1 8   ? -12.212 -3.023  0.302   1.00 14.07  ? 8   GLU A O   1 
ATOM   69   C CB  . GLU A 1 8   ? -14.585 -4.727  1.649   1.00 17.59  ? 8   GLU A CB  1 
ATOM   70   C CG  . GLU A 1 8   ? -14.994 -6.088  2.207   1.00 26.24  ? 8   GLU A CG  1 
ATOM   71   C CD  . GLU A 1 8   ? -16.079 -5.979  3.257   1.00 33.91  ? 8   GLU A CD  1 
ATOM   72   O OE1 . GLU A 1 8   ? -16.008 -5.056  4.101   1.00 24.19  ? 8   GLU A OE1 1 
ATOM   73   O OE2 . GLU A 1 8   ? -17.001 -6.821  3.235   1.00 34.16  ? 8   GLU A OE2 1 
ATOM   74   N N   . THR A 1 9   ? -14.117 -2.765  -0.854  1.00 14.59  ? 9   THR A N   1 
ATOM   75   C CA  . THR A 1 9   ? -13.747 -1.430  -1.311  1.00 13.44  ? 9   THR A CA  1 
ATOM   76   C C   . THR A 1 9   ? -14.429 -0.371  -0.465  1.00 21.72  ? 9   THR A C   1 
ATOM   77   O O   . THR A 1 9   ? -15.560 -0.559  -0.002  1.00 16.98  ? 9   THR A O   1 
ATOM   78   C CB  . THR A 1 9   ? -14.132 -1.206  -2.793  1.00 21.51  ? 9   THR A CB  1 
ATOM   79   O OG1 . THR A 1 9   ? -15.521 -1.500  -2.971  1.00 23.40  ? 9   THR A OG1 1 
ATOM   80   C CG2 . THR A 1 9   ? -13.307 -2.106  -3.708  1.00 19.33  ? 9   THR A CG2 1 
ATOM   81   N N   . ILE A 1 10  ? -13.732 0.737   -0.242  1.00 12.13  ? 10  ILE A N   1 
ATOM   82   C CA  . ILE A 1 10  ? -14.301 1.838   0.525   1.00 15.51  ? 10  ILE A CA  1 
ATOM   83   C C   . ILE A 1 10  ? -15.084 2.741   -0.438  1.00 20.75  ? 10  ILE A C   1 
ATOM   84   O O   . ILE A 1 10  ? -16.109 3.311   -0.078  1.00 15.81  ? 10  ILE A O   1 
ATOM   85   C CB  . ILE A 1 10  ? -13.196 2.648   1.262   1.00 17.05  ? 10  ILE A CB  1 
ATOM   86   C CG1 . ILE A 1 10  ? -12.566 1.797   2.377   1.00 23.28  ? 10  ILE A CG1 1 
ATOM   87   C CG2 . ILE A 1 10  ? -13.794 3.886   1.912   1.00 17.14  ? 10  ILE A CG2 1 
ATOM   88   C CD1 . ILE A 1 10  ? -11.592 0.767   1.892   1.00 26.93  ? 10  ILE A CD1 1 
ATOM   89   N N   . TYR A 1 11  ? -14.585 2.874   -1.663  1.00 15.64  ? 11  TYR A N   1 
ATOM   90   C CA  . TYR A 1 11  ? -15.264 3.661   -2.694  1.00 18.45  ? 11  TYR A CA  1 
ATOM   91   C C   . TYR A 1 11  ? -14.735 3.201   -4.041  1.00 17.38  ? 11  TYR A C   1 
ATOM   92   O O   . TYR A 1 11  ? -13.661 2.604   -4.118  1.00 11.69  ? 11  TYR A O   1 
ATOM   93   C CB  . TYR A 1 11  ? -15.074 5.188   -2.509  1.00 13.34  ? 11  TYR A CB  1 
ATOM   94   C CG  . TYR A 1 11  ? -13.645 5.702   -2.467  1.00 14.06  ? 11  TYR A CG  1 
ATOM   95   C CD1 . TYR A 1 11  ? -12.882 5.820   -3.631  1.00 15.04  ? 11  TYR A CD1 1 
ATOM   96   C CD2 . TYR A 1 11  ? -13.063 6.081   -1.254  1.00 17.13  ? 11  TYR A CD2 1 
ATOM   97   C CE1 . TYR A 1 11  ? -11.571 6.310   -3.587  1.00 13.34  ? 11  TYR A CE1 1 
ATOM   98   C CE2 . TYR A 1 11  ? -11.751 6.565   -1.196  1.00 11.46  ? 11  TYR A CE2 1 
ATOM   99   C CZ  . TYR A 1 11  ? -11.017 6.679   -2.358  1.00 16.92  ? 11  TYR A CZ  1 
ATOM   100  O OH  . TYR A 1 11  ? -9.733  7.170   -2.286  1.00 13.89  ? 11  TYR A OH  1 
ATOM   101  N N   . LEU A 1 12  ? -15.498 3.476   -5.093  1.00 15.35  ? 12  LEU A N   1 
ATOM   102  C CA  . LEU A 1 12  ? -15.137 3.053   -6.440  1.00 17.42  ? 12  LEU A CA  1 
ATOM   103  C C   . LEU A 1 12  ? -14.966 4.217   -7.403  1.00 16.00  ? 12  LEU A C   1 
ATOM   104  O O   . LEU A 1 12  ? -15.625 5.238   -7.281  1.00 13.26  ? 12  LEU A O   1 
ATOM   105  C CB  . LEU A 1 12  ? -16.229 2.134   -7.008  1.00 18.71  ? 12  LEU A CB  1 
ATOM   106  C CG  . LEU A 1 12  ? -16.528 0.798   -6.315  1.00 23.81  ? 12  LEU A CG  1 
ATOM   107  C CD1 . LEU A 1 12  ? -17.724 0.135   -6.996  1.00 24.04  ? 12  LEU A CD1 1 
ATOM   108  C CD2 . LEU A 1 12  ? -15.312 -0.109  -6.397  1.00 18.13  ? 12  LEU A CD2 1 
ATOM   109  N N   . ARG A 1 13  ? -14.091 4.032   -8.379  1.00 17.06  ? 13  ARG A N   1 
ATOM   110  C CA  . ARG A 1 13  ? -13.854 5.046   -9.391  1.00 13.38  ? 13  ARG A CA  1 
ATOM   111  C C   . ARG A 1 13  ? -15.187 5.412   -10.062 1.00 14.86  ? 13  ARG A C   1 
ATOM   112  O O   . ARG A 1 13  ? -15.982 4.533   -10.374 1.00 13.71  ? 13  ARG A O   1 
ATOM   113  C CB  . ARG A 1 13  ? -12.909 4.486   -10.452 1.00 14.65  ? 13  ARG A CB  1 
ATOM   114  C CG  . ARG A 1 13  ? -12.803 5.362   -11.691 1.00 12.50  ? 13  ARG A CG  1 
ATOM   115  C CD  . ARG A 1 13  ? -11.823 4.762   -12.703 1.00 14.60  ? 13  ARG A CD  1 
ATOM   116  N NE  . ARG A 1 13  ? -11.498 5.744   -13.729 1.00 17.38  ? 13  ARG A NE  1 
ATOM   117  C CZ  . ARG A 1 13  ? -10.651 5.536   -14.730 1.00 19.95  ? 13  ARG A CZ  1 
ATOM   118  N NH1 . ARG A 1 13  ? -10.040 4.370   -14.852 1.00 20.28  ? 13  ARG A NH1 1 
ATOM   119  N NH2 . ARG A 1 13  ? -10.400 6.512   -15.595 1.00 24.04  ? 13  ARG A NH2 1 
ATOM   120  N N   . GLY A 1 14  ? -15.420 6.701   -10.268 1.00 14.37  ? 14  GLY A N   1 
ATOM   121  C CA  . GLY A 1 14  ? -16.628 7.141   -10.944 1.00 14.93  ? 14  GLY A CA  1 
ATOM   122  C C   . GLY A 1 14  ? -17.865 7.359   -10.094 1.00 22.63  ? 14  GLY A C   1 
ATOM   123  O O   . GLY A 1 14  ? -18.887 7.804   -10.617 1.00 18.82  ? 14  GLY A O   1 
ATOM   124  N N   . GLU A 1 15  ? -17.789 7.044   -8.803  1.00 14.55  ? 15  GLU A N   1 
ATOM   125  C CA  . GLU A 1 15  ? -18.931 7.230   -7.908  1.00 20.96  ? 15  GLU A CA  1 
ATOM   126  C C   . GLU A 1 15  ? -18.835 8.560   -7.166  1.00 19.53  ? 15  GLU A C   1 
ATOM   127  O O   . GLU A 1 15  ? -17.744 9.094   -6.963  1.00 15.81  ? 15  GLU A O   1 
ATOM   128  C CB  . GLU A 1 15  ? -19.039 6.056   -6.920  1.00 18.85  ? 15  GLU A CB  1 
ATOM   129  C CG  . GLU A 1 15  ? -19.169 4.703   -7.623  1.00 23.46  ? 15  GLU A CG  1 
ATOM   130  C CD  . GLU A 1 15  ? -19.777 3.613   -6.742  1.00 37.89  ? 15  GLU A CD  1 
ATOM   131  O OE1 . GLU A 1 15  ? -19.472 3.572   -5.532  1.00 23.30  ? 15  GLU A OE1 1 
ATOM   132  O OE2 . GLU A 1 15  ? -20.550 2.782   -7.270  1.00 30.36  ? 15  GLU A OE2 1 
ATOM   133  N N   . GLU A 1 16  ? -19.985 9.098   -6.770  1.00 16.25  ? 16  GLU A N   1 
ATOM   134  C CA  . GLU A 1 16  ? -20.035 10.387  -6.088  1.00 15.60  ? 16  GLU A CA  1 
ATOM   135  C C   . GLU A 1 16  ? -19.051 10.551  -4.928  1.00 13.30  ? 16  GLU A C   1 
ATOM   136  O O   . GLU A 1 16  ? -19.031 9.737   -4.017  1.00 17.10  ? 16  GLU A O   1 
ATOM   137  C CB  . GLU A 1 16  ? -21.448 10.666  -5.582  1.00 19.16  ? 16  GLU A CB  1 
ATOM   138  C CG  . GLU A 1 16  ? -21.569 12.060  -5.010  1.00 22.16  ? 16  GLU A CG  1 
ATOM   139  C CD  . GLU A 1 16  ? -22.990 12.439  -4.658  1.00 40.24  ? 16  GLU A CD  1 
ATOM   140  O OE1 . GLU A 1 16  ? -23.160 13.461  -3.968  1.00 39.81  ? 16  GLU A OE1 1 
ATOM   141  O OE2 . GLU A 1 16  ? -23.931 11.730  -5.072  1.00 24.82  ? 16  GLU A OE2 1 
ATOM   142  N N   . ALA A 1 17  ? -18.255 11.623  -4.972  1.00 17.35  ? 17  ALA A N   1 
ATOM   143  C CA  . ALA A 1 17  ? -17.256 11.901  -3.930  1.00 19.59  ? 17  ALA A CA  1 
ATOM   144  C C   . ALA A 1 17  ? -17.820 12.852  -2.882  1.00 18.54  ? 17  ALA A C   1 
ATOM   145  O O   . ALA A 1 17  ? -17.389 13.992  -2.753  1.00 17.84  ? 17  ALA A O   1 
ATOM   146  C CB  . ALA A 1 17  ? -16.016 12.505  -4.555  1.00 16.60  ? 17  ALA A CB  1 
ATOM   147  N N   . ARG A 1 18  ? -18.790 12.377  -2.120  1.00 17.97  ? 18  ARG A N   1 
ATOM   148  C CA  . ARG A 1 18  ? -19.406 13.224  -1.118  1.00 24.17  ? 18  ARG A CA  1 
ATOM   149  C C   . ARG A 1 18  ? -18.649 13.144  0.199   1.00 17.54  ? 18  ARG A C   1 
ATOM   150  O O   . ARG A 1 18  ? -18.712 14.053  1.020   1.00 21.10  ? 18  ARG A O   1 
ATOM   151  C CB  . ARG A 1 18  ? -20.852 12.765  -0.908  1.00 29.99  ? 18  ARG A CB  1 
ATOM   152  C CG  . ARG A 1 18  ? -21.756 13.732  -0.177  1.00 43.42  ? 18  ARG A CG  1 
ATOM   153  C CD  . ARG A 1 18  ? -23.149 13.130  -0.082  1.00 35.66  ? 18  ARG A CD  1 
ATOM   154  N NE  . ARG A 1 18  ? -23.582 12.610  -1.378  1.00 34.08  ? 18  ARG A NE  1 
ATOM   155  C CZ  . ARG A 1 18  ? -24.613 11.785  -1.560  1.00 53.13  ? 18  ARG A CZ  1 
ATOM   156  N NH1 . ARG A 1 18  ? -25.337 11.372  -0.532  1.00 26.58  ? 18  ARG A NH1 1 
ATOM   157  N NH2 . ARG A 1 18  ? -24.914 11.359  -2.778  1.00 52.87  ? 18  ARG A NH2 1 
ATOM   158  N N   . THR A 1 19  ? -17.890 12.070  0.366   1.00 16.70  ? 19  THR A N   1 
ATOM   159  C CA  . THR A 1 19  ? -17.207 11.825  1.630   1.00 16.41  ? 19  THR A CA  1 
ATOM   160  C C   . THR A 1 19  ? -15.690 11.722  1.605   1.00 13.37  ? 19  THR A C   1 
ATOM   161  O O   . THR A 1 19  ? -15.121 11.005  0.776   1.00 11.70  ? 19  THR A O   1 
ATOM   162  C CB  . THR A 1 19  ? -17.747 10.502  2.235   1.00 17.54  ? 19  THR A CB  1 
ATOM   163  O OG1 . THR A 1 19  ? -19.175 10.495  2.150   1.00 17.51  ? 19  THR A OG1 1 
ATOM   164  C CG2 . THR A 1 19  ? -17.320 10.344  3.692   1.00 14.14  ? 19  THR A CG2 1 
ATOM   165  N N   . LEU A 1 20  ? -15.049 12.434  2.529   1.00 11.03  ? 20  LEU A N   1 
ATOM   166  C CA  . LEU A 1 20  ? -13.597 12.381  2.693   1.00 17.86  ? 20  LEU A CA  1 
ATOM   167  C C   . LEU A 1 20  ? -13.403 11.356  3.813   1.00 13.97  ? 20  LEU A C   1 
ATOM   168  O O   . LEU A 1 20  ? -14.205 11.309  4.761   1.00 15.32  ? 20  LEU A O   1 
ATOM   169  C CB  . LEU A 1 20  ? -13.043 13.739  3.145   1.00 9.93   ? 20  LEU A CB  1 
ATOM   170  C CG  . LEU A 1 20  ? -11.548 13.772  3.489   1.00 16.65  ? 20  LEU A CG  1 
ATOM   171  C CD1 . LEU A 1 20  ? -10.724 13.616  2.212   1.00 17.23  ? 20  LEU A CD1 1 
ATOM   172  C CD2 . LEU A 1 20  ? -11.209 15.095  4.174   1.00 17.62  ? 20  LEU A CD2 1 
ATOM   173  N N   . TYR A 1 21  ? -12.352 10.542  3.729   1.00 12.05  ? 21  TYR A N   1 
ATOM   174  C CA  . TYR A 1 21  ? -12.129 9.521   4.751   1.00 9.30   ? 21  TYR A CA  1 
ATOM   175  C C   . TYR A 1 21  ? -10.765 9.642   5.407   1.00 13.03  ? 21  TYR A C   1 
ATOM   176  O O   . TYR A 1 21  ? -9.831  10.168  4.814   1.00 13.91  ? 21  TYR A O   1 
ATOM   177  C CB  . TYR A 1 21  ? -12.204 8.119   4.131   1.00 12.88  ? 21  TYR A CB  1 
ATOM   178  C CG  . TYR A 1 21  ? -13.562 7.739   3.608   1.00 12.98  ? 21  TYR A CG  1 
ATOM   179  C CD1 . TYR A 1 21  ? -14.544 7.258   4.471   1.00 15.18  ? 21  TYR A CD1 1 
ATOM   180  C CD2 . TYR A 1 21  ? -13.874 7.878   2.251   1.00 14.13  ? 21  TYR A CD2 1 
ATOM   181  C CE1 . TYR A 1 21  ? -15.814 6.919   3.997   1.00 19.52  ? 21  TYR A CE1 1 
ATOM   182  C CE2 . TYR A 1 21  ? -15.153 7.544   1.766   1.00 15.22  ? 21  TYR A CE2 1 
ATOM   183  C CZ  . TYR A 1 21  ? -16.113 7.064   2.653   1.00 16.60  ? 21  TYR A CZ  1 
ATOM   184  O OH  . TYR A 1 21  ? -17.379 6.716   2.202   1.00 19.53  ? 21  TYR A OH  1 
ATOM   185  N N   . ARG A 1 22  ? -10.670 9.158   6.637   1.00 13.91  ? 22  ARG A N   1 
ATOM   186  C CA  . ARG A 1 22  ? -9.395  9.113   7.334   1.00 14.16  ? 22  ARG A CA  1 
ATOM   187  C C   . ARG A 1 22  ? -9.273  7.673   7.814   1.00 12.13  ? 22  ARG A C   1 
ATOM   188  O O   . ARG A 1 22  ? -10.184 7.147   8.468   1.00 16.74  ? 22  ARG A O   1 
ATOM   189  C CB  . ARG A 1 22  ? -9.331  10.065  8.535   1.00 15.33  ? 22  ARG A CB  1 
ATOM   190  C CG  . ARG A 1 22  ? -7.899  10.123  9.128   1.00 19.28  ? 22  ARG A CG  1 
ATOM   191  C CD  . ARG A 1 22  ? -7.788  11.078  10.319  1.00 19.42  ? 22  ARG A CD  1 
ATOM   192  N NE  . ARG A 1 22  ? -8.719  10.697  11.378  1.00 30.75  ? 22  ARG A NE  1 
ATOM   193  C CZ  . ARG A 1 22  ? -9.505  11.551  12.028  1.00 61.63  ? 22  ARG A CZ  1 
ATOM   194  N NH1 . ARG A 1 22  ? -9.474  12.844  11.732  1.00 54.33  ? 22  ARG A NH1 1 
ATOM   195  N NH2 . ARG A 1 22  ? -10.337 11.108  12.962  1.00 62.45  ? 22  ARG A NH2 1 
ATOM   196  N N   . LEU A 1 23  ? -8.162  7.027   7.481   1.00 12.67  ? 23  LEU A N   1 
ATOM   197  C CA  . LEU A 1 23  ? -7.947  5.646   7.892   1.00 11.45  ? 23  LEU A CA  1 
ATOM   198  C C   . LEU A 1 23  ? -7.525  5.630   9.358   1.00 18.68  ? 23  LEU A C   1 
ATOM   199  O O   . LEU A 1 23  ? -6.544  6.275   9.735   1.00 15.41  ? 23  LEU A O   1 
ATOM   200  C CB  . LEU A 1 23  ? -6.858  4.990   7.029   1.00 12.57  ? 23  LEU A CB  1 
ATOM   201  C CG  . LEU A 1 23  ? -6.595  3.491   7.274   1.00 12.45  ? 23  LEU A CG  1 
ATOM   202  C CD1 . LEU A 1 23  ? -7.896  2.721   7.061   1.00 13.73  ? 23  LEU A CD1 1 
ATOM   203  C CD2 . LEU A 1 23  ? -5.522  2.965   6.313   1.00 14.14  ? 23  LEU A CD2 1 
ATOM   204  N N   . GLU A 1 24  ? -8.272  4.904   10.184  1.00 14.22  ? 24  GLU A N   1 
ATOM   205  C CA  . GLU A 1 24  ? -7.952  4.815   11.608  1.00 13.73  ? 24  GLU A CA  1 
ATOM   206  C C   . GLU A 1 24  ? -7.080  3.603   11.916  1.00 17.25  ? 24  GLU A C   1 
ATOM   207  O O   . GLU A 1 24  ? -6.134  3.699   12.688  1.00 16.87  ? 24  GLU A O   1 
ATOM   208  C CB  . GLU A 1 24  ? -9.236  4.736   12.439  1.00 19.53  ? 24  GLU A CB  1 
ATOM   209  C CG  . GLU A 1 24  ? -10.150 5.932   12.274  1.00 31.21  ? 24  GLU A CG  1 
ATOM   210  C CD  . GLU A 1 24  ? -9.549  7.200   12.848  1.00 49.07  ? 24  GLU A CD  1 
ATOM   211  O OE1 . GLU A 1 24  ? -9.290  7.232   14.069  1.00 64.22  ? 24  GLU A OE1 1 
ATOM   212  O OE2 . GLU A 1 24  ? -9.332  8.162   12.080  1.00 41.24  ? 24  GLU A OE2 1 
ATOM   213  N N   . GLU A 1 25  ? -7.409  2.462   11.319  1.00 14.78  ? 25  GLU A N   1 
ATOM   214  C CA  . GLU A 1 25  ? -6.654  1.226   11.542  1.00 14.85  ? 25  GLU A CA  1 
ATOM   215  C C   . GLU A 1 25  ? -6.577  0.422   10.259  1.00 18.15  ? 25  GLU A C   1 
ATOM   216  O O   . GLU A 1 25  ? -7.500  0.456   9.447   1.00 16.93  ? 25  GLU A O   1 
ATOM   217  C CB  . GLU A 1 25  ? -7.348  0.356   12.598  1.00 17.07  ? 25  GLU A CB  1 
ATOM   218  C CG  . GLU A 1 25  ? -7.477  0.989   13.966  1.00 33.09  ? 25  GLU A CG  1 
ATOM   219  C CD  . GLU A 1 25  ? -8.403  0.189   14.864  1.00 54.70  ? 25  GLU A CD  1 
ATOM   220  O OE1 . GLU A 1 25  ? -8.287  -1.054  14.869  1.00 37.54  ? 25  GLU A OE1 1 
ATOM   221  O OE2 . GLU A 1 25  ? -9.243  0.799   15.562  1.00 57.56  ? 25  GLU A OE2 1 
ATOM   222  N N   . GLY A 1 26  ? -5.482  -0.311  10.087  1.00 16.47  ? 26  GLY A N   1 
ATOM   223  C CA  . GLY A 1 26  ? -5.323  -1.132  8.899   1.00 14.95  ? 26  GLY A CA  1 
ATOM   224  C C   . GLY A 1 26  ? -4.548  -0.482  7.761   1.00 17.72  ? 26  GLY A C   1 
ATOM   225  O O   . GLY A 1 26  ? -3.877  0.541   7.942   1.00 14.34  ? 26  GLY A O   1 
ATOM   226  N N   . LEU A 1 27  ? -4.647  -1.090  6.584   1.00 13.18  ? 27  LEU A N   1 
ATOM   227  C CA  . LEU A 1 27  ? -3.952  -0.604  5.395   1.00 18.46  ? 27  LEU A CA  1 
ATOM   228  C C   . LEU A 1 27  ? -4.890  -0.651  4.197   1.00 14.53  ? 27  LEU A C   1 
ATOM   229  O O   . LEU A 1 27  ? -5.552  -1.659  3.945   1.00 17.24  ? 27  LEU A O   1 
ATOM   230  C CB  . LEU A 1 27  ? -2.708  -1.464  5.121   1.00 14.71  ? 27  LEU A CB  1 
ATOM   231  C CG  . LEU A 1 27  ? -1.798  -1.108  3.936   1.00 23.03  ? 27  LEU A CG  1 
ATOM   232  C CD1 . LEU A 1 27  ? -1.157  0.242   4.166   1.00 27.39  ? 27  LEU A CD1 1 
ATOM   233  C CD2 . LEU A 1 27  ? -0.712  -2.177  3.787   1.00 27.25  ? 27  LEU A CD2 1 
ATOM   234  N N   . VAL A 1 28  ? -4.949  0.457   3.467   1.00 16.21  ? 28  VAL A N   1 
ATOM   235  C CA  . VAL A 1 28  ? -5.797  0.565   2.279   1.00 13.02  ? 28  VAL A CA  1 
ATOM   236  C C   . VAL A 1 28  ? -4.894  0.887   1.088   1.00 15.79  ? 28  VAL A C   1 
ATOM   237  O O   . VAL A 1 28  ? -3.892  1.576   1.250   1.00 13.77  ? 28  VAL A O   1 
ATOM   238  C CB  . VAL A 1 28  ? -6.839  1.704   2.475   1.00 11.00  ? 28  VAL A CB  1 
ATOM   239  C CG1 . VAL A 1 28  ? -7.505  2.065   1.143   1.00 12.79  ? 28  VAL A CG1 1 
ATOM   240  C CG2 . VAL A 1 28  ? -7.906  1.255   3.484   1.00 10.73  ? 28  VAL A CG2 1 
ATOM   241  N N   . ARG A 1 29  ? -5.213  0.350   -0.091  1.00 10.58  ? 29  ARG A N   1 
ATOM   242  C CA  . ARG A 1 29  ? -4.425  0.645   -1.290  1.00 15.04  ? 29  ARG A CA  1 
ATOM   243  C C   . ARG A 1 29  ? -5.362  1.395   -2.245  1.00 19.53  ? 29  ARG A C   1 
ATOM   244  O O   . ARG A 1 29  ? -6.549  1.082   -2.307  1.00 14.72  ? 29  ARG A O   1 
ATOM   245  C CB  . ARG A 1 29  ? -3.957  -0.662  -1.951  1.00 14.44  ? 29  ARG A CB  1 
ATOM   246  C CG  . ARG A 1 29  ? -5.142  -1.513  -2.418  1.00 20.34  ? 29  ARG A CG  1 
ATOM   247  C CD  . ARG A 1 29  ? -4.869  -3.003  -2.585  1.00 52.51  ? 29  ARG A CD  1 
ATOM   248  N NE  . ARG A 1 29  ? -3.926  -3.266  -3.656  1.00 30.92  ? 29  ARG A NE  1 
ATOM   249  C CZ  . ARG A 1 29  ? -4.023  -4.257  -4.540  1.00 25.10  ? 29  ARG A CZ  1 
ATOM   250  N NH1 . ARG A 1 29  ? -5.032  -5.120  -4.513  1.00 25.00  ? 29  ARG A NH1 1 
ATOM   251  N NH2 . ARG A 1 29  ? -3.090  -4.378  -5.467  1.00 20.94  ? 29  ARG A NH2 1 
ATOM   252  N N   . VAL A 1 30  ? -4.856  2.402   -2.948  1.00 13.61  ? 30  VAL A N   1 
ATOM   253  C CA  . VAL A 1 30  ? -5.682  3.115   -3.931  1.00 12.79  ? 30  VAL A CA  1 
ATOM   254  C C   . VAL A 1 30  ? -5.219  2.486   -5.233  1.00 13.30  ? 30  VAL A C   1 
ATOM   255  O O   . VAL A 1 30  ? -4.017  2.399   -5.489  1.00 11.91  ? 30  VAL A O   1 
ATOM   256  C CB  . VAL A 1 30  ? -5.428  4.641   -3.921  1.00 9.32   ? 30  VAL A CB  1 
ATOM   257  C CG1 . VAL A 1 30  ? -6.172  5.314   -5.089  1.00 6.97   ? 30  VAL A CG1 1 
ATOM   258  C CG2 . VAL A 1 30  ? -5.926  5.218   -2.597  1.00 11.46  ? 30  VAL A CG2 1 
ATOM   259  N N   . VAL A 1 31  ? -6.158  2.036   -6.058  1.00 10.34  ? 31  VAL A N   1 
ATOM   260  C CA  . VAL A 1 31  ? -5.761  1.329   -7.272  1.00 9.66   ? 31  VAL A CA  1 
ATOM   261  C C   . VAL A 1 31  ? -6.451  1.773   -8.551  1.00 19.66  ? 31  VAL A C   1 
ATOM   262  O O   . VAL A 1 31  ? -7.455  2.477   -8.526  1.00 16.58  ? 31  VAL A O   1 
ATOM   263  C CB  . VAL A 1 31  ? -6.041  -0.177  -7.116  1.00 13.16  ? 31  VAL A CB  1 
ATOM   264  C CG1 . VAL A 1 31  ? -5.299  -0.734  -5.881  1.00 15.46  ? 31  VAL A CG1 1 
ATOM   265  C CG2 . VAL A 1 31  ? -7.554  -0.402  -6.970  1.00 18.08  ? 31  VAL A CG2 1 
ATOM   266  N N   . GLU A 1 32  ? -5.894  1.347   -9.676  1.00 15.20  ? 32  GLU A N   1 
ATOM   267  C CA  . GLU A 1 32  ? -6.489  1.656   -10.969 1.00 20.23  ? 32  GLU A CA  1 
ATOM   268  C C   . GLU A 1 32  ? -6.498  0.368   -11.783 1.00 21.19  ? 32  GLU A C   1 
ATOM   269  O O   . GLU A 1 32  ? -5.521  -0.378  -11.769 1.00 18.07  ? 32  GLU A O   1 
ATOM   270  C CB  . GLU A 1 32  ? -5.666  2.718   -11.702 1.00 20.79  ? 32  GLU A CB  1 
ATOM   271  C CG  . GLU A 1 32  ? -6.004  2.843   -13.187 1.00 32.53  ? 32  GLU A CG  1 
ATOM   272  C CD  . GLU A 1 32  ? -6.331  4.253   -13.614 1.00 29.20  ? 32  GLU A CD  1 
ATOM   273  O OE1 . GLU A 1 32  ? -6.992  4.977   -12.851 1.00 28.02  ? 32  GLU A OE1 1 
ATOM   274  O OE2 . GLU A 1 32  ? -5.954  4.635   -14.739 1.00 34.02  ? 32  GLU A OE2 1 
ATOM   275  N N   . LEU A 1 33  ? -7.612  0.083   -12.454 1.00 18.71  ? 33  LEU A N   1 
ATOM   276  C CA  . LEU A 1 33  ? -7.689  -1.093  -13.321 1.00 20.44  ? 33  LEU A CA  1 
ATOM   277  C C   . LEU A 1 33  ? -7.305  -0.564  -14.696 1.00 28.62  ? 33  LEU A C   1 
ATOM   278  O O   . LEU A 1 33  ? -7.973  0.332   -15.221 1.00 19.91  ? 33  LEU A O   1 
ATOM   279  C CB  . LEU A 1 33  ? -9.111  -1.658  -13.356 1.00 35.56  ? 33  LEU A CB  1 
ATOM   280  C CG  . LEU A 1 33  ? -9.345  -2.784  -14.369 1.00 42.01  ? 33  LEU A CG  1 
ATOM   281  C CD1 . LEU A 1 33  ? -8.388  -3.944  -14.099 1.00 44.31  ? 33  LEU A CD1 1 
ATOM   282  C CD2 . LEU A 1 33  ? -10.794 -3.245  -14.285 1.00 44.61  ? 33  LEU A CD2 1 
ATOM   283  N N   . LEU A 1 34  ? -6.221  -1.089  -15.265 1.00 30.25  ? 34  LEU A N   1 
ATOM   284  C CA  . LEU A 1 34  ? -5.746  -0.634  -16.573 1.00 30.15  ? 34  LEU A CA  1 
ATOM   285  C C   . LEU A 1 34  ? -6.494  -1.259  -17.752 1.00 40.92  ? 34  LEU A C   1 
ATOM   286  O O   . LEU A 1 34  ? -7.147  -2.298  -17.618 1.00 31.08  ? 34  LEU A O   1 
ATOM   287  C CB  . LEU A 1 34  ? -4.239  -0.905  -16.719 1.00 23.19  ? 34  LEU A CB  1 
ATOM   288  C CG  . LEU A 1 34  ? -3.312  -0.200  -15.717 1.00 29.19  ? 34  LEU A CG  1 
ATOM   289  C CD1 . LEU A 1 34  ? -1.861  -0.577  -16.006 1.00 25.23  ? 34  LEU A CD1 1 
ATOM   290  C CD2 . LEU A 1 34  ? -3.502  1.310   -15.798 1.00 31.91  ? 34  LEU A CD2 1 
ATOM   291  N N   . PRO A 1 35  ? -6.401  -0.627  -18.933 1.00 50.43  ? 35  PRO A N   1 
ATOM   292  C CA  . PRO A 1 35  ? -7.066  -1.112  -20.148 1.00 48.01  ? 35  PRO A CA  1 
ATOM   293  C C   . PRO A 1 35  ? -6.883  -2.608  -20.412 1.00 55.09  ? 35  PRO A C   1 
ATOM   294  O O   . PRO A 1 35  ? -7.843  -3.307  -20.744 1.00 47.45  ? 35  PRO A O   1 
ATOM   295  C CB  . PRO A 1 35  ? -6.440  -0.251  -21.242 1.00 67.44  ? 35  PRO A CB  1 
ATOM   296  C CG  . PRO A 1 35  ? -6.217  1.055   -20.540 1.00 56.08  ? 35  PRO A CG  1 
ATOM   297  C CD  . PRO A 1 35  ? -5.649  0.612   -19.209 1.00 54.72  ? 35  PRO A CD  1 
ATOM   298  N N   . ASP A 1 36  ? -5.653  -3.092  -20.254 1.00 44.99  ? 36  ASP A N   1 
ATOM   299  C CA  . ASP A 1 36  ? -5.340  -4.500  -20.496 1.00 41.24  ? 36  ASP A CA  1 
ATOM   300  C C   . ASP A 1 36  ? -5.709  -5.468  -19.372 1.00 50.87  ? 36  ASP A C   1 
ATOM   301  O O   . ASP A 1 36  ? -5.290  -6.627  -19.391 1.00 50.09  ? 36  ASP A O   1 
ATOM   302  C CB  . ASP A 1 36  ? -3.852  -4.652  -20.813 1.00 60.17  ? 36  ASP A CB  1 
ATOM   303  C CG  . ASP A 1 36  ? -2.968  -4.028  -19.754 1.00 71.20  ? 36  ASP A CG  1 
ATOM   304  O OD1 . ASP A 1 36  ? -3.183  -4.314  -18.557 1.00 47.38  ? 36  ASP A OD1 1 
ATOM   305  O OD2 . ASP A 1 36  ? -2.055  -3.256  -20.118 1.00 73.57  ? 36  ASP A OD2 1 
ATOM   306  N N   . GLY A 1 37  ? -6.481  -5.003  -18.394 1.00 39.31  ? 37  GLY A N   1 
ATOM   307  C CA  . GLY A 1 37  ? -6.877  -5.875  -17.302 1.00 35.03  ? 37  GLY A CA  1 
ATOM   308  C C   . GLY A 1 37  ? -6.002  -5.815  -16.058 1.00 40.16  ? 37  GLY A C   1 
ATOM   309  O O   . GLY A 1 37  ? -6.390  -6.295  -14.993 1.00 34.33  ? 37  GLY A O   1 
ATOM   310  N N   . ARG A 1 38  ? -4.820  -5.223  -16.186 1.00 36.41  ? 38  ARG A N   1 
ATOM   311  C CA  . ARG A 1 38  ? -3.893  -5.102  -15.063 1.00 34.42  ? 38  ARG A CA  1 
ATOM   312  C C   . ARG A 1 38  ? -4.408  -4.190  -13.955 1.00 39.29  ? 38  ARG A C   1 
ATOM   313  O O   . ARG A 1 38  ? -4.960  -3.125  -14.226 1.00 27.67  ? 38  ARG A O   1 
ATOM   314  C CB  . ARG A 1 38  ? -2.558  -4.518  -15.533 1.00 37.18  ? 38  ARG A CB  1 
ATOM   315  C CG  . ARG A 1 38  ? -1.482  -5.500  -15.935 1.00 57.83  ? 38  ARG A CG  1 
ATOM   316  C CD  . ARG A 1 38  ? -0.212  -4.716  -16.257 1.00 59.76  ? 38  ARG A CD  1 
ATOM   317  N NE  . ARG A 1 38  ? -0.455  -3.748  -17.325 1.00 74.71  ? 38  ARG A NE  1 
ATOM   318  C CZ  . ARG A 1 38  ? 0.226   -2.616  -17.503 1.00 70.17  ? 38  ARG A CZ  1 
ATOM   319  N NH1 . ARG A 1 38  ? 1.214   -2.279  -16.681 1.00 29.75  ? 38  ARG A NH1 1 
ATOM   320  N NH2 . ARG A 1 38  ? -0.087  -1.815  -18.513 1.00 66.86  ? 38  ARG A NH2 1 
ATOM   321  N N   . LEU A 1 39  ? -4.220  -4.605  -12.706 1.00 25.12  ? 39  LEU A N   1 
ATOM   322  C CA  . LEU A 1 39  ? -4.594  -3.764  -11.582 1.00 15.70  ? 39  LEU A CA  1 
ATOM   323  C C   . LEU A 1 39  ? -3.250  -3.144  -11.169 1.00 24.32  ? 39  LEU A C   1 
ATOM   324  O O   . LEU A 1 39  ? -2.236  -3.831  -11.158 1.00 28.75  ? 39  LEU A O   1 
ATOM   325  C CB  . LEU A 1 39  ? -5.160  -4.608  -10.441 1.00 35.84  ? 39  LEU A CB  1 
ATOM   326  C CG  . LEU A 1 39  ? -5.851  -3.828  -9.323  1.00 34.83  ? 39  LEU A CG  1 
ATOM   327  C CD1 . LEU A 1 39  ? -7.025  -3.041  -9.900  1.00 39.28  ? 39  LEU A CD1 1 
ATOM   328  C CD2 . LEU A 1 39  ? -6.341  -4.788  -8.251  1.00 39.75  ? 39  LEU A CD2 1 
ATOM   329  N N   . ILE A 1 40  ? -3.230  -1.854  -10.855 1.00 15.45  ? 40  ILE A N   1 
ATOM   330  C CA  . ILE A 1 40  ? -1.986  -1.200  -10.454 1.00 15.53  ? 40  ILE A CA  1 
ATOM   331  C C   . ILE A 1 40  ? -2.202  -0.472  -9.125  1.00 14.15  ? 40  ILE A C   1 
ATOM   332  O O   . ILE A 1 40  ? -3.184  0.242   -8.966  1.00 19.05  ? 40  ILE A O   1 
ATOM   333  C CB  . ILE A 1 40  ? -1.559  -0.169  -11.520 1.00 22.73  ? 40  ILE A CB  1 
ATOM   334  C CG1 . ILE A 1 40  ? -0.282  0.550   -11.099 1.00 39.49  ? 40  ILE A CG1 1 
ATOM   335  C CG2 . ILE A 1 40  ? -2.668  0.856   -11.723 1.00 31.36  ? 40  ILE A CG2 1 
ATOM   336  C CD1 . ILE A 1 40  ? 0.060   1.710   -12.014 1.00 36.33  ? 40  ILE A CD1 1 
ATOM   337  N N   . THR A 1 41  ? -1.308  -0.677  -8.165  1.00 12.94  ? 41  THR A N   1 
ATOM   338  C CA  . THR A 1 41  ? -1.419  0.024   -6.886  1.00 12.65  ? 41  THR A CA  1 
ATOM   339  C C   . THR A 1 41  ? -0.863  1.441   -7.092  1.00 13.28  ? 41  THR A C   1 
ATOM   340  O O   . THR A 1 41  ? 0.291   1.609   -7.481  1.00 11.81  ? 41  THR A O   1 
ATOM   341  C CB  . THR A 1 41  ? -0.604  -0.685  -5.788  1.00 13.78  ? 41  THR A CB  1 
ATOM   342  O OG1 . THR A 1 41  ? -1.154  -1.989  -5.556  1.00 12.89  ? 41  THR A OG1 1 
ATOM   343  C CG2 . THR A 1 41  ? -0.650  0.119   -4.490  1.00 17.23  ? 41  THR A CG2 1 
ATOM   344  N N   . LEU A 1 42  ? -1.685  2.456   -6.850  1.00 12.48  ? 42  LEU A N   1 
ATOM   345  C CA  . LEU A 1 42  ? -1.241  3.843   -7.024  1.00 12.04  ? 42  LEU A CA  1 
ATOM   346  C C   . LEU A 1 42  ? -0.563  4.410   -5.776  1.00 13.31  ? 42  LEU A C   1 
ATOM   347  O O   . LEU A 1 42  ? 0.386   5.192   -5.878  1.00 13.02  ? 42  LEU A O   1 
ATOM   348  C CB  . LEU A 1 42  ? -2.425  4.724   -7.429  1.00 11.64  ? 42  LEU A CB  1 
ATOM   349  C CG  . LEU A 1 42  ? -3.069  4.259   -8.742  1.00 13.67  ? 42  LEU A CG  1 
ATOM   350  C CD1 . LEU A 1 42  ? -4.356  5.024   -8.953  1.00 16.18  ? 42  LEU A CD1 1 
ATOM   351  C CD2 . LEU A 1 42  ? -2.111  4.454   -9.913  1.00 15.69  ? 42  LEU A CD2 1 
ATOM   352  N N   . ARG A 1 43  ? -1.067  4.036   -4.602  1.00 12.37  ? 43  ARG A N   1 
ATOM   353  C CA  . ARG A 1 43  ? -0.463  4.465   -3.344  1.00 9.57   ? 43  ARG A CA  1 
ATOM   354  C C   . ARG A 1 43  ? -1.010  3.657   -2.173  1.00 14.23  ? 43  ARG A C   1 
ATOM   355  O O   . ARG A 1 43  ? -2.040  2.988   -2.291  1.00 14.50  ? 43  ARG A O   1 
ATOM   356  C CB  . ARG A 1 43  ? -0.658  5.978   -3.094  1.00 10.26  ? 43  ARG A CB  1 
ATOM   357  C CG  . ARG A 1 43  ? -1.970  6.417   -2.440  1.00 14.52  ? 43  ARG A CG  1 
ATOM   358  C CD  . ARG A 1 43  ? -1.949  7.947   -2.234  1.00 14.07  ? 43  ARG A CD  1 
ATOM   359  N NE  . ARG A 1 43  ? -2.926  8.442   -1.262  1.00 13.75  ? 43  ARG A NE  1 
ATOM   360  C CZ  . ARG A 1 43  ? -4.181  8.784   -1.544  1.00 17.94  ? 43  ARG A CZ  1 
ATOM   361  N NH1 . ARG A 1 43  ? -4.653  8.686   -2.788  1.00 13.68  ? 43  ARG A NH1 1 
ATOM   362  N NH2 . ARG A 1 43  ? -4.960  9.254   -0.580  1.00 13.35  ? 43  ARG A NH2 1 
ATOM   363  N N   . HIS A 1 44  ? -0.284  3.690   -1.059  1.00 11.04  ? 44  HIS A N   1 
ATOM   364  C CA  . HIS A 1 44  ? -0.691  2.979   0.149   1.00 15.59  ? 44  HIS A CA  1 
ATOM   365  C C   . HIS A 1 44  ? -1.181  4.000   1.163   1.00 15.94  ? 44  HIS A C   1 
ATOM   366  O O   . HIS A 1 44  ? -0.497  4.996   1.439   1.00 16.90  ? 44  HIS A O   1 
ATOM   367  C CB  . HIS A 1 44  ? 0.482   2.190   0.743   1.00 13.24  ? 44  HIS A CB  1 
ATOM   368  C CG  . HIS A 1 44  ? 0.991   1.111   -0.156  1.00 14.85  ? 44  HIS A CG  1 
ATOM   369  N ND1 . HIS A 1 44  ? 1.788   1.372   -1.251  1.00 13.92  ? 44  HIS A ND1 1 
ATOM   370  C CD2 . HIS A 1 44  ? 0.767   -0.226  -0.162  1.00 15.23  ? 44  HIS A CD2 1 
ATOM   371  C CE1 . HIS A 1 44  ? 2.029   0.243   -1.896  1.00 16.49  ? 44  HIS A CE1 1 
ATOM   372  N NE2 . HIS A 1 44  ? 1.419   -0.740  -1.257  1.00 16.44  ? 44  HIS A NE2 1 
ATOM   373  N N   . VAL A 1 45  ? -2.372  3.748   1.707   1.00 9.94   ? 45  VAL A N   1 
ATOM   374  C CA  . VAL A 1 45  ? -2.988  4.631   2.698   1.00 9.11   ? 45  VAL A CA  1 
ATOM   375  C C   . VAL A 1 45  ? -2.762  3.967   4.054   1.00 12.96  ? 45  VAL A C   1 
ATOM   376  O O   . VAL A 1 45  ? -3.189  2.833   4.277   1.00 13.03  ? 45  VAL A O   1 
ATOM   377  C CB  . VAL A 1 45  ? -4.501  4.784   2.413   1.00 10.94  ? 45  VAL A CB  1 
ATOM   378  C CG1 . VAL A 1 45  ? -5.167  5.668   3.474   1.00 13.17  ? 45  VAL A CG1 1 
ATOM   379  C CG2 . VAL A 1 45  ? -4.689  5.418   1.016   1.00 11.03  ? 45  VAL A CG2 1 
ATOM   380  N N   . LEU A 1 46  ? -2.092  4.685   4.949   1.00 9.52   ? 46  LEU A N   1 
ATOM   381  C CA  . LEU A 1 46  ? -1.742  4.151   6.268   1.00 12.36  ? 46  LEU A CA  1 
ATOM   382  C C   . LEU A 1 46  ? -2.534  4.848   7.363   1.00 16.32  ? 46  LEU A C   1 
ATOM   383  O O   . LEU A 1 46  ? -3.086  5.923   7.149   1.00 13.37  ? 46  LEU A O   1 
ATOM   384  C CB  . LEU A 1 46  ? -0.243  4.370   6.521   1.00 14.68  ? 46  LEU A CB  1 
ATOM   385  C CG  . LEU A 1 46  ? 0.716   3.806   5.469   1.00 22.91  ? 46  LEU A CG  1 
ATOM   386  C CD1 . LEU A 1 46  ? 2.087   4.453   5.608   1.00 27.49  ? 46  LEU A CD1 1 
ATOM   387  C CD2 . LEU A 1 46  ? 0.811   2.312   5.625   1.00 32.74  ? 46  LEU A CD2 1 
ATOM   388  N N   . PRO A 1 47  ? -2.582  4.249   8.563   1.00 15.31  ? 47  PRO A N   1 
ATOM   389  C CA  . PRO A 1 47  ? -3.320  4.844   9.679   1.00 13.46  ? 47  PRO A CA  1 
ATOM   390  C C   . PRO A 1 47  ? -2.990  6.319   9.810   1.00 16.27  ? 47  PRO A C   1 
ATOM   391  O O   . PRO A 1 47  ? -1.816  6.697   9.831   1.00 14.43  ? 47  PRO A O   1 
ATOM   392  C CB  . PRO A 1 47  ? -2.838  4.029   10.874  1.00 16.34  ? 47  PRO A CB  1 
ATOM   393  C CG  . PRO A 1 47  ? -2.679  2.665   10.270  1.00 14.68  ? 47  PRO A CG  1 
ATOM   394  C CD  . PRO A 1 47  ? -1.969  2.969   8.963   1.00 15.37  ? 47  PRO A CD  1 
ATOM   395  N N   . GLY A 1 48  ? -4.029  7.145   9.874   1.00 12.43  ? 48  GLY A N   1 
ATOM   396  C CA  . GLY A 1 48  ? -3.842  8.580   9.992   1.00 14.53  ? 48  GLY A CA  1 
ATOM   397  C C   . GLY A 1 48  ? -3.984  9.311   8.661   1.00 14.41  ? 48  GLY A C   1 
ATOM   398  O O   . GLY A 1 48  ? -4.209  10.516  8.627   1.00 16.46  ? 48  GLY A O   1 
ATOM   399  N N   . ASP A 1 49  ? -3.864  8.585   7.557   1.00 13.57  ? 49  ASP A N   1 
ATOM   400  C CA  . ASP A 1 49  ? -3.960  9.196   6.234   1.00 9.67   ? 49  ASP A CA  1 
ATOM   401  C C   . ASP A 1 49  ? -5.388  9.493   5.780   1.00 17.87  ? 49  ASP A C   1 
ATOM   402  O O   . ASP A 1 49  ? -6.301  8.699   6.001   1.00 12.41  ? 49  ASP A O   1 
ATOM   403  C CB  . ASP A 1 49  ? -3.338  8.284   5.177   1.00 7.51   ? 49  ASP A CB  1 
ATOM   404  C CG  . ASP A 1 49  ? -1.817  8.258   5.219   1.00 13.19  ? 49  ASP A CG  1 
ATOM   405  O OD1 . ASP A 1 49  ? -1.195  9.099   5.899   1.00 16.69  ? 49  ASP A OD1 1 
ATOM   406  O OD2 . ASP A 1 49  ? -1.248  7.385   4.541   1.00 15.83  ? 49  ASP A OD2 1 
ATOM   407  N N   . TYR A 1 50  ? -5.563  10.634  5.127   1.00 14.73  ? 50  TYR A N   1 
ATOM   408  C CA  . TYR A 1 50  ? -6.859  11.002  4.583   1.00 15.33  ? 50  TYR A CA  1 
ATOM   409  C C   . TYR A 1 50  ? -6.899  10.450  3.163   1.00 19.77  ? 50  TYR A C   1 
ATOM   410  O O   . TYR A 1 50  ? -5.896  10.490  2.449   1.00 15.06  ? 50  TYR A O   1 
ATOM   411  C CB  . TYR A 1 50  ? -7.002  12.521  4.535   1.00 12.41  ? 50  TYR A CB  1 
ATOM   412  C CG  . TYR A 1 50  ? -7.159  13.130  5.902   1.00 14.02  ? 50  TYR A CG  1 
ATOM   413  C CD1 . TYR A 1 50  ? -8.413  13.205  6.511   1.00 17.05  ? 50  TYR A CD1 1 
ATOM   414  C CD2 . TYR A 1 50  ? -6.042  13.577  6.618   1.00 14.88  ? 50  TYR A CD2 1 
ATOM   415  C CE1 . TYR A 1 50  ? -8.556  13.705  7.804   1.00 18.23  ? 50  TYR A CE1 1 
ATOM   416  C CE2 . TYR A 1 50  ? -6.172  14.075  7.911   1.00 19.00  ? 50  TYR A CE2 1 
ATOM   417  C CZ  . TYR A 1 50  ? -7.432  14.135  8.498   1.00 20.30  ? 50  TYR A CZ  1 
ATOM   418  O OH  . TYR A 1 50  ? -7.563  14.604  9.783   1.00 21.15  ? 50  TYR A OH  1 
ATOM   419  N N   . PHE A 1 51  ? -8.041  9.905   2.763   1.00 13.06  ? 51  PHE A N   1 
ATOM   420  C CA  . PHE A 1 51  ? -8.177  9.409   1.407   1.00 10.04  ? 51  PHE A CA  1 
ATOM   421  C C   . PHE A 1 51  ? -9.596  9.708   0.913   1.00 13.07  ? 51  PHE A C   1 
ATOM   422  O O   . PHE A 1 51  ? -10.410 10.267  1.656   1.00 11.71  ? 51  PHE A O   1 
ATOM   423  C CB  . PHE A 1 51  ? -7.751  7.926   1.279   1.00 11.02  ? 51  PHE A CB  1 
ATOM   424  C CG  . PHE A 1 51  ? -8.591  6.946   2.044   1.00 12.29  ? 51  PHE A CG  1 
ATOM   425  C CD1 . PHE A 1 51  ? -9.326  5.972   1.362   1.00 15.22  ? 51  PHE A CD1 1 
ATOM   426  C CD2 . PHE A 1 51  ? -8.601  6.939   3.440   1.00 8.30   ? 51  PHE A CD2 1 
ATOM   427  C CE1 . PHE A 1 51  ? -10.055 5.001   2.061   1.00 15.07  ? 51  PHE A CE1 1 
ATOM   428  C CE2 . PHE A 1 51  ? -9.323  5.976   4.149   1.00 17.35  ? 51  PHE A CE2 1 
ATOM   429  C CZ  . PHE A 1 51  ? -10.053 5.005   3.460   1.00 14.27  ? 51  PHE A CZ  1 
ATOM   430  N N   . GLY A 1 52  ? -9.894  9.371   -0.335  1.00 11.07  ? 52  GLY A N   1 
ATOM   431  C CA  . GLY A 1 52  ? -11.185 9.786   -0.861  1.00 8.37   ? 52  GLY A CA  1 
ATOM   432  C C   . GLY A 1 52  ? -10.986 11.289  -1.020  1.00 12.36  ? 52  GLY A C   1 
ATOM   433  O O   . GLY A 1 52  ? -11.925 12.084  -0.917  1.00 12.26  ? 52  GLY A O   1 
ATOM   434  N N   . GLU A 1 53  ? -9.730  11.674  -1.269  1.00 10.59  ? 53  GLU A N   1 
ATOM   435  C CA  . GLU A 1 53  ? -9.338  13.080  -1.423  1.00 12.18  ? 53  GLU A CA  1 
ATOM   436  C C   . GLU A 1 53  ? -10.152 13.862  -2.461  1.00 13.80  ? 53  GLU A C   1 
ATOM   437  O O   . GLU A 1 53  ? -10.266 15.091  -2.376  1.00 13.65  ? 53  GLU A O   1 
ATOM   438  C CB  . GLU A 1 53  ? -7.830  13.179  -1.764  1.00 15.50  ? 53  GLU A CB  1 
ATOM   439  C CG  . GLU A 1 53  ? -7.380  12.453  -3.049  1.00 13.97  ? 53  GLU A CG  1 
ATOM   440  C CD  . GLU A 1 53  ? -7.181  10.946  -2.892  1.00 19.11  ? 53  GLU A CD  1 
ATOM   441  O OE1 . GLU A 1 53  ? -7.369  10.421  -1.777  1.00 17.33  ? 53  GLU A OE1 1 
ATOM   442  O OE2 . GLU A 1 53  ? -6.827  10.281  -3.895  1.00 21.56  ? 53  GLU A OE2 1 
ATOM   443  N N   . GLU A 1 54  ? -10.724 13.152  -3.426  1.00 12.79  ? 54  GLU A N   1 
ATOM   444  C CA  . GLU A 1 54  ? -11.535 13.788  -4.467  1.00 9.84   ? 54  GLU A CA  1 
ATOM   445  C C   . GLU A 1 54  ? -12.705 14.572  -3.864  1.00 9.64   ? 54  GLU A C   1 
ATOM   446  O O   . GLU A 1 54  ? -13.199 15.529  -4.464  1.00 14.65  ? 54  GLU A O   1 
ATOM   447  C CB  . GLU A 1 54  ? -12.069 12.733  -5.437  1.00 15.76  ? 54  GLU A CB  1 
ATOM   448  C CG  . GLU A 1 54  ? -10.978 11.960  -6.160  1.00 15.43  ? 54  GLU A CG  1 
ATOM   449  C CD  . GLU A 1 54  ? -10.620 10.659  -5.466  1.00 23.47  ? 54  GLU A CD  1 
ATOM   450  O OE1 . GLU A 1 54  ? -10.578 10.639  -4.217  1.00 14.29  ? 54  GLU A OE1 1 
ATOM   451  O OE2 . GLU A 1 54  ? -10.373 9.657   -6.171  1.00 15.95  ? 54  GLU A OE2 1 
ATOM   452  N N   . ALA A 1 55  ? -13.134 14.184  -2.668  1.00 10.22  ? 55  ALA A N   1 
ATOM   453  C CA  . ALA A 1 55  ? -14.246 14.879  -2.015  1.00 11.88  ? 55  ALA A CA  1 
ATOM   454  C C   . ALA A 1 55  ? -13.885 16.333  -1.713  1.00 21.05  ? 55  ALA A C   1 
ATOM   455  O O   . ALA A 1 55  ? -14.766 17.173  -1.512  1.00 13.18  ? 55  ALA A O   1 
ATOM   456  C CB  . ALA A 1 55  ? -14.635 14.156  -0.725  1.00 9.71   ? 55  ALA A CB  1 
ATOM   457  N N   . LEU A 1 56  ? -12.590 16.631  -1.678  1.00 15.77  ? 56  LEU A N   1 
ATOM   458  C CA  . LEU A 1 56  ? -12.129 17.989  -1.406  1.00 15.50  ? 56  LEU A CA  1 
ATOM   459  C C   . LEU A 1 56  ? -12.063 18.850  -2.661  1.00 19.67  ? 56  LEU A C   1 
ATOM   460  O O   . LEU A 1 56  ? -11.992 20.079  -2.571  1.00 21.45  ? 56  LEU A O   1 
ATOM   461  C CB  . LEU A 1 56  ? -10.727 17.961  -0.787  1.00 13.12  ? 56  LEU A CB  1 
ATOM   462  C CG  . LEU A 1 56  ? -10.585 17.480  0.660   1.00 16.26  ? 56  LEU A CG  1 
ATOM   463  C CD1 . LEU A 1 56  ? -9.141  17.125  0.945   1.00 15.09  ? 56  LEU A CD1 1 
ATOM   464  C CD2 . LEU A 1 56  ? -11.078 18.566  1.608   1.00 19.35  ? 56  LEU A CD2 1 
ATOM   465  N N   . GLU A 1 57  ? -12.095 18.216  -3.827  1.00 16.94  ? 57  GLU A N   1 
ATOM   466  C CA  . GLU A 1 57  ? -11.957 18.964  -5.070  1.00 20.10  ? 57  GLU A CA  1 
ATOM   467  C C   . GLU A 1 57  ? -12.921 18.687  -6.210  1.00 24.70  ? 57  GLU A C   1 
ATOM   468  O O   . GLU A 1 57  ? -13.276 19.605  -6.947  1.00 25.39  ? 57  GLU A O   1 
ATOM   469  C CB  . GLU A 1 57  ? -10.521 18.801  -5.588  1.00 19.63  ? 57  GLU A CB  1 
ATOM   470  C CG  . GLU A 1 57  ? -10.047 17.349  -5.817  1.00 20.96  ? 57  GLU A CG  1 
ATOM   471  C CD  . GLU A 1 57  ? -10.348 16.818  -7.211  1.00 34.93  ? 57  GLU A CD  1 
ATOM   472  O OE1 . GLU A 1 57  ? -10.527 17.639  -8.135  1.00 23.68  ? 57  GLU A OE1 1 
ATOM   473  O OE2 . GLU A 1 57  ? -10.386 15.578  -7.392  1.00 24.41  ? 57  GLU A OE2 1 
ATOM   474  N N   . GLY A 1 58  ? -13.336 17.435  -6.369  1.00 23.94  ? 58  GLY A N   1 
ATOM   475  C CA  . GLY A 1 58  ? -14.230 17.105  -7.469  1.00 23.81  ? 58  GLY A CA  1 
ATOM   476  C C   . GLY A 1 58  ? -15.630 16.659  -7.101  1.00 17.61  ? 58  GLY A C   1 
ATOM   477  O O   . GLY A 1 58  ? -16.125 16.931  -6.012  1.00 18.67  ? 58  GLY A O   1 
ATOM   478  N N   . LYS A 1 59  ? -16.270 15.962  -8.033  1.00 18.83  ? 59  LYS A N   1 
ATOM   479  C CA  . LYS A 1 59  ? -17.632 15.479  -7.830  1.00 24.16  ? 59  LYS A CA  1 
ATOM   480  C C   . LYS A 1 59  ? -17.663 13.969  -7.689  1.00 18.71  ? 59  LYS A C   1 
ATOM   481  O O   . LYS A 1 59  ? -18.610 13.410  -7.131  1.00 19.47  ? 59  LYS A O   1 
ATOM   482  C CB  . LYS A 1 59  ? -18.517 15.884  -9.015  1.00 23.16  ? 59  LYS A CB  1 
ATOM   483  C CG  . LYS A 1 59  ? -18.715 17.386  -9.178  1.00 33.69  ? 59  LYS A CG  1 
ATOM   484  C CD  . LYS A 1 59  ? -19.464 17.970  -7.986  1.00 32.37  ? 59  LYS A CD  1 
ATOM   485  C CE  . LYS A 1 59  ? -19.860 19.423  -8.220  1.00 46.23  ? 59  LYS A CE  1 
ATOM   486  N NZ  . LYS A 1 59  ? -18.682 20.320  -8.349  1.00 55.57  ? 59  LYS A NZ  1 
ATOM   487  N N   . ALA A 1 60  ? -16.623 13.309  -8.188  1.00 17.33  ? 60  ALA A N   1 
ATOM   488  C CA  . ALA A 1 60  ? -16.555 11.847  -8.144  1.00 15.39  ? 60  ALA A CA  1 
ATOM   489  C C   . ALA A 1 60  ? -15.144 11.340  -7.863  1.00 14.80  ? 60  ALA A C   1 
ATOM   490  O O   . ALA A 1 60  ? -14.160 12.007  -8.191  1.00 12.30  ? 60  ALA A O   1 
ATOM   491  C CB  . ALA A 1 60  ? -17.041 11.274  -9.485  1.00 12.34  ? 60  ALA A CB  1 
ATOM   492  N N   . TYR A 1 61  ? -15.047 10.158  -7.262  1.00 14.81  ? 61  TYR A N   1 
ATOM   493  C CA  . TYR A 1 61  ? -13.741 9.565   -6.998  1.00 15.49  ? 61  TYR A CA  1 
ATOM   494  C C   . TYR A 1 61  ? -13.144 9.211   -8.357  1.00 16.63  ? 61  TYR A C   1 
ATOM   495  O O   . TYR A 1 61  ? -13.864 8.868   -9.297  1.00 15.86  ? 61  TYR A O   1 
ATOM   496  C CB  . TYR A 1 61  ? -13.882 8.303   -6.137  1.00 9.70   ? 61  TYR A CB  1 
ATOM   497  C CG  . TYR A 1 61  ? -14.477 8.599   -4.782  1.00 17.11  ? 61  TYR A CG  1 
ATOM   498  C CD1 . TYR A 1 61  ? -13.792 9.397   -3.856  1.00 11.85  ? 61  TYR A CD1 1 
ATOM   499  C CD2 . TYR A 1 61  ? -15.734 8.105   -4.430  1.00 9.95   ? 61  TYR A CD2 1 
ATOM   500  C CE1 . TYR A 1 61  ? -14.350 9.698   -2.611  1.00 12.51  ? 61  TYR A CE1 1 
ATOM   501  C CE2 . TYR A 1 61  ? -16.299 8.399   -3.187  1.00 15.27  ? 61  TYR A CE2 1 
ATOM   502  C CZ  . TYR A 1 61  ? -15.609 9.194   -2.285  1.00 15.07  ? 61  TYR A CZ  1 
ATOM   503  O OH  . TYR A 1 61  ? -16.192 9.498   -1.070  1.00 11.68  ? 61  TYR A OH  1 
ATOM   504  N N   . ARG A 1 62  ? -11.824 9.297   -8.458  1.00 9.42   ? 62  ARG A N   1 
ATOM   505  C CA  . ARG A 1 62  ? -11.135 9.010   -9.718  1.00 8.98   ? 62  ARG A CA  1 
ATOM   506  C C   . ARG A 1 62  ? -10.481 7.632   -9.668  1.00 10.52  ? 62  ARG A C   1 
ATOM   507  O O   . ARG A 1 62  ? -10.093 7.071   -10.704 1.00 13.72  ? 62  ARG A O   1 
ATOM   508  C CB  . ARG A 1 62  ? -10.073 10.089  -9.970  1.00 15.31  ? 62  ARG A CB  1 
ATOM   509  C CG  . ARG A 1 62  ? -9.108  9.785   -11.113 1.00 15.42  ? 62  ARG A CG  1 
ATOM   510  C CD  . ARG A 1 62  ? -9.817  9.743   -12.473 1.00 20.07  ? 62  ARG A CD  1 
ATOM   511  N NE  . ARG A 1 62  ? -8.856  9.531   -13.554 1.00 19.22  ? 62  ARG A NE  1 
ATOM   512  C CZ  . ARG A 1 62  ? -8.230  8.381   -13.787 1.00 20.30  ? 62  ARG A CZ  1 
ATOM   513  N NH1 . ARG A 1 62  ? -7.362  8.293   -14.786 1.00 30.41  ? 62  ARG A NH1 1 
ATOM   514  N NH2 . ARG A 1 62  ? -8.485  7.310   -13.038 1.00 16.60  ? 62  ARG A NH2 1 
ATOM   515  N N   . TYR A 1 63  ? -10.363 7.092   -8.461  1.00 12.32  ? 63  TYR A N   1 
ATOM   516  C CA  . TYR A 1 63  ? -9.752  5.779   -8.271  1.00 12.07  ? 63  TYR A CA  1 
ATOM   517  C C   . TYR A 1 63  ? -10.598 4.945   -7.307  1.00 14.64  ? 63  TYR A C   1 
ATOM   518  O O   . TYR A 1 63  ? -11.599 5.419   -6.764  1.00 13.02  ? 63  TYR A O   1 
ATOM   519  C CB  . TYR A 1 63  ? -8.333  5.929   -7.706  1.00 14.49  ? 63  TYR A CB  1 
ATOM   520  C CG  . TYR A 1 63  ? -7.479  6.880   -8.506  1.00 12.14  ? 63  TYR A CG  1 
ATOM   521  C CD1 . TYR A 1 63  ? -6.999  6.521   -9.767  1.00 15.40  ? 63  TYR A CD1 1 
ATOM   522  C CD2 . TYR A 1 63  ? -7.243  8.178   -8.049  1.00 13.94  ? 63  TYR A CD2 1 
ATOM   523  C CE1 . TYR A 1 63  ? -6.312  7.442   -10.561 1.00 15.14  ? 63  TYR A CE1 1 
ATOM   524  C CE2 . TYR A 1 63  ? -6.557  9.105   -8.831  1.00 12.51  ? 63  TYR A CE2 1 
ATOM   525  C CZ  . TYR A 1 63  ? -6.101  8.730   -10.088 1.00 13.44  ? 63  TYR A CZ  1 
ATOM   526  O OH  . TYR A 1 63  ? -5.469  9.665   -10.880 1.00 16.87  ? 63  TYR A OH  1 
ATOM   527  N N   . THR A 1 64  ? -10.169 3.707   -7.094  1.00 13.58  ? 64  THR A N   1 
ATOM   528  C CA  . THR A 1 64  ? -10.867 2.784   -6.205  1.00 16.97  ? 64  THR A CA  1 
ATOM   529  C C   . THR A 1 64  ? -9.996  2.508   -4.982  1.00 14.93  ? 64  THR A C   1 
ATOM   530  O O   . THR A 1 64  ? -8.791  2.307   -5.116  1.00 14.51  ? 64  THR A O   1 
ATOM   531  C CB  . THR A 1 64  ? -11.165 1.483   -6.967  1.00 19.15  ? 64  THR A CB  1 
ATOM   532  O OG1 . THR A 1 64  ? -12.162 1.762   -7.960  1.00 17.18  ? 64  THR A OG1 1 
ATOM   533  C CG2 . THR A 1 64  ? -11.656 0.373   -6.023  1.00 14.18  ? 64  THR A CG2 1 
ATOM   534  N N   . ALA A 1 65  ? -10.605 2.514   -3.794  1.00 14.14  ? 65  ALA A N   1 
ATOM   535  C CA  . ALA A 1 65  ? -9.859  2.272   -2.554  1.00 14.47  ? 65  ALA A CA  1 
ATOM   536  C C   . ALA A 1 65  ? -10.237 0.900   -2.012  1.00 14.56  ? 65  ALA A C   1 
ATOM   537  O O   . ALA A 1 65  ? -11.418 0.626   -1.753  1.00 15.36  ? 65  ALA A O   1 
ATOM   538  C CB  . ALA A 1 65  ? -10.175 3.360   -1.522  1.00 11.03  ? 65  ALA A CB  1 
ATOM   539  N N   . GLU A 1 66  ? -9.230  0.050   -1.841  1.00 13.00  ? 66  GLU A N   1 
ATOM   540  C CA  . GLU A 1 66  ? -9.435  -1.317  -1.376  1.00 19.43  ? 66  GLU A CA  1 
ATOM   541  C C   . GLU A 1 66  ? -8.720  -1.623  -0.063  1.00 14.06  ? 66  GLU A C   1 
ATOM   542  O O   . GLU A 1 66  ? -7.529  -1.347  0.079   1.00 15.25  ? 66  GLU A O   1 
ATOM   543  C CB  . GLU A 1 66  ? -8.934  -2.280  -2.448  1.00 19.41  ? 66  GLU A CB  1 
ATOM   544  C CG  . GLU A 1 66  ? -9.182  -3.741  -2.150  1.00 18.76  ? 66  GLU A CG  1 
ATOM   545  C CD  . GLU A 1 66  ? -8.515  -4.648  -3.169  1.00 25.04  ? 66  GLU A CD  1 
ATOM   546  O OE1 . GLU A 1 66  ? -7.296  -4.885  -3.050  1.00 28.23  ? 66  GLU A OE1 1 
ATOM   547  O OE2 . GLU A 1 66  ? -9.212  -5.114  -4.092  1.00 32.19  ? 66  GLU A OE2 1 
ATOM   548  N N   . ALA A 1 67  ? -9.433  -2.209  0.891   1.00 11.76  ? 67  ALA A N   1 
ATOM   549  C CA  . ALA A 1 67  ? -8.803  -2.553  2.166   1.00 11.65  ? 67  ALA A CA  1 
ATOM   550  C C   . ALA A 1 67  ? -7.905  -3.769  1.955   1.00 14.28  ? 67  ALA A C   1 
ATOM   551  O O   . ALA A 1 67  ? -8.342  -4.773  1.391   1.00 18.00  ? 67  ALA A O   1 
ATOM   552  C CB  . ALA A 1 67  ? -9.875  -2.861  3.220   1.00 15.44  ? 67  ALA A CB  1 
ATOM   553  N N   . MET A 1 68  ? -6.650  -3.673  2.392   1.00 16.01  ? 68  MET A N   1 
ATOM   554  C CA  . MET A 1 68  ? -5.705  -4.786  2.263   1.00 12.69  ? 68  MET A CA  1 
ATOM   555  C C   . MET A 1 68  ? -5.711  -5.645  3.531   1.00 22.06  ? 68  MET A C   1 
ATOM   556  O O   . MET A 1 68  ? -5.201  -6.762  3.539   1.00 21.75  ? 68  MET A O   1 
ATOM   557  C CB  . MET A 1 68  ? -4.282  -4.268  2.012   1.00 16.65  ? 68  MET A CB  1 
ATOM   558  C CG  . MET A 1 68  ? -4.052  -3.705  0.622   1.00 23.79  ? 68  MET A CG  1 
ATOM   559  S SD  . MET A 1 68  ? -2.324  -3.166  0.386   1.00 26.28  ? 68  MET A SD  1 
ATOM   560  C CE  . MET A 1 68  ? -1.535  -4.701  -0.035  1.00 23.56  ? 68  MET A CE  1 
ATOM   561  N N   . THR A 1 69  ? -6.277  -5.096  4.603   1.00 20.15  ? 69  THR A N   1 
ATOM   562  C CA  . THR A 1 69  ? -6.397  -5.776  5.893   1.00 17.22  ? 69  THR A CA  1 
ATOM   563  C C   . THR A 1 69  ? -7.758  -5.348  6.428   1.00 18.56  ? 69  THR A C   1 
ATOM   564  O O   . THR A 1 69  ? -8.446  -4.548  5.798   1.00 19.12  ? 69  THR A O   1 
ATOM   565  C CB  . THR A 1 69  ? -5.388  -5.256  6.936   1.00 18.67  ? 69  THR A CB  1 
ATOM   566  O OG1 . THR A 1 69  ? -5.722  -3.900  7.275   1.00 19.85  ? 69  THR A OG1 1 
ATOM   567  C CG2 . THR A 1 69  ? -3.970  -5.307  6.415   1.00 17.42  ? 69  THR A CG2 1 
ATOM   568  N N   . GLU A 1 70  ? -8.157  -5.872  7.583   1.00 20.52  ? 70  GLU A N   1 
ATOM   569  C CA  . GLU A 1 70  ? -9.406  -5.399  8.170   1.00 25.72  ? 70  GLU A CA  1 
ATOM   570  C C   . GLU A 1 70  ? -9.052  -3.927  8.365   1.00 19.88  ? 70  GLU A C   1 
ATOM   571  O O   . GLU A 1 70  ? -7.939  -3.613  8.803   1.00 21.51  ? 70  GLU A O   1 
ATOM   572  C CB  . GLU A 1 70  ? -9.661  -6.055  9.528   1.00 32.87  ? 70  GLU A CB  1 
ATOM   573  C CG  . GLU A 1 70  ? -10.252 -7.460  9.467   1.00 66.58  ? 70  GLU A CG  1 
ATOM   574  C CD  . GLU A 1 70  ? -11.715 -7.463  9.047   1.00 76.14  ? 70  GLU A CD  1 
ATOM   575  O OE1 . GLU A 1 70  ? -12.439 -6.509  9.402   1.00 76.80  ? 70  GLU A OE1 1 
ATOM   576  O OE2 . GLU A 1 70  ? -12.149 -8.428  8.381   1.00 70.40  ? 70  GLU A OE2 1 
ATOM   577  N N   . ALA A 1 71  ? -9.968  -3.025  8.029   1.00 16.60  ? 71  ALA A N   1 
ATOM   578  C CA  . ALA A 1 71  ? -9.693  -1.598  8.151   1.00 14.46  ? 71  ALA A CA  1 
ATOM   579  C C   . ALA A 1 71  ? -10.819 -0.829  8.827   1.00 16.49  ? 71  ALA A C   1 
ATOM   580  O O   . ALA A 1 71  ? -11.998 -1.145  8.653   1.00 20.16  ? 71  ALA A O   1 
ATOM   581  C CB  . ALA A 1 71  ? -9.425  -1.009  6.770   1.00 19.27  ? 71  ALA A CB  1 
ATOM   582  N N   . VAL A 1 72  ? -10.441 0.179   9.602   1.00 15.02  ? 72  VAL A N   1 
ATOM   583  C CA  . VAL A 1 72  ? -11.403 1.020   10.293  1.00 16.02  ? 72  VAL A CA  1 
ATOM   584  C C   . VAL A 1 72  ? -11.232 2.424   9.725   1.00 13.80  ? 72  VAL A C   1 
ATOM   585  O O   . VAL A 1 72  ? -10.145 2.993   9.788   1.00 17.20  ? 72  VAL A O   1 
ATOM   586  C CB  . VAL A 1 72  ? -11.142 1.046   11.816  1.00 19.19  ? 72  VAL A CB  1 
ATOM   587  C CG1 . VAL A 1 72  ? -12.149 1.965   12.498  1.00 28.79  ? 72  VAL A CG1 1 
ATOM   588  C CG2 . VAL A 1 72  ? -11.235 -0.366  12.382  1.00 22.00  ? 72  VAL A CG2 1 
ATOM   589  N N   . VAL A 1 73  ? -12.298 2.969   9.147   1.00 17.01  ? 73  VAL A N   1 
ATOM   590  C CA  . VAL A 1 73  ? -12.229 4.300   8.561   1.00 16.13  ? 73  VAL A CA  1 
ATOM   591  C C   . VAL A 1 73  ? -13.275 5.246   9.145   1.00 18.58  ? 73  VAL A C   1 
ATOM   592  O O   . VAL A 1 73  ? -14.354 4.819   9.589   1.00 18.74  ? 73  VAL A O   1 
ATOM   593  C CB  . VAL A 1 73  ? -12.416 4.252   7.010   1.00 26.20  ? 73  VAL A CB  1 
ATOM   594  C CG1 . VAL A 1 73  ? -11.631 3.086   6.421   1.00 22.49  ? 73  VAL A CG1 1 
ATOM   595  C CG2 . VAL A 1 73  ? -13.874 4.151   6.655   1.00 28.85  ? 73  VAL A CG2 1 
ATOM   596  N N   . GLN A 1 74  ? -12.948 6.533   9.139   1.00 14.99  ? 74  GLN A N   1 
ATOM   597  C CA  . GLN A 1 74  ? -13.845 7.567   9.643   1.00 14.22  ? 74  GLN A CA  1 
ATOM   598  C C   . GLN A 1 74  ? -14.262 8.458   8.483   1.00 23.82  ? 74  GLN A C   1 
ATOM   599  O O   . GLN A 1 74  ? -13.411 9.015   7.789   1.00 21.90  ? 74  GLN A O   1 
ATOM   600  C CB  . GLN A 1 74  ? -13.136 8.425   10.695  1.00 17.86  ? 74  GLN A CB  1 
ATOM   601  C CG  . GLN A 1 74  ? -14.009 9.529   11.284  1.00 22.93  ? 74  GLN A CG  1 
ATOM   602  C CD  . GLN A 1 74  ? -15.276 8.998   11.957  1.00 57.81  ? 74  GLN A CD  1 
ATOM   603  O OE1 . GLN A 1 74  ? -16.143 8.405   11.309  1.00 48.91  ? 74  GLN A OE1 1 
ATOM   604  N NE2 . GLN A 1 74  ? -15.384 9.212   13.265  1.00 46.63  ? 74  GLN A NE2 1 
ATOM   605  N N   . GLY A 1 75  ? -15.566 8.584   8.264   1.00 13.62  ? 75  GLY A N   1 
ATOM   606  C CA  . GLY A 1 75  ? -16.043 9.438   7.190   1.00 11.62  ? 75  GLY A CA  1 
ATOM   607  C C   . GLY A 1 75  ? -16.053 10.859  7.713   1.00 25.70  ? 75  GLY A C   1 
ATOM   608  O O   . GLY A 1 75  ? -16.325 11.075  8.899   1.00 18.06  ? 75  GLY A O   1 
ATOM   609  N N   . LEU A 1 76  ? -15.758 11.824  6.844   1.00 17.69  ? 76  LEU A N   1 
ATOM   610  C CA  . LEU A 1 76  ? -15.725 13.230  7.234   1.00 17.52  ? 76  LEU A CA  1 
ATOM   611  C C   . LEU A 1 76  ? -16.383 14.115  6.183   1.00 18.18  ? 76  LEU A C   1 
ATOM   612  O O   . LEU A 1 76  ? -16.311 13.838  4.981   1.00 21.81  ? 76  LEU A O   1 
ATOM   613  C CB  . LEU A 1 76  ? -14.278 13.695  7.424   1.00 23.01  ? 76  LEU A CB  1 
ATOM   614  C CG  . LEU A 1 76  ? -13.432 12.930  8.445   1.00 30.86  ? 76  LEU A CG  1 
ATOM   615  C CD1 . LEU A 1 76  ? -11.971 13.287  8.277   1.00 41.40  ? 76  LEU A CD1 1 
ATOM   616  C CD2 . LEU A 1 76  ? -13.912 13.252  9.845   1.00 34.73  ? 76  LEU A CD2 1 
ATOM   617  N N   . GLU A 1 77  ? -17.027 15.179  6.643   1.00 20.37  ? 77  GLU A N   1 
ATOM   618  C CA  . GLU A 1 77  ? -17.679 16.125  5.739   1.00 26.46  ? 77  GLU A CA  1 
ATOM   619  C C   . GLU A 1 77  ? -16.640 17.215  5.477   1.00 24.84  ? 77  GLU A C   1 
ATOM   620  O O   . GLU A 1 77  ? -16.263 17.950  6.386   1.00 26.35  ? 77  GLU A O   1 
ATOM   621  C CB  . GLU A 1 77  ? -18.916 16.710  6.423   1.00 32.83  ? 77  GLU A CB  1 
ATOM   622  C CG  . GLU A 1 77  ? -20.074 17.000  5.493   1.00 60.08  ? 77  GLU A CG  1 
ATOM   623  C CD  . GLU A 1 77  ? -21.405 16.566  6.083   1.00 70.02  ? 77  GLU A CD  1 
ATOM   624  O OE1 . GLU A 1 77  ? -21.736 17.000  7.207   1.00 63.19  ? 77  GLU A OE1 1 
ATOM   625  O OE2 . GLU A 1 77  ? -22.120 15.787  5.421   1.00 69.42  ? 77  GLU A OE2 1 
ATOM   626  N N   . PRO A 1 78  ? -16.157 17.333  4.229   1.00 29.61  ? 78  PRO A N   1 
ATOM   627  C CA  . PRO A 1 78  ? -15.150 18.356  3.913   1.00 32.96  ? 78  PRO A CA  1 
ATOM   628  C C   . PRO A 1 78  ? -15.556 19.771  4.336   1.00 49.44  ? 78  PRO A C   1 
ATOM   629  O O   . PRO A 1 78  ? -14.768 20.513  4.922   1.00 47.08  ? 78  PRO A O   1 
ATOM   630  C CB  . PRO A 1 78  ? -14.999 18.243  2.395   1.00 36.03  ? 78  PRO A CB  1 
ATOM   631  C CG  . PRO A 1 78  ? -15.348 16.814  2.116   1.00 40.22  ? 78  PRO A CG  1 
ATOM   632  C CD  . PRO A 1 78  ? -16.538 16.580  3.019   1.00 37.82  ? 78  PRO A CD  1 
ATOM   633  N N   . ARG A 1 79  ? -16.800 20.127  4.045   1.00 43.03  ? 79  ARG A N   1 
ATOM   634  C CA  . ARG A 1 79  ? -17.314 21.453  4.349   1.00 49.73  ? 79  ARG A CA  1 
ATOM   635  C C   . ARG A 1 79  ? -17.485 21.769  5.835   1.00 39.96  ? 79  ARG A C   1 
ATOM   636  O O   . ARG A 1 79  ? -17.726 22.918  6.197   1.00 52.54  ? 79  ARG A O   1 
ATOM   637  C CB  . ARG A 1 79  ? -18.645 21.642  3.617   1.00 42.12  ? 79  ARG A CB  1 
ATOM   638  C CG  . ARG A 1 79  ? -18.605 21.117  2.183   1.00 71.80  ? 79  ARG A CG  1 
ATOM   639  C CD  . ARG A 1 79  ? -19.911 21.336  1.436   1.00 83.79  ? 79  ARG A CD  1 
ATOM   640  N NE  . ARG A 1 79  ? -20.049 20.426  0.298   1.00 102.77 ? 79  ARG A NE  1 
ATOM   641  C CZ  . ARG A 1 79  ? -19.170 20.310  -0.695  1.00 110.41 ? 79  ARG A CZ  1 
ATOM   642  N NH1 . ARG A 1 79  ? -18.069 21.050  -0.707  1.00 109.99 ? 79  ARG A NH1 1 
ATOM   643  N NH2 . ARG A 1 79  ? -19.391 19.447  -1.678  1.00 109.18 ? 79  ARG A NH2 1 
ATOM   644  N N   . ALA A 1 80  ? -17.348 20.764  6.695   1.00 51.17  ? 80  ALA A N   1 
ATOM   645  C CA  . ALA A 1 80  ? -17.524 20.978  8.129   1.00 51.63  ? 80  ALA A CA  1 
ATOM   646  C C   . ALA A 1 80  ? -16.241 20.973  8.957   1.00 57.55  ? 80  ALA A C   1 
ATOM   647  O O   . ALA A 1 80  ? -16.295 20.848  10.181  1.00 59.52  ? 80  ALA A O   1 
ATOM   648  C CB  . ALA A 1 80  ? -18.494 19.944  8.684   1.00 57.59  ? 80  ALA A CB  1 
ATOM   649  N N   . MET A 1 81  ? -15.093 21.119  8.302   1.00 54.99  ? 81  MET A N   1 
ATOM   650  C CA  . MET A 1 81  ? -13.815 21.120  9.012   1.00 56.82  ? 81  MET A CA  1 
ATOM   651  C C   . MET A 1 81  ? -13.393 22.496  9.509   1.00 50.12  ? 81  MET A C   1 
ATOM   652  O O   . MET A 1 81  ? -13.546 23.499  8.807   1.00 41.11  ? 81  MET A O   1 
ATOM   653  C CB  . MET A 1 81  ? -12.708 20.558  8.119   1.00 60.48  ? 81  MET A CB  1 
ATOM   654  C CG  . MET A 1 81  ? -12.869 19.093  7.773   1.00 63.01  ? 81  MET A CG  1 
ATOM   655  S SD  . MET A 1 81  ? -11.487 18.502  6.786   1.00 73.01  ? 81  MET A SD  1 
ATOM   656  C CE  . MET A 1 81  ? -12.046 18.948  5.145   1.00 64.93  ? 81  MET A CE  1 
ATOM   657  N N   . ASP A 1 82  ? -12.848 22.536  10.722  1.00 40.74  ? 82  ASP A N   1 
ATOM   658  C CA  . ASP A 1 82  ? -12.392 23.790  11.301  1.00 50.18  ? 82  ASP A CA  1 
ATOM   659  C C   . ASP A 1 82  ? -10.925 24.006  10.960  1.00 60.09  ? 82  ASP A C   1 
ATOM   660  O O   . ASP A 1 82  ? -10.298 23.168  10.309  1.00 43.09  ? 82  ASP A O   1 
ATOM   661  C CB  . ASP A 1 82  ? -12.572 23.793  12.826  1.00 58.12  ? 82  ASP A CB  1 
ATOM   662  C CG  . ASP A 1 82  ? -11.558 22.921  13.544  1.00 64.94  ? 82  ASP A CG  1 
ATOM   663  O OD1 . ASP A 1 82  ? -11.460 23.024  14.786  1.00 69.00  ? 82  ASP A OD1 1 
ATOM   664  O OD2 . ASP A 1 82  ? -10.861 22.131  12.876  1.00 67.70  ? 82  ASP A OD2 1 
ATOM   665  N N   . HIS A 1 83  ? -10.386 25.134  11.412  1.00 50.51  ? 83  HIS A N   1 
ATOM   666  C CA  . HIS A 1 83  ? -8.996  25.489  11.165  1.00 53.23  ? 83  HIS A CA  1 
ATOM   667  C C   . HIS A 1 83  ? -8.049  24.342  11.520  1.00 43.65  ? 83  HIS A C   1 
ATOM   668  O O   . HIS A 1 83  ? -7.195  23.959  10.720  1.00 40.29  ? 83  HIS A O   1 
ATOM   669  C CB  . HIS A 1 83  ? -8.625  26.726  11.986  1.00 56.80  ? 83  HIS A CB  1 
ATOM   670  C CG  . HIS A 1 83  ? -7.349  27.378  11.554  1.00 67.02  ? 83  HIS A CG  1 
ATOM   671  N ND1 . HIS A 1 83  ? -7.247  28.117  10.395  1.00 71.64  ? 83  HIS A ND1 1 
ATOM   672  C CD2 . HIS A 1 83  ? -6.117  27.389  12.117  1.00 71.17  ? 83  HIS A CD2 1 
ATOM   673  C CE1 . HIS A 1 83  ? -6.008  28.555  10.262  1.00 73.93  ? 83  HIS A CE1 1 
ATOM   674  N NE2 . HIS A 1 83  ? -5.303  28.127  11.294  1.00 78.76  ? 83  HIS A NE2 1 
ATOM   675  N N   . GLU A 1 84  ? -8.209  23.801  12.723  1.00 46.44  ? 84  GLU A N   1 
ATOM   676  C CA  . GLU A 1 84  ? -7.367  22.710  13.200  1.00 44.98  ? 84  GLU A CA  1 
ATOM   677  C C   . GLU A 1 84  ? -7.448  21.471  12.310  1.00 44.45  ? 84  GLU A C   1 
ATOM   678  O O   . GLU A 1 84  ? -6.437  20.817  12.053  1.00 32.97  ? 84  GLU A O   1 
ATOM   679  C CB  . GLU A 1 84  ? -7.758  22.341  14.631  1.00 56.93  ? 84  GLU A CB  1 
ATOM   680  C CG  . GLU A 1 84  ? -6.907  21.249  15.248  1.00 81.33  ? 84  GLU A CG  1 
ATOM   681  C CD  . GLU A 1 84  ? -7.337  20.914  16.662  1.00 98.64  ? 84  GLU A CD  1 
ATOM   682  O OE1 . GLU A 1 84  ? -8.501  20.498  16.848  1.00 103.83 ? 84  GLU A OE1 1 
ATOM   683  O OE2 . GLU A 1 84  ? -6.512  21.069  17.587  1.00 110.31 ? 84  GLU A OE2 1 
ATOM   684  N N   . ALA A 1 85  ? -8.651  21.149  11.847  1.00 35.70  ? 85  ALA A N   1 
ATOM   685  C CA  . ALA A 1 85  ? -8.848  19.990  10.979  1.00 38.55  ? 85  ALA A CA  1 
ATOM   686  C C   . ALA A 1 85  ? -8.168  20.216  9.629   1.00 39.65  ? 85  ALA A C   1 
ATOM   687  O O   . ALA A 1 85  ? -7.483  19.331  9.113   1.00 27.73  ? 85  ALA A O   1 
ATOM   688  C CB  . ALA A 1 85  ? -10.336 19.731  10.776  1.00 45.88  ? 85  ALA A CB  1 
ATOM   689  N N   . LEU A 1 86  ? -8.357  21.405  9.060   1.00 27.21  ? 86  LEU A N   1 
ATOM   690  C CA  . LEU A 1 86  ? -7.757  21.728  7.773   1.00 31.85  ? 86  LEU A CA  1 
ATOM   691  C C   . LEU A 1 86  ? -6.238  21.669  7.838   1.00 27.52  ? 86  LEU A C   1 
ATOM   692  O O   . LEU A 1 86  ? -5.584  21.263  6.878   1.00 25.04  ? 86  LEU A O   1 
ATOM   693  C CB  . LEU A 1 86  ? -8.201  23.117  7.309   1.00 34.82  ? 86  LEU A CB  1 
ATOM   694  C CG  . LEU A 1 86  ? -9.626  23.216  6.760   1.00 38.30  ? 86  LEU A CG  1 
ATOM   695  C CD1 . LEU A 1 86  ? -9.931  24.661  6.397   1.00 38.36  ? 86  LEU A CD1 1 
ATOM   696  C CD2 . LEU A 1 86  ? -9.770  22.320  5.540   1.00 48.84  ? 86  LEU A CD2 1 
ATOM   697  N N   . HIS A 1 87  ? -5.679  22.080  8.970   1.00 24.40  ? 87  HIS A N   1 
ATOM   698  C CA  . HIS A 1 87  ? -4.233  22.061  9.150   1.00 29.39  ? 87  HIS A CA  1 
ATOM   699  C C   . HIS A 1 87  ? -3.760  20.609  9.098   1.00 27.09  ? 87  HIS A C   1 
ATOM   700  O O   . HIS A 1 87  ? -2.764  20.283  8.436   1.00 23.24  ? 87  HIS A O   1 
ATOM   701  C CB  . HIS A 1 87  ? -3.864  22.675  10.503  1.00 38.83  ? 87  HIS A CB  1 
ATOM   702  C CG  . HIS A 1 87  ? -2.706  23.619  10.441  1.00 68.42  ? 87  HIS A CG  1 
ATOM   703  N ND1 . HIS A 1 87  ? -2.747  24.799  9.728   1.00 74.14  ? 87  HIS A ND1 1 
ATOM   704  C CD2 . HIS A 1 87  ? -1.474  23.560  11.000  1.00 82.29  ? 87  HIS A CD2 1 
ATOM   705  C CE1 . HIS A 1 87  ? -1.591  25.426  9.851   1.00 87.28  ? 87  HIS A CE1 1 
ATOM   706  N NE2 . HIS A 1 87  ? -0.801  24.695  10.618  1.00 94.09  ? 87  HIS A NE2 1 
ATOM   707  N N   . ARG A 1 88  ? -4.480  19.734  9.795   1.00 23.48  ? 88  ARG A N   1 
ATOM   708  C CA  . ARG A 1 88  ? -4.123  18.323  9.808   1.00 25.50  ? 88  ARG A CA  1 
ATOM   709  C C   . ARG A 1 88  ? -4.226  17.717  8.417   1.00 13.97  ? 88  ARG A C   1 
ATOM   710  O O   . ARG A 1 88  ? -3.370  16.926  8.023   1.00 17.35  ? 88  ARG A O   1 
ATOM   711  C CB  . ARG A 1 88  ? -5.016  17.531  10.766  1.00 28.00  ? 88  ARG A CB  1 
ATOM   712  C CG  . ARG A 1 88  ? -4.619  17.642  12.223  1.00 52.68  ? 88  ARG A CG  1 
ATOM   713  C CD  . ARG A 1 88  ? -5.132  16.446  13.012  1.00 69.37  ? 88  ARG A CD  1 
ATOM   714  N NE  . ARG A 1 88  ? -6.577  16.274  12.883  1.00 80.80  ? 88  ARG A NE  1 
ATOM   715  C CZ  . ARG A 1 88  ? -7.479  17.151  13.315  1.00 88.59  ? 88  ARG A CZ  1 
ATOM   716  N NH1 . ARG A 1 88  ? -7.091  18.272  13.908  1.00 83.61  ? 88  ARG A NH1 1 
ATOM   717  N NH2 . ARG A 1 88  ? -8.773  16.905  13.153  1.00 82.33  ? 88  ARG A NH2 1 
ATOM   718  N N   . VAL A 1 89  ? -5.273  18.082  7.680   1.00 16.54  ? 89  VAL A N   1 
ATOM   719  C CA  . VAL A 1 89  ? -5.465  17.555  6.331   1.00 20.03  ? 89  VAL A CA  1 
ATOM   720  C C   . VAL A 1 89  ? -4.351  18.024  5.396   1.00 19.15  ? 89  VAL A C   1 
ATOM   721  O O   . VAL A 1 89  ? -3.783  17.228  4.641   1.00 15.51  ? 89  VAL A O   1 
ATOM   722  C CB  . VAL A 1 89  ? -6.832  17.978  5.747   1.00 23.21  ? 89  VAL A CB  1 
ATOM   723  C CG1 . VAL A 1 89  ? -6.939  17.540  4.288   1.00 18.21  ? 89  VAL A CG1 1 
ATOM   724  C CG2 . VAL A 1 89  ? -7.957  17.352  6.567   1.00 24.36  ? 89  VAL A CG2 1 
ATOM   725  N N   . ALA A 1 90  ? -4.038  19.315  5.441   1.00 16.07  ? 90  ALA A N   1 
ATOM   726  C CA  . ALA A 1 90  ? -2.972  19.850  4.591   1.00 18.19  ? 90  ALA A CA  1 
ATOM   727  C C   . ALA A 1 90  ? -1.639  19.166  4.907   1.00 17.16  ? 90  ALA A C   1 
ATOM   728  O O   . ALA A 1 90  ? -0.913  18.734  4.004   1.00 15.67  ? 90  ALA A O   1 
ATOM   729  C CB  . ALA A 1 90  ? -2.847  21.352  4.792   1.00 20.94  ? 90  ALA A CB  1 
ATOM   730  N N   . ARG A 1 91  ? -1.306  19.065  6.192   1.00 13.16  ? 91  ARG A N   1 
ATOM   731  C CA  . ARG A 1 91  ? -0.056  18.426  6.564   1.00 21.29  ? 91  ARG A CA  1 
ATOM   732  C C   . ARG A 1 91  ? -0.008  16.969  6.125   1.00 18.10  ? 91  ARG A C   1 
ATOM   733  O O   . ARG A 1 91  ? 1.012   16.500  5.611   1.00 12.77  ? 91  ARG A O   1 
ATOM   734  C CB  . ARG A 1 91  ? 0.174   18.508  8.076   1.00 18.10  ? 91  ARG A CB  1 
ATOM   735  C CG  . ARG A 1 91  ? 1.312   17.608  8.543   1.00 20.97  ? 91  ARG A CG  1 
ATOM   736  C CD  . ARG A 1 91  ? 1.764   17.919  9.971   1.00 38.74  ? 91  ARG A CD  1 
ATOM   737  N NE  . ARG A 1 91  ? 2.702   19.040  10.003  1.00 61.12  ? 91  ARG A NE  1 
ATOM   738  C CZ  . ARG A 1 91  ? 3.457   19.362  11.051  1.00 76.48  ? 91  ARG A CZ  1 
ATOM   739  N NH1 . ARG A 1 91  ? 3.389   18.646  12.167  1.00 77.01  ? 91  ARG A NH1 1 
ATOM   740  N NH2 . ARG A 1 91  ? 4.290   20.394  10.980  1.00 57.64  ? 91  ARG A NH2 1 
ATOM   741  N N   . ASN A 1 92  ? -1.101  16.243  6.336   1.00 14.19  ? 92  ASN A N   1 
ATOM   742  C CA  . ASN A 1 92  ? -1.125  14.834  5.952   1.00 13.72  ? 92  ASN A CA  1 
ATOM   743  C C   . ASN A 1 92  ? -1.090  14.611  4.437   1.00 11.92  ? 92  ASN A C   1 
ATOM   744  O O   . ASN A 1 92  ? -0.461  13.655  3.951   1.00 11.86  ? 92  ASN A O   1 
ATOM   745  C CB  . ASN A 1 92  ? -2.345  14.126  6.549   1.00 10.55  ? 92  ASN A CB  1 
ATOM   746  C CG  . ASN A 1 92  ? -2.388  12.670  6.157   1.00 13.03  ? 92  ASN A CG  1 
ATOM   747  O OD1 . ASN A 1 92  ? -3.142  12.281  5.275   1.00 15.13  ? 92  ASN A OD1 1 
ATOM   748  N ND2 . ASN A 1 92  ? -1.538  11.859  6.787   1.00 14.44  ? 92  ASN A ND2 1 
ATOM   749  N N   . LEU A 1 93  ? -1.769  15.473  3.683   1.00 12.60  ? 93  LEU A N   1 
ATOM   750  C CA  . LEU A 1 93  ? -1.749  15.333  2.229   1.00 13.61  ? 93  LEU A CA  1 
ATOM   751  C C   . LEU A 1 93  ? -0.328  15.597  1.733   1.00 14.37  ? 93  LEU A C   1 
ATOM   752  O O   . LEU A 1 93  ? 0.131   14.967  0.784   1.00 11.96  ? 93  LEU A O   1 
ATOM   753  C CB  . LEU A 1 93  ? -2.738  16.299  1.565   1.00 14.39  ? 93  LEU A CB  1 
ATOM   754  C CG  . LEU A 1 93  ? -4.200  15.842  1.681   1.00 14.61  ? 93  LEU A CG  1 
ATOM   755  C CD1 . LEU A 1 93  ? -5.148  16.833  1.003   1.00 16.05  ? 93  LEU A CD1 1 
ATOM   756  C CD2 . LEU A 1 93  ? -4.324  14.479  1.027   1.00 13.51  ? 93  LEU A CD2 1 
ATOM   757  N N   . ALA A 1 94  ? 0.372   16.523  2.383   1.00 11.75  ? 94  ALA A N   1 
ATOM   758  C CA  . ALA A 1 94  ? 1.751   16.815  1.992   1.00 10.63  ? 94  ALA A CA  1 
ATOM   759  C C   . ALA A 1 94  ? 2.623   15.578  2.242   1.00 9.90   ? 94  ALA A C   1 
ATOM   760  O O   . ALA A 1 94  ? 3.517   15.252  1.448   1.00 12.58  ? 94  ALA A O   1 
ATOM   761  C CB  . ALA A 1 94  ? 2.276   18.005  2.776   1.00 10.70  ? 94  ALA A CB  1 
ATOM   762  N N   . ARG A 1 95  ? 2.381   14.890  3.355   1.00 9.59   ? 95  ARG A N   1 
ATOM   763  C CA  . ARG A 1 95  ? 3.157   13.686  3.647   1.00 10.75  ? 95  ARG A CA  1 
ATOM   764  C C   . ARG A 1 95  ? 2.826   12.597  2.639   1.00 10.55  ? 95  ARG A C   1 
ATOM   765  O O   . ARG A 1 95  ? 3.710   11.878  2.193   1.00 10.81  ? 95  ARG A O   1 
ATOM   766  C CB  . ARG A 1 95  ? 2.881   13.183  5.070   1.00 13.74  ? 95  ARG A CB  1 
ATOM   767  C CG  . ARG A 1 95  ? 3.544   14.038  6.130   1.00 21.68  ? 95  ARG A CG  1 
ATOM   768  C CD  . ARG A 1 95  ? 3.240   13.554  7.531   1.00 30.46  ? 95  ARG A CD  1 
ATOM   769  N NE  . ARG A 1 95  ? 3.906   14.394  8.522   1.00 47.35  ? 95  ARG A NE  1 
ATOM   770  C CZ  . ARG A 1 95  ? 3.421   14.656  9.731   1.00 52.30  ? 95  ARG A CZ  1 
ATOM   771  N NH1 . ARG A 1 95  ? 2.257   14.145  10.110  1.00 42.16  ? 95  ARG A NH1 1 
ATOM   772  N NH2 . ARG A 1 95  ? 4.100   15.437  10.562  1.00 80.24  ? 95  ARG A NH2 1 
ATOM   773  N N   . GLN A 1 96  ? 1.554   12.459  2.268   1.00 9.24   ? 96  GLN A N   1 
ATOM   774  C CA  . GLN A 1 96  ? 1.232   11.430  1.287   1.00 9.17   ? 96  GLN A CA  1 
ATOM   775  C C   . GLN A 1 96  ? 1.817   11.768  -0.089  1.00 11.16  ? 96  GLN A C   1 
ATOM   776  O O   . GLN A 1 96  ? 2.161   10.875  -0.859  1.00 10.90  ? 96  GLN A O   1 
ATOM   777  C CB  . GLN A 1 96  ? -0.278  11.234  1.177   1.00 12.08  ? 96  GLN A CB  1 
ATOM   778  C CG  . GLN A 1 96  ? -0.918  10.682  2.441   1.00 12.18  ? 96  GLN A CG  1 
ATOM   779  C CD  . GLN A 1 96  ? -2.381  10.340  2.216   1.00 12.70  ? 96  GLN A CD  1 
ATOM   780  O OE1 . GLN A 1 96  ? -2.693  9.395   1.497   1.00 15.12  ? 96  GLN A OE1 1 
ATOM   781  N NE2 . GLN A 1 96  ? -3.277  11.123  2.811   1.00 14.38  ? 96  GLN A NE2 1 
ATOM   782  N N   . MET A 1 97  ? 1.927   13.058  -0.403  1.00 12.02  ? 97  MET A N   1 
ATOM   783  C CA  . MET A 1 97  ? 2.508   13.467  -1.689  1.00 12.30  ? 97  MET A CA  1 
ATOM   784  C C   . MET A 1 97  ? 3.988   13.063  -1.693  1.00 11.96  ? 97  MET A C   1 
ATOM   785  O O   . MET A 1 97  ? 4.522   12.587  -2.705  1.00 10.93  ? 97  MET A O   1 
ATOM   786  C CB  . MET A 1 97  ? 2.388   14.989  -1.872  1.00 12.22  ? 97  MET A CB  1 
ATOM   787  C CG  . MET A 1 97  ? 3.039   15.528  -3.150  1.00 27.39  ? 97  MET A CG  1 
ATOM   788  S SD  . MET A 1 97  ? 2.309   14.868  -4.671  1.00 26.74  ? 97  MET A SD  1 
ATOM   789  C CE  . MET A 1 97  ? 0.500   14.976  -4.222  1.00 11.34  ? 97  MET A CE  1 
ATOM   790  N N   . ARG A 1 98  ? 4.658   13.259  -0.566  1.00 14.15  ? 98  ARG A N   1 
ATOM   791  C CA  . ARG A 1 98  ? 6.067   12.877  -0.487  1.00 17.12  ? 98  ARG A CA  1 
ATOM   792  C C   . ARG A 1 98  ? 6.198   11.364  -0.682  1.00 12.61  ? 98  ARG A C   1 
ATOM   793  O O   . ARG A 1 98  ? 7.061   10.896  -1.426  1.00 11.53  ? 98  ARG A O   1 
ATOM   794  C CB  . ARG A 1 98  ? 6.684   13.283  0.860   1.00 16.80  ? 98  ARG A CB  1 
ATOM   795  C CG  . ARG A 1 98  ? 8.100   12.731  1.045   1.00 11.30  ? 98  ARG A CG  1 
ATOM   796  C CD  . ARG A 1 98  ? 8.830   13.403  2.195   1.00 25.39  ? 98  ARG A CD  1 
ATOM   797  N NE  . ARG A 1 98  ? 8.050   13.400  3.425   1.00 23.00  ? 98  ARG A NE  1 
ATOM   798  C CZ  . ARG A 1 98  ? 7.749   12.313  4.126   1.00 31.03  ? 98  ARG A CZ  1 
ATOM   799  N NH1 . ARG A 1 98  ? 8.162   11.114  3.723   1.00 21.00  ? 98  ARG A NH1 1 
ATOM   800  N NH2 . ARG A 1 98  ? 7.041   12.429  5.242   1.00 22.92  ? 98  ARG A NH2 1 
ATOM   801  N N   . ARG A 1 99  ? 5.323   10.604  -0.029  1.00 10.82  ? 99  ARG A N   1 
ATOM   802  C CA  . ARG A 1 99  ? 5.361   9.151   -0.121  1.00 12.08  ? 99  ARG A CA  1 
ATOM   803  C C   . ARG A 1 99  ? 4.995   8.588   -1.487  1.00 15.30  ? 99  ARG A C   1 
ATOM   804  O O   . ARG A 1 99  ? 5.627   7.629   -1.962  1.00 11.46  ? 99  ARG A O   1 
ATOM   805  C CB  . ARG A 1 99  ? 4.467   8.547   0.981   1.00 11.43  ? 99  ARG A CB  1 
ATOM   806  C CG  . ARG A 1 99  ? 5.154   8.600   2.363   1.00 19.30  ? 99  ARG A CG  1 
ATOM   807  C CD  . ARG A 1 99  ? 4.168   8.574   3.525   1.00 24.57  ? 99  ARG A CD  1 
ATOM   808  N NE  . ARG A 1 99  ? 3.126   7.581   3.322   1.00 26.56  ? 99  ARG A NE  1 
ATOM   809  C CZ  . ARG A 1 99  ? 1.911   7.675   3.847   1.00 22.42  ? 99  ARG A CZ  1 
ATOM   810  N NH1 . ARG A 1 99  ? 1.599   8.707   4.622   1.00 23.74  ? 99  ARG A NH1 1 
ATOM   811  N NH2 . ARG A 1 99  ? 0.997   6.768   3.553   1.00 27.31  ? 99  ARG A NH2 1 
ATOM   812  N N   . VAL A 1 100 ? 4.004   9.177   -2.149  1.00 11.52  ? 100 VAL A N   1 
ATOM   813  C CA  . VAL A 1 100 ? 3.627   8.640   -3.447  1.00 12.76  ? 100 VAL A CA  1 
ATOM   814  C C   . VAL A 1 100 ? 4.682   8.946   -4.499  1.00 11.00  ? 100 VAL A C   1 
ATOM   815  O O   . VAL A 1 100 ? 4.872   8.174   -5.435  1.00 11.78  ? 100 VAL A O   1 
ATOM   816  C CB  . VAL A 1 100 ? 2.215   9.140   -3.907  1.00 12.62  ? 100 VAL A CB  1 
ATOM   817  C CG1 . VAL A 1 100 ? 2.252   10.602  -4.308  1.00 13.64  ? 100 VAL A CG1 1 
ATOM   818  C CG2 . VAL A 1 100 ? 1.718   8.267   -5.059  1.00 14.95  ? 100 VAL A CG2 1 
ATOM   819  N N   . GLN A 1 101 ? 5.388   10.060  -4.347  1.00 9.61   ? 101 GLN A N   1 
ATOM   820  C CA  . GLN A 1 101 ? 6.428   10.372  -5.322  1.00 12.47  ? 101 GLN A CA  1 
ATOM   821  C C   . GLN A 1 101 ? 7.609   9.416   -5.115  1.00 11.09  ? 101 GLN A C   1 
ATOM   822  O O   . GLN A 1 101 ? 8.257   8.987   -6.071  1.00 12.12  ? 101 GLN A O   1 
ATOM   823  C CB  . GLN A 1 101 ? 6.845   11.834  -5.188  1.00 18.65  ? 101 GLN A CB  1 
ATOM   824  C CG  . GLN A 1 101 ? 5.768   12.769  -5.731  1.00 15.56  ? 101 GLN A CG  1 
ATOM   825  C CD  . GLN A 1 101 ? 6.082   14.228  -5.512  1.00 18.74  ? 101 GLN A CD  1 
ATOM   826  O OE1 . GLN A 1 101 ? 6.201   14.993  -6.468  1.00 14.38  ? 101 GLN A OE1 1 
ATOM   827  N NE2 . GLN A 1 101 ? 6.220   14.623  -4.250  1.00 15.05  ? 101 GLN A NE2 1 
ATOM   828  N N   . ALA A 1 102 ? 7.871   9.069   -3.860  1.00 9.78   ? 102 ALA A N   1 
ATOM   829  C CA  . ALA A 1 102 ? 8.948   8.125   -3.565  1.00 13.11  ? 102 ALA A CA  1 
ATOM   830  C C   . ALA A 1 102 ? 8.561   6.747   -4.105  1.00 20.12  ? 102 ALA A C   1 
ATOM   831  O O   . ALA A 1 102 ? 9.408   5.989   -4.576  1.00 15.17  ? 102 ALA A O   1 
ATOM   832  C CB  . ALA A 1 102 ? 9.171   8.042   -2.081  1.00 14.33  ? 102 ALA A CB  1 
ATOM   833  N N   . TYR A 1 103 ? 7.272   6.423   -4.020  1.00 10.34  ? 103 TYR A N   1 
ATOM   834  C CA  . TYR A 1 103 ? 6.776   5.139   -4.512  1.00 11.46  ? 103 TYR A CA  1 
ATOM   835  C C   . TYR A 1 103 ? 6.969   5.089   -6.030  1.00 15.63  ? 103 TYR A C   1 
ATOM   836  O O   . TYR A 1 103 ? 7.412   4.084   -6.596  1.00 11.94  ? 103 TYR A O   1 
ATOM   837  C CB  . TYR A 1 103 ? 5.302   4.992   -4.128  1.00 12.08  ? 103 TYR A CB  1 
ATOM   838  C CG  . TYR A 1 103 ? 4.616   3.800   -4.742  1.00 13.26  ? 103 TYR A CG  1 
ATOM   839  C CD1 . TYR A 1 103 ? 5.066   2.502   -4.497  1.00 10.51  ? 103 TYR A CD1 1 
ATOM   840  C CD2 . TYR A 1 103 ? 3.512   3.971   -5.578  1.00 14.78  ? 103 TYR A CD2 1 
ATOM   841  C CE1 . TYR A 1 103 ? 4.428   1.395   -5.076  1.00 9.03   ? 103 TYR A CE1 1 
ATOM   842  C CE2 . TYR A 1 103 ? 2.869   2.886   -6.157  1.00 12.54  ? 103 TYR A CE2 1 
ATOM   843  C CZ  . TYR A 1 103 ? 3.332   1.599   -5.905  1.00 13.22  ? 103 TYR A CZ  1 
ATOM   844  O OH  . TYR A 1 103 ? 2.702   0.527   -6.495  1.00 15.75  ? 103 TYR A OH  1 
ATOM   845  N N   . GLU A 1 104 ? 6.627   6.193   -6.684  1.00 14.00  ? 104 GLU A N   1 
ATOM   846  C CA  . GLU A 1 104 ? 6.796   6.353   -8.128  1.00 17.85  ? 104 GLU A CA  1 
ATOM   847  C C   . GLU A 1 104 ? 8.232   6.063   -8.539  1.00 11.13  ? 104 GLU A C   1 
ATOM   848  O O   . GLU A 1 104 ? 8.493   5.376   -9.526  1.00 17.51  ? 104 GLU A O   1 
ATOM   849  C CB  . GLU A 1 104 ? 6.577   7.803   -8.521  1.00 21.47  ? 104 GLU A CB  1 
ATOM   850  C CG  . GLU A 1 104 ? 5.220   8.230   -8.835  1.00 29.01  ? 104 GLU A CG  1 
ATOM   851  C CD  . GLU A 1 104 ? 5.286   9.524   -9.606  1.00 25.60  ? 104 GLU A CD  1 
ATOM   852  O OE1 . GLU A 1 104 ? 5.556   10.577  -8.994  1.00 18.00  ? 104 GLU A OE1 1 
ATOM   853  O OE2 . GLU A 1 104 ? 5.100   9.475   -10.831 1.00 26.56  ? 104 GLU A OE2 1 
ATOM   854  N N   . ALA A 1 105 ? 9.168   6.662   -7.809  1.00 10.20  ? 105 ALA A N   1 
ATOM   855  C CA  . ALA A 1 105 ? 10.583  6.484   -8.133  1.00 14.09  ? 105 ALA A CA  1 
ATOM   856  C C   . ALA A 1 105 ? 10.969  5.015   -7.979  1.00 24.31  ? 105 ALA A C   1 
ATOM   857  O O   . ALA A 1 105 ? 11.678  4.453   -8.818  1.00 17.48  ? 105 ALA A O   1 
ATOM   858  C CB  . ALA A 1 105 ? 11.441  7.355   -7.230  1.00 10.43  ? 105 ALA A CB  1 
ATOM   859  N N   . HIS A 1 106 ? 10.478  4.398   -6.908  1.00 17.01  ? 106 HIS A N   1 
ATOM   860  C CA  . HIS A 1 106 ? 10.736  2.984   -6.626  1.00 15.40  ? 106 HIS A CA  1 
ATOM   861  C C   . HIS A 1 106 ? 10.335  2.098   -7.808  1.00 15.98  ? 106 HIS A C   1 
ATOM   862  O O   . HIS A 1 106 ? 11.071  1.186   -8.190  1.00 16.45  ? 106 HIS A O   1 
ATOM   863  C CB  . HIS A 1 106 ? 9.966   2.577   -5.357  1.00 12.93  ? 106 HIS A CB  1 
ATOM   864  C CG  . HIS A 1 106 ? 9.366   1.205   -5.413  1.00 14.14  ? 106 HIS A CG  1 
ATOM   865  N ND1 . HIS A 1 106 ? 10.087  0.059   -5.151  1.00 18.16  ? 106 HIS A ND1 1 
ATOM   866  C CD2 . HIS A 1 106 ? 8.106   0.799   -5.701  1.00 12.88  ? 106 HIS A CD2 1 
ATOM   867  C CE1 . HIS A 1 106 ? 9.296   -0.994  -5.273  1.00 20.42  ? 106 HIS A CE1 1 
ATOM   868  N NE2 . HIS A 1 106 ? 8.088   -0.573  -5.607  1.00 14.60  ? 106 HIS A NE2 1 
ATOM   869  N N   . LEU A 1 107 ? 9.178   2.369   -8.405  1.00 14.55  ? 107 LEU A N   1 
ATOM   870  C CA  . LEU A 1 107 ? 8.731   1.557   -9.525  1.00 11.45  ? 107 LEU A CA  1 
ATOM   871  C C   . LEU A 1 107 ? 9.703   1.567   -10.703 1.00 21.20  ? 107 LEU A C   1 
ATOM   872  O O   . LEU A 1 107 ? 9.693   0.648   -11.516 1.00 20.41  ? 107 LEU A O   1 
ATOM   873  C CB  . LEU A 1 107 ? 7.354   2.015   -10.003 1.00 15.33  ? 107 LEU A CB  1 
ATOM   874  C CG  . LEU A 1 107 ? 6.210   1.856   -9.000  1.00 15.93  ? 107 LEU A CG  1 
ATOM   875  C CD1 . LEU A 1 107 ? 4.956   2.518   -9.557  1.00 19.54  ? 107 LEU A CD1 1 
ATOM   876  C CD2 . LEU A 1 107 ? 5.974   0.367   -8.718  1.00 13.87  ? 107 LEU A CD2 1 
ATOM   877  N N   . GLN A 1 108 ? 10.541  2.598   -10.781 1.00 18.55  ? 108 GLN A N   1 
ATOM   878  C CA  . GLN A 1 108 ? 11.506  2.739   -11.868 1.00 24.72  ? 108 GLN A CA  1 
ATOM   879  C C   . GLN A 1 108 ? 12.961  2.580   -11.416 1.00 27.66  ? 108 GLN A C   1 
ATOM   880  O O   . GLN A 1 108 ? 13.884  2.876   -12.173 1.00 27.85  ? 108 GLN A O   1 
ATOM   881  C CB  . GLN A 1 108 ? 11.318  4.116   -12.533 1.00 19.31  ? 108 GLN A CB  1 
ATOM   882  C CG  . GLN A 1 108 ? 9.907   4.341   -13.038 1.00 24.21  ? 108 GLN A CG  1 
ATOM   883  C CD  . GLN A 1 108 ? 9.615   5.790   -13.399 1.00 40.36  ? 108 GLN A CD  1 
ATOM   884  O OE1 . GLN A 1 108 ? 10.118  6.310   -14.391 1.00 24.98  ? 108 GLN A OE1 1 
ATOM   885  N NE2 . GLN A 1 108 ? 8.799   6.449   -12.583 1.00 32.98  ? 108 GLN A NE2 1 
ATOM   886  N N   . THR A 1 109 ? 13.173  2.111   -10.189 1.00 19.61  ? 109 THR A N   1 
ATOM   887  C CA  . THR A 1 109 ? 14.537  1.955   -9.685  1.00 20.53  ? 109 THR A CA  1 
ATOM   888  C C   . THR A 1 109 ? 14.922  0.488   -9.474  1.00 26.55  ? 109 THR A C   1 
ATOM   889  O O   . THR A 1 109 ? 14.351  -0.192  -8.623  1.00 16.67  ? 109 THR A O   1 
ATOM   890  C CB  . THR A 1 109 ? 14.725  2.711   -8.347  1.00 29.01  ? 109 THR A CB  1 
ATOM   891  O OG1 . THR A 1 109 ? 14.438  4.104   -8.536  1.00 30.11  ? 109 THR A OG1 1 
ATOM   892  C CG2 . THR A 1 109 ? 16.162  2.561   -7.838  1.00 26.25  ? 109 THR A CG2 1 
ATOM   893  N N   . GLY A 1 110 ? 15.885  0.012   -10.261 1.00 25.14  ? 110 GLY A N   1 
ATOM   894  C CA  . GLY A 1 110 ? 16.359  -1.359  -10.139 1.00 21.71  ? 110 GLY A CA  1 
ATOM   895  C C   . GLY A 1 110 ? 15.553  -2.412  -10.877 1.00 20.09  ? 110 GLY A C   1 
ATOM   896  O O   . GLY A 1 110 ? 14.446  -2.149  -11.353 1.00 20.25  ? 110 GLY A O   1 
ATOM   897  N N   . GLU A 1 111 ? 16.114  -3.613  -10.985 1.00 21.54  ? 111 GLU A N   1 
ATOM   898  C CA  . GLU A 1 111 ? 15.424  -4.716  -11.647 1.00 20.70  ? 111 GLU A CA  1 
ATOM   899  C C   . GLU A 1 111 ? 14.325  -5.210  -10.715 1.00 20.39  ? 111 GLU A C   1 
ATOM   900  O O   . GLU A 1 111 ? 14.235  -4.765  -9.568  1.00 17.45  ? 111 GLU A O   1 
ATOM   901  C CB  . GLU A 1 111 ? 16.396  -5.859  -11.948 1.00 30.08  ? 111 GLU A CB  1 
ATOM   902  C CG  . GLU A 1 111 ? 17.550  -5.473  -12.858 1.00 52.59  ? 111 GLU A CG  1 
ATOM   903  C CD  . GLU A 1 111 ? 17.097  -5.083  -14.255 1.00 59.42  ? 111 GLU A CD  1 
ATOM   904  O OE1 . GLU A 1 111 ? 17.973  -4.839  -15.110 1.00 81.08  ? 111 GLU A OE1 1 
ATOM   905  O OE2 . GLU A 1 111 ? 15.873  -5.018  -14.499 1.00 62.29  ? 111 GLU A OE2 1 
ATOM   906  N N   . LEU A 1 112 ? 13.503  -6.135  -11.197 1.00 20.11  ? 112 LEU A N   1 
ATOM   907  C CA  . LEU A 1 112 ? 12.392  -6.643  -10.397 1.00 21.99  ? 112 LEU A CA  1 
ATOM   908  C C   . LEU A 1 112 ? 12.804  -7.149  -9.022  1.00 19.57  ? 112 LEU A C   1 
ATOM   909  O O   . LEU A 1 112 ? 12.141  -6.868  -8.031  1.00 19.89  ? 112 LEU A O   1 
ATOM   910  C CB  . LEU A 1 112 ? 11.656  -7.757  -11.143 1.00 19.45  ? 112 LEU A CB  1 
ATOM   911  C CG  . LEU A 1 112 ? 10.394  -8.275  -10.441 1.00 18.97  ? 112 LEU A CG  1 
ATOM   912  C CD1 . LEU A 1 112 ? 9.446   -7.101  -10.146 1.00 14.10  ? 112 LEU A CD1 1 
ATOM   913  C CD2 . LEU A 1 112 ? 9.702   -9.317  -11.309 1.00 21.56  ? 112 LEU A CD2 1 
ATOM   914  N N   . ARG A 1 113 ? 13.898  -7.902  -8.971  1.00 19.31  ? 113 ARG A N   1 
ATOM   915  C CA  . ARG A 1 113 ? 14.390  -8.451  -7.716  1.00 15.18  ? 113 ARG A CA  1 
ATOM   916  C C   . ARG A 1 113 ? 14.574  -7.352  -6.677  1.00 16.98  ? 113 ARG A C   1 
ATOM   917  O O   . ARG A 1 113 ? 14.123  -7.485  -5.541  1.00 16.67  ? 113 ARG A O   1 
ATOM   918  C CB  . ARG A 1 113 ? 15.707  -9.186  -7.975  1.00 27.09  ? 113 ARG A CB  1 
ATOM   919  C CG  . ARG A 1 113 ? 16.249  -9.964  -6.809  1.00 26.57  ? 113 ARG A CG  1 
ATOM   920  C CD  . ARG A 1 113 ? 17.509  -10.712 -7.234  1.00 29.43  ? 113 ARG A CD  1 
ATOM   921  N NE  . ARG A 1 113 ? 18.266  -11.174 -6.078  1.00 28.43  ? 113 ARG A NE  1 
ATOM   922  C CZ  . ARG A 1 113 ? 18.363  -12.442 -5.694  1.00 24.82  ? 113 ARG A CZ  1 
ATOM   923  N NH1 . ARG A 1 113 ? 17.748  -13.410 -6.375  1.00 24.22  ? 113 ARG A NH1 1 
ATOM   924  N NH2 . ARG A 1 113 ? 19.078  -12.740 -4.621  1.00 29.04  ? 113 ARG A NH2 1 
ATOM   925  N N   . ALA A 1 114 ? 15.232  -6.261  -7.057  1.00 15.84  ? 114 ALA A N   1 
ATOM   926  C CA  . ALA A 1 114 ? 15.439  -5.158  -6.123  1.00 14.50  ? 114 ALA A CA  1 
ATOM   927  C C   . ALA A 1 114 ? 14.107  -4.508  -5.739  1.00 14.01  ? 114 ALA A C   1 
ATOM   928  O O   . ALA A 1 114 ? 13.894  -4.169  -4.580  1.00 15.18  ? 114 ALA A O   1 
ATOM   929  C CB  . ALA A 1 114 ? 16.375  -4.107  -6.733  1.00 16.76  ? 114 ALA A CB  1 
ATOM   930  N N   . ARG A 1 115 ? 13.218  -4.319  -6.714  1.00 12.77  ? 115 ARG A N   1 
ATOM   931  C CA  . ARG A 1 115 ? 11.915  -3.713  -6.436  1.00 13.66  ? 115 ARG A CA  1 
ATOM   932  C C   . ARG A 1 115 ? 11.076  -4.551  -5.467  1.00 13.65  ? 115 ARG A C   1 
ATOM   933  O O   . ARG A 1 115 ? 10.379  -4.014  -4.597  1.00 12.09  ? 115 ARG A O   1 
ATOM   934  C CB  . ARG A 1 115 ? 11.149  -3.490  -7.744  1.00 19.51  ? 115 ARG A CB  1 
ATOM   935  C CG  . ARG A 1 115 ? 11.914  -2.617  -8.739  1.00 17.83  ? 115 ARG A CG  1 
ATOM   936  C CD  . ARG A 1 115 ? 10.980  -1.912  -9.731  1.00 15.11  ? 115 ARG A CD  1 
ATOM   937  N NE  . ARG A 1 115 ? 10.190  -2.810  -10.569 1.00 17.52  ? 115 ARG A NE  1 
ATOM   938  C CZ  . ARG A 1 115 ? 10.629  -3.428  -11.664 1.00 17.77  ? 115 ARG A CZ  1 
ATOM   939  N NH1 . ARG A 1 115 ? 11.881  -3.267  -12.079 1.00 22.27  ? 115 ARG A NH1 1 
ATOM   940  N NH2 . ARG A 1 115 ? 9.798   -4.185  -12.366 1.00 20.72  ? 115 ARG A NH2 1 
ATOM   941  N N   . ILE A 1 116 ? 11.141  -5.869  -5.616  1.00 14.68  ? 116 ILE A N   1 
ATOM   942  C CA  . ILE A 1 116 ? 10.398  -6.766  -4.729  1.00 15.53  ? 116 ILE A CA  1 
ATOM   943  C C   . ILE A 1 116 ? 10.962  -6.701  -3.308  1.00 15.75  ? 116 ILE A C   1 
ATOM   944  O O   . ILE A 1 116 ? 10.215  -6.589  -2.340  1.00 11.89  ? 116 ILE A O   1 
ATOM   945  C CB  . ILE A 1 116 ? 10.459  -8.213  -5.253  1.00 17.06  ? 116 ILE A CB  1 
ATOM   946  C CG1 . ILE A 1 116 ? 9.603   -8.321  -6.523  1.00 12.86  ? 116 ILE A CG1 1 
ATOM   947  C CG2 . ILE A 1 116 ? 9.981   -9.183  -4.190  1.00 14.77  ? 116 ILE A CG2 1 
ATOM   948  C CD1 . ILE A 1 116 ? 9.685   -9.667  -7.200  1.00 17.45  ? 116 ILE A CD1 1 
ATOM   949  N N   . ALA A 1 117 ? 12.285  -6.773  -3.188  1.00 15.93  ? 117 ALA A N   1 
ATOM   950  C CA  . ALA A 1 117 ? 12.919  -6.692  -1.878  1.00 16.94  ? 117 ALA A CA  1 
ATOM   951  C C   . ALA A 1 117 ? 12.545  -5.370  -1.213  1.00 18.88  ? 117 ALA A C   1 
ATOM   952  O O   . ALA A 1 117 ? 12.221  -5.329  -0.029  1.00 15.82  ? 117 ALA A O   1 
ATOM   953  C CB  . ALA A 1 117 ? 14.446  -6.796  -2.023  1.00 15.57  ? 117 ALA A CB  1 
ATOM   954  N N   . ARG A 1 118 ? 12.573  -4.285  -1.986  1.00 14.38  ? 118 ARG A N   1 
ATOM   955  C CA  . ARG A 1 118 ? 12.257  -2.972  -1.447  1.00 15.23  ? 118 ARG A CA  1 
ATOM   956  C C   . ARG A 1 118 ? 10.810  -2.891  -0.977  1.00 11.49  ? 118 ARG A C   1 
ATOM   957  O O   . ARG A 1 118 ? 10.522  -2.317  0.076   1.00 13.01  ? 118 ARG A O   1 
ATOM   958  C CB  . ARG A 1 118 ? 12.533  -1.891  -2.507  1.00 15.81  ? 118 ARG A CB  1 
ATOM   959  C CG  . ARG A 1 118 ? 12.592  -0.461  -1.962  1.00 16.71  ? 118 ARG A CG  1 
ATOM   960  C CD  . ARG A 1 118 ? 12.835  0.545   -3.094  1.00 17.00  ? 118 ARG A CD  1 
ATOM   961  N NE  . ARG A 1 118 ? 14.058  0.247   -3.837  1.00 18.38  ? 118 ARG A NE  1 
ATOM   962  C CZ  . ARG A 1 118 ? 14.109  0.017   -5.145  1.00 21.24  ? 118 ARG A CZ  1 
ATOM   963  N NH1 . ARG A 1 118 ? 13.000  0.047   -5.877  1.00 19.20  ? 118 ARG A NH1 1 
ATOM   964  N NH2 . ARG A 1 118 ? 15.276  -0.243  -5.724  1.00 19.98  ? 118 ARG A NH2 1 
ATOM   965  N N   . TYR A 1 119 ? 9.895   -3.459  -1.757  1.00 11.81  ? 119 TYR A N   1 
ATOM   966  C CA  . TYR A 1 119 ? 8.488   -3.423  -1.400  1.00 10.04  ? 119 TYR A CA  1 
ATOM   967  C C   . TYR A 1 119 ? 8.221   -4.276  -0.154  1.00 13.10  ? 119 TYR A C   1 
ATOM   968  O O   . TYR A 1 119 ? 7.456   -3.884  0.728   1.00 13.44  ? 119 TYR A O   1 
ATOM   969  C CB  . TYR A 1 119 ? 7.626   -3.922  -2.572  1.00 9.48   ? 119 TYR A CB  1 
ATOM   970  C CG  . TYR A 1 119 ? 6.143   -3.793  -2.312  1.00 10.79  ? 119 TYR A CG  1 
ATOM   971  C CD1 . TYR A 1 119 ? 5.600   -2.583  -1.881  1.00 10.56  ? 119 TYR A CD1 1 
ATOM   972  C CD2 . TYR A 1 119 ? 5.280   -4.873  -2.510  1.00 12.30  ? 119 TYR A CD2 1 
ATOM   973  C CE1 . TYR A 1 119 ? 4.229   -2.441  -1.651  1.00 11.30  ? 119 TYR A CE1 1 
ATOM   974  C CE2 . TYR A 1 119 ? 3.905   -4.742  -2.290  1.00 13.16  ? 119 TYR A CE2 1 
ATOM   975  C CZ  . TYR A 1 119 ? 3.390   -3.524  -1.865  1.00 10.45  ? 119 TYR A CZ  1 
ATOM   976  O OH  . TYR A 1 119 ? 2.038   -3.377  -1.687  1.00 12.81  ? 119 TYR A OH  1 
ATOM   977  N N   . LEU A 1 120 ? 8.856   -5.442  -0.072  1.00 13.28  ? 120 LEU A N   1 
ATOM   978  C CA  . LEU A 1 120 ? 8.653   -6.292  1.101   1.00 13.08  ? 120 LEU A CA  1 
ATOM   979  C C   . LEU A 1 120 ? 9.131   -5.561  2.359   1.00 13.09  ? 120 LEU A C   1 
ATOM   980  O O   . LEU A 1 120 ? 8.457   -5.574  3.387   1.00 12.47  ? 120 LEU A O   1 
ATOM   981  C CB  . LEU A 1 120 ? 9.409   -7.617  0.940   1.00 13.46  ? 120 LEU A CB  1 
ATOM   982  C CG  . LEU A 1 120 ? 8.871   -8.591  -0.115  1.00 14.91  ? 120 LEU A CG  1 
ATOM   983  C CD1 . LEU A 1 120 ? 9.829   -9.778  -0.265  1.00 16.78  ? 120 LEU A CD1 1 
ATOM   984  C CD2 . LEU A 1 120 ? 7.470   -9.056  0.295   1.00 16.17  ? 120 LEU A CD2 1 
ATOM   985  N N   . LEU A 1 121 ? 10.289  -4.908  2.276   1.00 12.22  ? 121 LEU A N   1 
ATOM   986  C CA  . LEU A 1 121 ? 10.821  -4.175  3.425   1.00 14.01  ? 121 LEU A CA  1 
ATOM   987  C C   . LEU A 1 121 ? 9.904   -2.998  3.792   1.00 21.00  ? 121 LEU A C   1 
ATOM   988  O O   . LEU A 1 121 ? 9.747   -2.664  4.966   1.00 13.51  ? 121 LEU A O   1 
ATOM   989  C CB  . LEU A 1 121 ? 12.246  -3.695  3.124   1.00 16.11  ? 121 LEU A CB  1 
ATOM   990  C CG  . LEU A 1 121 ? 13.277  -4.820  2.964   1.00 21.77  ? 121 LEU A CG  1 
ATOM   991  C CD1 . LEU A 1 121 ? 14.551  -4.264  2.369   1.00 22.84  ? 121 LEU A CD1 1 
ATOM   992  C CD2 . LEU A 1 121 ? 13.536  -5.475  4.315   1.00 23.03  ? 121 LEU A CD2 1 
ATOM   993  N N   . PHE A 1 122 ? 9.287   -2.385  2.787   1.00 15.22  ? 122 PHE A N   1 
ATOM   994  C CA  . PHE A 1 122 ? 8.354   -1.283  3.022   1.00 13.33  ? 122 PHE A CA  1 
ATOM   995  C C   . PHE A 1 122 ? 7.153   -1.818  3.796   1.00 13.74  ? 122 PHE A C   1 
ATOM   996  O O   . PHE A 1 122 ? 6.737   -1.242  4.796   1.00 15.38  ? 122 PHE A O   1 
ATOM   997  C CB  . PHE A 1 122 ? 7.867   -0.693  1.685   1.00 17.32  ? 122 PHE A CB  1 
ATOM   998  C CG  . PHE A 1 122 ? 6.601   0.119   1.802   1.00 16.39  ? 122 PHE A CG  1 
ATOM   999  C CD1 . PHE A 1 122 ? 6.613   1.378   2.399   1.00 15.54  ? 122 PHE A CD1 1 
ATOM   1000 C CD2 . PHE A 1 122 ? 5.389   -0.393  1.344   1.00 14.85  ? 122 PHE A CD2 1 
ATOM   1001 C CE1 . PHE A 1 122 ? 5.435   2.115   2.545   1.00 28.18  ? 122 PHE A CE1 1 
ATOM   1002 C CE2 . PHE A 1 122 ? 4.204   0.331   1.482   1.00 17.56  ? 122 PHE A CE2 1 
ATOM   1003 C CZ  . PHE A 1 122 ? 4.226   1.590   2.087   1.00 24.55  ? 122 PHE A CZ  1 
ATOM   1004 N N   . LEU A 1 123 ? 6.610   -2.944  3.338   1.00 12.20  ? 123 LEU A N   1 
ATOM   1005 C CA  . LEU A 1 123 ? 5.449   -3.535  3.987   1.00 10.87  ? 123 LEU A CA  1 
ATOM   1006 C C   . LEU A 1 123 ? 5.749   -3.956  5.427   1.00 16.61  ? 123 LEU A C   1 
ATOM   1007 O O   . LEU A 1 123 ? 4.852   -3.975  6.268   1.00 14.83  ? 123 LEU A O   1 
ATOM   1008 C CB  . LEU A 1 123 ? 4.938   -4.746  3.197   1.00 11.55  ? 123 LEU A CB  1 
ATOM   1009 C CG  . LEU A 1 123 ? 4.309   -4.459  1.825   1.00 10.94  ? 123 LEU A CG  1 
ATOM   1010 C CD1 . LEU A 1 123 ? 3.815   -5.766  1.181   1.00 9.72   ? 123 LEU A CD1 1 
ATOM   1011 C CD2 . LEU A 1 123 ? 3.154   -3.482  1.992   1.00 11.24  ? 123 LEU A CD2 1 
ATOM   1012 N N   . ALA A 1 124 ? 7.006   -4.287  5.700   1.00 18.24  ? 124 ALA A N   1 
ATOM   1013 C CA  . ALA A 1 124 ? 7.408   -4.706  7.041   1.00 19.85  ? 124 ALA A CA  1 
ATOM   1014 C C   . ALA A 1 124 ? 7.138   -3.604  8.073   1.00 29.19  ? 124 ALA A C   1 
ATOM   1015 O O   . ALA A 1 124 ? 7.047   -3.875  9.271   1.00 20.85  ? 124 ALA A O   1 
ATOM   1016 C CB  . ALA A 1 124 ? 8.881   -5.076  7.044   1.00 19.97  ? 124 ALA A CB  1 
ATOM   1017 N N   . ASP A 1 125 ? 7.019   -2.362  7.607   1.00 15.19  ? 125 ASP A N   1 
ATOM   1018 C CA  . ASP A 1 125 ? 6.741   -1.229  8.492   1.00 17.43  ? 125 ASP A CA  1 
ATOM   1019 C C   . ASP A 1 125 ? 5.290   -0.751  8.440   1.00 26.68  ? 125 ASP A C   1 
ATOM   1020 O O   . ASP A 1 125 ? 5.000   0.384   8.821   1.00 25.31  ? 125 ASP A O   1 
ATOM   1021 C CB  . ASP A 1 125 ? 7.651   -0.042  8.152   1.00 27.64  ? 125 ASP A CB  1 
ATOM   1022 C CG  . ASP A 1 125 ? 9.112   -0.326  8.429   1.00 44.72  ? 125 ASP A CG  1 
ATOM   1023 O OD1 . ASP A 1 125 ? 9.433   -0.728  9.567   1.00 53.41  ? 125 ASP A OD1 1 
ATOM   1024 O OD2 . ASP A 1 125 ? 9.936   -0.142  7.509   1.00 76.32  ? 125 ASP A OD2 1 
ATOM   1025 N N   . THR A 1 126 ? 4.385   -1.601  7.965   1.00 18.76  ? 126 THR A N   1 
ATOM   1026 C CA  . THR A 1 126 ? 2.965   -1.243  7.873   1.00 15.45  ? 126 THR A CA  1 
ATOM   1027 C C   . THR A 1 126 ? 2.126   -2.229  8.687   1.00 17.42  ? 126 THR A C   1 
ATOM   1028 O O   . THR A 1 126 ? 2.656   -3.191  9.245   1.00 17.38  ? 126 THR A O   1 
ATOM   1029 C CB  . THR A 1 126 ? 2.455   -1.313  6.414   1.00 19.52  ? 126 THR A CB  1 
ATOM   1030 O OG1 . THR A 1 126 ? 2.397   -2.684  5.997   1.00 20.24  ? 126 THR A OG1 1 
ATOM   1031 C CG2 . THR A 1 126 ? 3.377   -0.545  5.486   1.00 20.91  ? 126 THR A CG2 1 
ATOM   1032 N N   . PRO A 1 127 ? 0.802   -1.997  8.765   1.00 17.80  ? 127 PRO A N   1 
ATOM   1033 C CA  . PRO A 1 127 ? -0.104  -2.880  9.510   1.00 24.32  ? 127 PRO A CA  1 
ATOM   1034 C C   . PRO A 1 127 ? -0.178  -4.282  8.913   1.00 25.12  ? 127 PRO A C   1 
ATOM   1035 O O   . PRO A 1 127 ? -0.799  -5.172  9.485   1.00 19.14  ? 127 PRO A O   1 
ATOM   1036 C CB  . PRO A 1 127 ? -1.445  -2.156  9.414   1.00 22.58  ? 127 PRO A CB  1 
ATOM   1037 C CG  . PRO A 1 127 ? -1.033  -0.720  9.392   1.00 19.55  ? 127 PRO A CG  1 
ATOM   1038 C CD  . PRO A 1 127 ? 0.120   -0.732  8.427   1.00 19.72  ? 127 PRO A CD  1 
ATOM   1039 N N   . LEU A 1 128 ? 0.450   -4.472  7.758   1.00 20.04  ? 128 LEU A N   1 
ATOM   1040 C CA  . LEU A 1 128 ? 0.445   -5.767  7.086   1.00 25.64  ? 128 LEU A CA  1 
ATOM   1041 C C   . LEU A 1 128 ? 1.510   -6.677  7.696   1.00 25.08  ? 128 LEU A C   1 
ATOM   1042 O O   . LEU A 1 128 ? 1.557   -7.874  7.417   1.00 31.64  ? 128 LEU A O   1 
ATOM   1043 C CB  . LEU A 1 128 ? 0.722   -5.560  5.588   1.00 28.41  ? 128 LEU A CB  1 
ATOM   1044 C CG  . LEU A 1 128 ? -0.010  -6.420  4.561   1.00 46.06  ? 128 LEU A CG  1 
ATOM   1045 C CD1 . LEU A 1 128 ? -1.478  -6.483  4.902   1.00 40.18  ? 128 LEU A CD1 1 
ATOM   1046 C CD2 . LEU A 1 128 ? 0.177   -5.837  3.172   1.00 23.64  ? 128 LEU A CD2 1 
ATOM   1047 N N   . SER A 1 129 ? 2.355   -6.108  8.547   1.00 23.35  ? 129 SER A N   1 
ATOM   1048 C CA  . SER A 1 129 ? 3.437   -6.873  9.154   1.00 21.83  ? 129 SER A CA  1 
ATOM   1049 C C   . SER A 1 129 ? 3.106   -7.406  10.542  1.00 31.49  ? 129 SER A C   1 
ATOM   1050 O O   . SER A 1 129 ? 2.248   -6.878  11.243  1.00 20.18  ? 129 SER A O   1 
ATOM   1051 C CB  . SER A 1 129 ? 4.693   -6.015  9.253   1.00 23.40  ? 129 SER A CB  1 
ATOM   1052 O OG  . SER A 1 129 ? 4.530   -5.019  10.253  1.00 29.91  ? 129 SER A OG  1 
ATOM   1053 N N   . ALA A 1 130 ? 3.819   -8.456  10.927  1.00 24.41  ? 130 ALA A N   1 
ATOM   1054 C CA  . ALA A 1 130 ? 3.650   -9.081  12.231  1.00 24.36  ? 130 ALA A CA  1 
ATOM   1055 C C   . ALA A 1 130 ? 4.907   -9.896  12.491  1.00 34.95  ? 130 ALA A C   1 
ATOM   1056 O O   . ALA A 1 130 ? 5.822   -9.918  11.663  1.00 23.11  ? 130 ALA A O   1 
ATOM   1057 C CB  . ALA A 1 130 ? 2.429   -9.974  12.223  1.00 22.57  ? 130 ALA A CB  1 
ATOM   1058 N N   . ARG A 1 131 ? 4.959   -10.566 13.636  1.00 31.00  ? 131 ARG A N   1 
ATOM   1059 C CA  . ARG A 1 131 ? 6.123   -11.371 13.970  1.00 30.24  ? 131 ARG A CA  1 
ATOM   1060 C C   . ARG A 1 131 ? 5.745   -12.593 14.798  1.00 42.48  ? 131 ARG A C   1 
ATOM   1061 O O   . ARG A 1 131 ? 4.749   -12.587 15.521  1.00 34.76  ? 131 ARG A O   1 
ATOM   1062 C CB  . ARG A 1 131 ? 7.137   -10.530 14.754  1.00 35.00  ? 131 ARG A CB  1 
ATOM   1063 C CG  . ARG A 1 131 ? 8.342   -11.312 15.256  1.00 55.55  ? 131 ARG A CG  1 
ATOM   1064 C CD  . ARG A 1 131 ? 9.043   -10.582 16.394  1.00 56.61  ? 131 ARG A CD  1 
ATOM   1065 N NE  . ARG A 1 131 ? 9.676   -9.341  15.959  1.00 72.81  ? 131 ARG A NE  1 
ATOM   1066 C CZ  . ARG A 1 131 ? 10.796  -9.282  15.246  1.00 79.26  ? 131 ARG A CZ  1 
ATOM   1067 N NH1 . ARG A 1 131 ? 11.413  -10.401 14.885  1.00 71.88  ? 131 ARG A NH1 1 
ATOM   1068 N NH2 . ARG A 1 131 ? 11.300  -8.106  14.893  1.00 70.63  ? 131 ARG A NH2 1 
ATOM   1069 N N   . ASP A 1 132 ? 6.536   -13.650 14.661  1.00 42.94  ? 132 ASP A N   1 
ATOM   1070 C CA  . ASP A 1 132 ? 6.333   -14.868 15.437  1.00 42.16  ? 132 ASP A CA  1 
ATOM   1071 C C   . ASP A 1 132 ? 7.695   -15.520 15.621  1.00 45.59  ? 132 ASP A C   1 
ATOM   1072 O O   . ASP A 1 132 ? 8.724   -14.873 15.407  1.00 38.00  ? 132 ASP A O   1 
ATOM   1073 C CB  . ASP A 1 132 ? 5.353   -15.831 14.753  1.00 34.02  ? 132 ASP A CB  1 
ATOM   1074 C CG  . ASP A 1 132 ? 5.857   -16.354 13.422  1.00 34.04  ? 132 ASP A CG  1 
ATOM   1075 O OD1 . ASP A 1 132 ? 7.085   -16.363 13.188  1.00 28.63  ? 132 ASP A OD1 1 
ATOM   1076 O OD2 . ASP A 1 132 ? 5.008   -16.783 12.614  1.00 27.98  ? 132 ASP A OD2 1 
ATOM   1077 N N   . ARG A 1 133 ? 7.714   -16.788 16.018  1.00 45.91  ? 133 ARG A N   1 
ATOM   1078 C CA  . ARG A 1 133 ? 8.981   -17.475 16.224  1.00 48.00  ? 133 ARG A CA  1 
ATOM   1079 C C   . ARG A 1 133 ? 9.805   -17.586 14.942  1.00 40.06  ? 133 ARG A C   1 
ATOM   1080 O O   . ARG A 1 133 ? 11.022  -17.412 14.971  1.00 46.05  ? 133 ARG A O   1 
ATOM   1081 C CB  . ARG A 1 133 ? 8.755   -18.873 16.811  1.00 50.50  ? 133 ARG A CB  1 
ATOM   1082 C CG  . ARG A 1 133 ? 10.057  -19.624 17.049  1.00 76.27  ? 133 ARG A CG  1 
ATOM   1083 C CD  . ARG A 1 133 ? 9.855   -20.934 17.789  1.00 87.43  ? 133 ARG A CD  1 
ATOM   1084 N NE  . ARG A 1 133 ? 11.106  -21.684 17.895  1.00 105.89 ? 133 ARG A NE  1 
ATOM   1085 C CZ  . ARG A 1 133 ? 12.203  -21.240 18.504  1.00 107.33 ? 133 ARG A CZ  1 
ATOM   1086 N NH1 . ARG A 1 133 ? 12.215  -20.042 19.073  1.00 107.52 ? 133 ARG A NH1 1 
ATOM   1087 N NH2 . ARG A 1 133 ? 13.294  -21.995 18.540  1.00 105.84 ? 133 ARG A NH2 1 
ATOM   1088 N N   . GLN A 1 134 ? 9.145   -17.878 13.824  1.00 37.71  ? 134 GLN A N   1 
ATOM   1089 C CA  . GLN A 1 134 ? 9.843   -18.009 12.546  1.00 35.00  ? 134 GLN A CA  1 
ATOM   1090 C C   . GLN A 1 134 ? 10.471  -16.674 12.141  1.00 44.97  ? 134 GLN A C   1 
ATOM   1091 O O   . GLN A 1 134 ? 11.428  -16.639 11.361  1.00 36.52  ? 134 GLN A O   1 
ATOM   1092 C CB  . GLN A 1 134 ? 8.874   -18.509 11.459  1.00 42.15  ? 134 GLN A CB  1 
ATOM   1093 C CG  . GLN A 1 134 ? 9.500   -18.742 10.073  1.00 59.78  ? 134 GLN A CG  1 
ATOM   1094 C CD  . GLN A 1 134 ? 10.458  -19.936 10.008  1.00 76.57  ? 134 GLN A CD  1 
ATOM   1095 O OE1 . GLN A 1 134 ? 10.045  -21.105 10.077  1.00 39.81  ? 134 GLN A OE1 1 
ATOM   1096 N NE2 . GLN A 1 134 ? 11.748  -19.641 9.870   1.00 58.28  ? 134 GLN A NE2 1 
ATOM   1097 N N   . GLY A 1 135 ? 9.933   -15.577 12.675  1.00 42.08  ? 135 GLY A N   1 
ATOM   1098 C CA  . GLY A 1 135 ? 10.472  -14.263 12.368  1.00 35.46  ? 135 GLY A CA  1 
ATOM   1099 C C   . GLY A 1 135 ? 9.457   -13.227 11.917  1.00 31.08  ? 135 GLY A C   1 
ATOM   1100 O O   . GLY A 1 135 ? 8.250   -13.407 12.079  1.00 30.64  ? 135 GLY A O   1 
ATOM   1101 N N   . ILE A 1 136 ? 9.959   -12.129 11.358  1.00 27.75  ? 136 ILE A N   1 
ATOM   1102 C CA  . ILE A 1 136 ? 9.105   -11.052 10.860  1.00 26.50  ? 136 ILE A CA  1 
ATOM   1103 C C   . ILE A 1 136 ? 8.473   -11.488 9.547   1.00 20.00  ? 136 ILE A C   1 
ATOM   1104 O O   . ILE A 1 136 ? 9.126   -12.130 8.722   1.00 22.92  ? 136 ILE A O   1 
ATOM   1105 C CB  . ILE A 1 136 ? 9.918   -9.766  10.579  1.00 31.84  ? 136 ILE A CB  1 
ATOM   1106 C CG1 . ILE A 1 136 ? 10.541  -9.245  11.875  1.00 50.92  ? 136 ILE A CG1 1 
ATOM   1107 C CG2 . ILE A 1 136 ? 9.020   -8.701  9.953   1.00 38.69  ? 136 ILE A CG2 1 
ATOM   1108 C CD1 . ILE A 1 136 ? 11.445  -8.045  11.680  1.00 58.34  ? 136 ILE A CD1 1 
ATOM   1109 N N   . TYR A 1 137 ? 7.208   -11.144 9.349   1.00 16.61  ? 137 TYR A N   1 
ATOM   1110 C CA  . TYR A 1 137 ? 6.548   -11.487 8.101   1.00 23.73  ? 137 TYR A CA  1 
ATOM   1111 C C   . TYR A 1 137 ? 5.519   -10.443 7.682   1.00 22.51  ? 137 TYR A C   1 
ATOM   1112 O O   . TYR A 1 137 ? 5.105   -9.604  8.482   1.00 21.40  ? 137 TYR A O   1 
ATOM   1113 C CB  . TYR A 1 137 ? 5.876   -12.857 8.207   1.00 23.80  ? 137 TYR A CB  1 
ATOM   1114 C CG  . TYR A 1 137 ? 4.708   -12.936 9.173   1.00 20.25  ? 137 TYR A CG  1 
ATOM   1115 C CD1 . TYR A 1 137 ? 3.424   -12.556 8.781   1.00 14.03  ? 137 TYR A CD1 1 
ATOM   1116 C CD2 . TYR A 1 137 ? 4.882   -13.438 10.464  1.00 32.05  ? 137 TYR A CD2 1 
ATOM   1117 C CE1 . TYR A 1 137 ? 2.340   -12.681 9.645   1.00 26.15  ? 137 TYR A CE1 1 
ATOM   1118 C CE2 . TYR A 1 137 ? 3.804   -13.568 11.339  1.00 30.69  ? 137 TYR A CE2 1 
ATOM   1119 C CZ  . TYR A 1 137 ? 2.538   -13.190 10.922  1.00 29.02  ? 137 TYR A CZ  1 
ATOM   1120 O OH  . TYR A 1 137 ? 1.468   -13.334 11.774  1.00 32.14  ? 137 TYR A OH  1 
ATOM   1121 N N   . VAL A 1 138 ? 5.126   -10.506 6.415   1.00 17.02  ? 138 VAL A N   1 
ATOM   1122 C CA  . VAL A 1 138 ? 4.120   -9.608  5.868   1.00 21.58  ? 138 VAL A CA  1 
ATOM   1123 C C   . VAL A 1 138 ? 3.080   -10.461 5.157   1.00 16.78  ? 138 VAL A C   1 
ATOM   1124 O O   . VAL A 1 138 ? 3.411   -11.413 4.446   1.00 17.83  ? 138 VAL A O   1 
ATOM   1125 C CB  . VAL A 1 138 ? 4.737   -8.576  4.886   1.00 19.45  ? 138 VAL A CB  1 
ATOM   1126 C CG1 . VAL A 1 138 ? 5.646   -7.624  5.653   1.00 23.63  ? 138 VAL A CG1 1 
ATOM   1127 C CG2 . VAL A 1 138 ? 5.512   -9.279  3.793   1.00 20.27  ? 138 VAL A CG2 1 
ATOM   1128 N N   . THR A 1 139 ? 1.815   -10.136 5.373   1.00 15.05  ? 139 THR A N   1 
ATOM   1129 C CA  . THR A 1 139 ? 0.739   -10.884 4.765   1.00 15.63  ? 139 THR A CA  1 
ATOM   1130 C C   . THR A 1 139 ? 0.398   -10.174 3.472   1.00 30.58  ? 139 THR A C   1 
ATOM   1131 O O   . THR A 1 139 ? -0.256  -9.133  3.485   1.00 25.58  ? 139 THR A O   1 
ATOM   1132 C CB  . THR A 1 139 ? -0.490  -10.922 5.678   1.00 27.66  ? 139 THR A CB  1 
ATOM   1133 O OG1 . THR A 1 139 ? -0.145  -11.572 6.910   1.00 29.29  ? 139 THR A OG1 1 
ATOM   1134 C CG2 . THR A 1 139 ? -1.625  -11.668 5.001   1.00 28.56  ? 139 THR A CG2 1 
ATOM   1135 N N   . VAL A 1 140 ? 0.861   -10.741 2.365   1.00 18.73  ? 140 VAL A N   1 
ATOM   1136 C CA  . VAL A 1 140 ? 0.644   -10.153 1.048   1.00 20.80  ? 140 VAL A CA  1 
ATOM   1137 C C   . VAL A 1 140 ? 0.713   -11.250 -0.007  1.00 25.23  ? 140 VAL A C   1 
ATOM   1138 O O   . VAL A 1 140 ? 1.443   -12.230 0.149   1.00 18.38  ? 140 VAL A O   1 
ATOM   1139 C CB  . VAL A 1 140 ? 1.721   -9.070  0.759   1.00 19.62  ? 140 VAL A CB  1 
ATOM   1140 C CG1 . VAL A 1 140 ? 3.105   -9.712  0.653   1.00 21.47  ? 140 VAL A CG1 1 
ATOM   1141 C CG2 . VAL A 1 140 ? 1.376   -8.300  -0.513  1.00 18.87  ? 140 VAL A CG2 1 
ATOM   1142 N N   . SER A 1 141 ? -0.053  -11.085 -1.079  1.00 15.23  ? 141 SER A N   1 
ATOM   1143 C CA  . SER A 1 141 ? -0.091  -12.070 -2.156  1.00 18.58  ? 141 SER A CA  1 
ATOM   1144 C C   . SER A 1 141 ? 0.913   -11.750 -3.262  1.00 19.62  ? 141 SER A C   1 
ATOM   1145 O O   . SER A 1 141 ? 1.390   -10.617 -3.371  1.00 15.87  ? 141 SER A O   1 
ATOM   1146 C CB  . SER A 1 141 ? -1.500  -12.112 -2.753  1.00 23.21  ? 141 SER A CB  1 
ATOM   1147 O OG  . SER A 1 141 ? -1.775  -10.892 -3.429  1.00 17.36  ? 141 SER A OG  1 
ATOM   1148 N N   . HIS A 1 142 ? 1.232   -12.739 -4.090  1.00 13.98  ? 142 HIS A N   1 
ATOM   1149 C CA  . HIS A 1 142 ? 2.168   -12.499 -5.187  1.00 15.73  ? 142 HIS A CA  1 
ATOM   1150 C C   . HIS A 1 142 ? 1.591   -11.421 -6.111  1.00 14.20  ? 142 HIS A C   1 
ATOM   1151 O O   . HIS A 1 142 ? 2.326   -10.583 -6.631  1.00 16.70  ? 142 HIS A O   1 
ATOM   1152 C CB  . HIS A 1 142 ? 2.414   -13.775 -5.997  1.00 15.65  ? 142 HIS A CB  1 
ATOM   1153 C CG  . HIS A 1 142 ? 3.111   -14.860 -5.232  1.00 17.46  ? 142 HIS A CG  1 
ATOM   1154 N ND1 . HIS A 1 142 ? 3.752   -15.913 -5.852  1.00 21.86  ? 142 HIS A ND1 1 
ATOM   1155 C CD2 . HIS A 1 142 ? 3.236   -15.076 -3.901  1.00 19.86  ? 142 HIS A CD2 1 
ATOM   1156 C CE1 . HIS A 1 142 ? 4.240   -16.732 -4.935  1.00 24.79  ? 142 HIS A CE1 1 
ATOM   1157 N NE2 . HIS A 1 142 ? 3.939   -16.246 -3.742  1.00 17.96  ? 142 HIS A NE2 1 
ATOM   1158 N N   . GLU A 1 143 ? 0.275   -11.456 -6.314  1.00 17.87  ? 143 GLU A N   1 
ATOM   1159 C CA  . GLU A 1 143 ? -0.380  -10.469 -7.176  1.00 23.82  ? 143 GLU A CA  1 
ATOM   1160 C C   . GLU A 1 143 ? -0.234  -9.053  -6.622  1.00 15.50  ? 143 GLU A C   1 
ATOM   1161 O O   . GLU A 1 143 ? 0.062   -8.122  -7.363  1.00 15.82  ? 143 GLU A O   1 
ATOM   1162 C CB  . GLU A 1 143 ? -1.864  -10.803 -7.337  1.00 20.88  ? 143 GLU A CB  1 
ATOM   1163 C CG  . GLU A 1 143 ? -2.631  -9.832  -8.227  1.00 35.93  ? 143 GLU A CG  1 
ATOM   1164 C CD  . GLU A 1 143 ? -2.167  -9.862  -9.676  1.00 53.10  ? 143 GLU A CD  1 
ATOM   1165 O OE1 . GLU A 1 143 ? -2.146  -10.960 -10.271 1.00 44.76  ? 143 GLU A OE1 1 
ATOM   1166 O OE2 . GLU A 1 143 ? -1.828  -8.790  -10.222 1.00 58.82  ? 143 GLU A OE2 1 
ATOM   1167 N N   . GLU A 1 144 ? -0.450  -8.885  -5.318  1.00 14.68  ? 144 GLU A N   1 
ATOM   1168 C CA  . GLU A 1 144 ? -0.321  -7.559  -4.712  1.00 11.61  ? 144 GLU A CA  1 
ATOM   1169 C C   . GLU A 1 144 ? 1.112   -7.045  -4.845  1.00 12.20  ? 144 GLU A C   1 
ATOM   1170 O O   . GLU A 1 144 ? 1.337   -5.845  -5.005  1.00 13.12  ? 144 GLU A O   1 
ATOM   1171 C CB  . GLU A 1 144 ? -0.754  -7.605  -3.243  1.00 15.67  ? 144 GLU A CB  1 
ATOM   1172 C CG  . GLU A 1 144 ? -2.251  -7.829  -3.079  1.00 18.81  ? 144 GLU A CG  1 
ATOM   1173 C CD  . GLU A 1 144 ? -2.647  -8.123  -1.646  1.00 25.44  ? 144 GLU A CD  1 
ATOM   1174 O OE1 . GLU A 1 144 ? -1.990  -8.977  -1.010  1.00 23.34  ? 144 GLU A OE1 1 
ATOM   1175 O OE2 . GLU A 1 144 ? -3.613  -7.505  -1.154  1.00 36.37  ? 144 GLU A OE2 1 
ATOM   1176 N N   . ILE A 1 145 ? 2.088   -7.945  -4.772  1.00 12.53  ? 145 ILE A N   1 
ATOM   1177 C CA  . ILE A 1 145 ? 3.481   -7.530  -4.935  1.00 12.15  ? 145 ILE A CA  1 
ATOM   1178 C C   . ILE A 1 145 ? 3.675   -7.066  -6.391  1.00 15.74  ? 145 ILE A C   1 
ATOM   1179 O O   . ILE A 1 145 ? 4.309   -6.037  -6.647  1.00 12.75  ? 145 ILE A O   1 
ATOM   1180 C CB  . ILE A 1 145 ? 4.455   -8.691  -4.636  1.00 9.88   ? 145 ILE A CB  1 
ATOM   1181 C CG1 . ILE A 1 145 ? 4.403   -9.036  -3.143  1.00 10.03  ? 145 ILE A CG1 1 
ATOM   1182 C CG2 . ILE A 1 145 ? 5.865   -8.312  -5.074  1.00 14.52  ? 145 ILE A CG2 1 
ATOM   1183 C CD1 . ILE A 1 145 ? 5.173   -10.317 -2.797  1.00 13.87  ? 145 ILE A CD1 1 
ATOM   1184 N N   . ALA A 1 146 ? 3.109   -7.809  -7.339  1.00 13.71  ? 146 ALA A N   1 
ATOM   1185 C CA  . ALA A 1 146 ? 3.232   -7.434  -8.755  1.00 15.15  ? 146 ALA A CA  1 
ATOM   1186 C C   . ALA A 1 146 ? 2.593   -6.058  -8.987  1.00 12.17  ? 146 ALA A C   1 
ATOM   1187 O O   . ALA A 1 146 ? 3.145   -5.220  -9.700  1.00 17.13  ? 146 ALA A O   1 
ATOM   1188 C CB  . ALA A 1 146 ? 2.551   -8.482  -9.652  1.00 15.46  ? 146 ALA A CB  1 
ATOM   1189 N N   . ASP A 1 147 ? 1.429   -5.845  -8.382  1.00 12.01  ? 147 ASP A N   1 
ATOM   1190 C CA  . ASP A 1 147 ? 0.696   -4.583  -8.504  1.00 15.10  ? 147 ASP A CA  1 
ATOM   1191 C C   . ASP A 1 147 ? 1.495   -3.381  -8.011  1.00 17.08  ? 147 ASP A C   1 
ATOM   1192 O O   . ASP A 1 147 ? 1.232   -2.247  -8.434  1.00 12.65  ? 147 ASP A O   1 
ATOM   1193 C CB  . ASP A 1 147 ? -0.618  -4.638  -7.714  1.00 16.24  ? 147 ASP A CB  1 
ATOM   1194 C CG  . ASP A 1 147 ? -1.563  -5.724  -8.208  1.00 21.28  ? 147 ASP A CG  1 
ATOM   1195 O OD1 . ASP A 1 147 ? -1.323  -6.263  -9.305  1.00 16.15  ? 147 ASP A OD1 1 
ATOM   1196 O OD2 . ASP A 1 147 ? -2.547  -6.030  -7.498  1.00 19.56  ? 147 ASP A OD2 1 
ATOM   1197 N N   . ALA A 1 148 ? 2.446   -3.620  -7.110  1.00 13.41  ? 148 ALA A N   1 
ATOM   1198 C CA  . ALA A 1 148 ? 3.262   -2.540  -6.557  1.00 16.89  ? 148 ALA A CA  1 
ATOM   1199 C C   . ALA A 1 148 ? 4.731   -2.582  -6.965  1.00 14.74  ? 148 ALA A C   1 
ATOM   1200 O O   . ALA A 1 148 ? 5.567   -1.938  -6.334  1.00 15.06  ? 148 ALA A O   1 
ATOM   1201 C CB  . ALA A 1 148 ? 3.152   -2.524  -5.023  1.00 11.01  ? 148 ALA A CB  1 
ATOM   1202 N N   . THR A 1 149 ? 5.057   -3.334  -8.008  1.00 11.54  ? 149 THR A N   1 
ATOM   1203 C CA  . THR A 1 149 ? 6.440   -3.385  -8.460  1.00 15.12  ? 149 THR A CA  1 
ATOM   1204 C C   . THR A 1 149 ? 6.520   -3.288  -9.974  1.00 18.19  ? 149 THR A C   1 
ATOM   1205 O O   . THR A 1 149 ? 7.546   -3.614  -10.568 1.00 15.12  ? 149 THR A O   1 
ATOM   1206 C CB  . THR A 1 149 ? 7.142   -4.679  -8.008  1.00 19.03  ? 149 THR A CB  1 
ATOM   1207 O OG1 . THR A 1 149 ? 6.382   -5.809  -8.451  1.00 13.54  ? 149 THR A OG1 1 
ATOM   1208 C CG2 . THR A 1 149 ? 7.284   -4.702  -6.485  1.00 11.31  ? 149 THR A CG2 1 
ATOM   1209 N N   . ALA A 1 150 ? 5.436   -2.827  -10.595 1.00 15.97  ? 150 ALA A N   1 
ATOM   1210 C CA  . ALA A 1 150 ? 5.398   -2.689  -12.050 1.00 20.48  ? 150 ALA A CA  1 
ATOM   1211 C C   . ALA A 1 150 ? 5.788   -4.005  -12.730 1.00 18.60  ? 150 ALA A C   1 
ATOM   1212 O O   . ALA A 1 150 ? 6.687   -4.042  -13.567 1.00 23.07  ? 150 ALA A O   1 
ATOM   1213 C CB  . ALA A 1 150 ? 6.342   -1.572  -12.488 1.00 20.69  ? 150 ALA A CB  1 
ATOM   1214 N N   . SER A 1 151 ? 5.109   -5.085  -12.372 1.00 16.91  ? 151 SER A N   1 
ATOM   1215 C CA  . SER A 1 151 ? 5.411   -6.383  -12.969 1.00 20.85  ? 151 SER A CA  1 
ATOM   1216 C C   . SER A 1 151 ? 4.152   -7.229  -13.009 1.00 20.44  ? 151 SER A C   1 
ATOM   1217 O O   . SER A 1 151 ? 3.069   -6.752  -12.672 1.00 21.93  ? 151 SER A O   1 
ATOM   1218 C CB  . SER A 1 151 ? 6.499   -7.099  -12.158 1.00 28.31  ? 151 SER A CB  1 
ATOM   1219 O OG  . SER A 1 151 ? 6.059   -7.346  -10.828 1.00 27.90  ? 151 SER A OG  1 
ATOM   1220 N N   . ILE A 1 152 ? 4.285   -8.484  -13.433 1.00 17.87  ? 152 ILE A N   1 
ATOM   1221 C CA  . ILE A 1 152 ? 3.133   -9.380  -13.476 1.00 22.65  ? 152 ILE A CA  1 
ATOM   1222 C C   . ILE A 1 152 ? 3.382   -10.515 -12.498 1.00 23.28  ? 152 ILE A C   1 
ATOM   1223 O O   . ILE A 1 152 ? 4.534   -10.818 -12.178 1.00 18.92  ? 152 ILE A O   1 
ATOM   1224 C CB  . ILE A 1 152 ? 2.890   -9.956  -14.893 1.00 35.56  ? 152 ILE A CB  1 
ATOM   1225 C CG1 . ILE A 1 152 ? 4.098   -10.770 -15.351 1.00 26.13  ? 152 ILE A CG1 1 
ATOM   1226 C CG2 . ILE A 1 152 ? 2.603   -8.818  -15.865 1.00 37.83  ? 152 ILE A CG2 1 
ATOM   1227 C CD1 . ILE A 1 152 ? 3.869   -11.509 -16.658 1.00 38.15  ? 152 ILE A CD1 1 
ATOM   1228 N N   . ARG A 1 153 ? 2.303   -11.138 -12.033 1.00 18.52  ? 153 ARG A N   1 
ATOM   1229 C CA  . ARG A 1 153 ? 2.404   -12.196 -11.038 1.00 26.27  ? 153 ARG A CA  1 
ATOM   1230 C C   . ARG A 1 153 ? 3.418   -13.291 -11.331 1.00 28.00  ? 153 ARG A C   1 
ATOM   1231 O O   . ARG A 1 153 ? 4.179   -13.665 -10.449 1.00 17.10  ? 153 ARG A O   1 
ATOM   1232 C CB  . ARG A 1 153 ? 1.034   -12.831 -10.780 1.00 30.71  ? 153 ARG A CB  1 
ATOM   1233 C CG  . ARG A 1 153 ? 1.039   -13.758 -9.562  1.00 38.47  ? 153 ARG A CG  1 
ATOM   1234 C CD  . ARG A 1 153 ? -0.289  -14.462 -9.322  1.00 54.80  ? 153 ARG A CD  1 
ATOM   1235 N NE  . ARG A 1 153 ? -0.619  -15.422 -10.372 1.00 67.12  ? 153 ARG A NE  1 
ATOM   1236 C CZ  . ARG A 1 153 ? -1.333  -15.131 -11.457 1.00 79.68  ? 153 ARG A CZ  1 
ATOM   1237 N NH1 . ARG A 1 153 ? -1.801  -13.903 -11.638 1.00 90.00  ? 153 ARG A NH1 1 
ATOM   1238 N NH2 . ARG A 1 153 ? -1.584  -16.072 -12.357 1.00 86.31  ? 153 ARG A NH2 1 
ATOM   1239 N N   . GLU A 1 154 ? 3.436   -13.799 -12.562 1.00 19.71  ? 154 GLU A N   1 
ATOM   1240 C CA  . GLU A 1 154 ? 4.357   -14.872 -12.932 1.00 25.00  ? 154 GLU A CA  1 
ATOM   1241 C C   . GLU A 1 154 ? 5.813   -14.514 -12.664 1.00 26.60  ? 154 GLU A C   1 
ATOM   1242 O O   . GLU A 1 154 ? 6.588   -15.346 -12.189 1.00 21.55  ? 154 GLU A O   1 
ATOM   1243 C CB  . GLU A 1 154 ? 4.187   -15.232 -14.414 1.00 29.62  ? 154 GLU A CB  1 
ATOM   1244 C CG  . GLU A 1 154 ? 2.861   -15.895 -14.770 1.00 40.21  ? 154 GLU A CG  1 
ATOM   1245 C CD  . GLU A 1 154 ? 1.649   -15.077 -14.356 1.00 67.55  ? 154 GLU A CD  1 
ATOM   1246 O OE1 . GLU A 1 154 ? 1.582   -13.868 -14.684 1.00 33.03  ? 154 GLU A OE1 1 
ATOM   1247 O OE2 . GLU A 1 154 ? 0.755   -15.652 -13.699 1.00 81.03  ? 154 GLU A OE2 1 
ATOM   1248 N N   . SER A 1 155 ? 6.183   -13.277 -12.982 1.00 18.58  ? 155 SER A N   1 
ATOM   1249 C CA  . SER A 1 155 ? 7.546   -12.813 -12.781 1.00 21.00  ? 155 SER A CA  1 
ATOM   1250 C C   . SER A 1 155 ? 7.873   -12.677 -11.301 1.00 19.01  ? 155 SER A C   1 
ATOM   1251 O O   . SER A 1 155 ? 8.993   -12.978 -10.874 1.00 17.73  ? 155 SER A O   1 
ATOM   1252 C CB  . SER A 1 155 ? 7.750   -11.478 -13.490 1.00 27.62  ? 155 SER A CB  1 
ATOM   1253 O OG  . SER A 1 155 ? 7.459   -11.630 -14.863 1.00 29.04  ? 155 SER A OG  1 
ATOM   1254 N N   . VAL A 1 156 ? 6.901   -12.216 -10.521 1.00 18.23  ? 156 VAL A N   1 
ATOM   1255 C CA  . VAL A 1 156 ? 7.100   -12.084 -9.083  1.00 16.58  ? 156 VAL A CA  1 
ATOM   1256 C C   . VAL A 1 156 ? 7.314   -13.478 -8.483  1.00 24.58  ? 156 VAL A C   1 
ATOM   1257 O O   . VAL A 1 156 ? 8.246   -13.693 -7.707  1.00 16.45  ? 156 VAL A O   1 
ATOM   1258 C CB  . VAL A 1 156 ? 5.877   -11.427 -8.400  1.00 17.97  ? 156 VAL A CB  1 
ATOM   1259 C CG1 . VAL A 1 156 ? 5.976   -11.580 -6.879  1.00 17.26  ? 156 VAL A CG1 1 
ATOM   1260 C CG2 . VAL A 1 156 ? 5.814   -9.940  -8.772  1.00 17.10  ? 156 VAL A CG2 1 
ATOM   1261 N N   . SER A 1 157 ? 6.461   -14.429 -8.858  1.00 20.62  ? 157 SER A N   1 
ATOM   1262 C CA  . SER A 1 157 ? 6.578   -15.789 -8.329  1.00 22.76  ? 157 SER A CA  1 
ATOM   1263 C C   . SER A 1 157 ? 7.955   -16.396 -8.585  1.00 19.21  ? 157 SER A C   1 
ATOM   1264 O O   . SER A 1 157 ? 8.500   -17.102 -7.731  1.00 20.01  ? 157 SER A O   1 
ATOM   1265 C CB  . SER A 1 157 ? 5.495   -16.692 -8.933  1.00 24.32  ? 157 SER A CB  1 
ATOM   1266 O OG  . SER A 1 157 ? 4.200   -16.208 -8.602  1.00 24.39  ? 157 SER A OG  1 
ATOM   1267 N N   . LYS A 1 158 ? 8.518   -16.132 -9.757  1.00 17.20  ? 158 LYS A N   1 
ATOM   1268 C CA  . LYS A 1 158 ? 9.832   -16.664 -10.082 1.00 19.83  ? 158 LYS A CA  1 
ATOM   1269 C C   . LYS A 1 158 ? 10.902  -16.087 -9.166  1.00 22.02  ? 158 LYS A C   1 
ATOM   1270 O O   . LYS A 1 158 ? 11.755  -16.821 -8.676  1.00 17.58  ? 158 LYS A O   1 
ATOM   1271 C CB  . LYS A 1 158 ? 10.216  -16.365 -11.531 1.00 26.38  ? 158 LYS A CB  1 
ATOM   1272 C CG  . LYS A 1 158 ? 11.634  -16.845 -11.857 1.00 35.59  ? 158 LYS A CG  1 
ATOM   1273 C CD  . LYS A 1 158 ? 12.153  -16.305 -13.170 1.00 53.61  ? 158 LYS A CD  1 
ATOM   1274 C CE  . LYS A 1 158 ? 13.597  -16.734 -13.384 1.00 64.73  ? 158 LYS A CE  1 
ATOM   1275 N NZ  . LYS A 1 158 ? 14.465  -16.318 -12.244 1.00 43.57  ? 158 LYS A NZ  1 
ATOM   1276 N N   . VAL A 1 159 ? 10.867  -14.777 -8.938  1.00 15.07  ? 159 VAL A N   1 
ATOM   1277 C CA  . VAL A 1 159 ? 11.859  -14.153 -8.066  1.00 15.33  ? 159 VAL A CA  1 
ATOM   1278 C C   . VAL A 1 159 ? 11.692  -14.658 -6.633  1.00 16.57  ? 159 VAL A C   1 
ATOM   1279 O O   . VAL A 1 159 ? 12.678  -14.904 -5.937  1.00 15.79  ? 159 VAL A O   1 
ATOM   1280 C CB  . VAL A 1 159 ? 11.756  -12.599 -8.079  1.00 15.71  ? 159 VAL A CB  1 
ATOM   1281 C CG1 . VAL A 1 159 ? 12.673  -12.008 -7.020  1.00 17.36  ? 159 VAL A CG1 1 
ATOM   1282 C CG2 . VAL A 1 159 ? 12.148  -12.056 -9.443  1.00 22.62  ? 159 VAL A CG2 1 
ATOM   1283 N N   . LEU A 1 160 ? 10.448  -14.818 -6.187  1.00 14.22  ? 160 LEU A N   1 
ATOM   1284 C CA  . LEU A 1 160 ? 10.206  -15.315 -4.837  1.00 16.75  ? 160 LEU A CA  1 
ATOM   1285 C C   . LEU A 1 160 ? 10.802  -16.715 -4.679  1.00 18.31  ? 160 LEU A C   1 
ATOM   1286 O O   . LEU A 1 160 ? 11.330  -17.051 -3.619  1.00 21.12  ? 160 LEU A O   1 
ATOM   1287 C CB  . LEU A 1 160 ? 8.702   -15.338 -4.523  1.00 11.75  ? 160 LEU A CB  1 
ATOM   1288 C CG  . LEU A 1 160 ? 8.044   -13.955 -4.386  1.00 13.68  ? 160 LEU A CG  1 
ATOM   1289 C CD1 . LEU A 1 160 ? 6.571   -14.127 -4.034  1.00 18.36  ? 160 LEU A CD1 1 
ATOM   1290 C CD2 . LEU A 1 160 ? 8.756   -13.133 -3.302  1.00 16.11  ? 160 LEU A CD2 1 
ATOM   1291 N N   . ALA A 1 161 ? 10.724  -17.519 -5.738  1.00 16.84  ? 161 ALA A N   1 
ATOM   1292 C CA  . ALA A 1 161 ? 11.280  -18.872 -5.714  1.00 24.19  ? 161 ALA A CA  1 
ATOM   1293 C C   . ALA A 1 161 ? 12.799  -18.784 -5.564  1.00 25.36  ? 161 ALA A C   1 
ATOM   1294 O O   . ALA A 1 161 ? 13.413  -19.600 -4.874  1.00 20.29  ? 161 ALA A O   1 
ATOM   1295 C CB  . ALA A 1 161 ? 10.922  -19.613 -6.989  1.00 23.16  ? 161 ALA A CB  1 
ATOM   1296 N N   . ASP A 1 162 ? 13.399  -17.791 -6.218  1.00 18.16  ? 162 ASP A N   1 
ATOM   1297 C CA  . ASP A 1 162 ? 14.842  -17.576 -6.131  1.00 18.87  ? 162 ASP A CA  1 
ATOM   1298 C C   . ASP A 1 162 ? 15.212  -17.186 -4.705  1.00 15.72  ? 162 ASP A C   1 
ATOM   1299 O O   . ASP A 1 162 ? 16.170  -17.706 -4.141  1.00 19.20  ? 162 ASP A O   1 
ATOM   1300 C CB  . ASP A 1 162 ? 15.303  -16.438 -7.054  1.00 18.72  ? 162 ASP A CB  1 
ATOM   1301 C CG  . ASP A 1 162 ? 15.312  -16.822 -8.523  1.00 34.80  ? 162 ASP A CG  1 
ATOM   1302 O OD1 . ASP A 1 162 ? 15.217  -18.025 -8.851  1.00 28.64  ? 162 ASP A OD1 1 
ATOM   1303 O OD2 . ASP A 1 162 ? 15.434  -15.900 -9.355  1.00 31.74  ? 162 ASP A OD2 1 
ATOM   1304 N N   . LEU A 1 163 ? 14.455  -16.251 -4.134  1.00 15.75  ? 163 LEU A N   1 
ATOM   1305 C CA  . LEU A 1 163 ? 14.710  -15.788 -2.776  1.00 13.51  ? 163 LEU A CA  1 
ATOM   1306 C C   . LEU A 1 163 ? 14.535  -16.891 -1.736  1.00 19.18  ? 163 LEU A C   1 
ATOM   1307 O O   . LEU A 1 163 ? 15.231  -16.896 -0.721  1.00 20.27  ? 163 LEU A O   1 
ATOM   1308 C CB  . LEU A 1 163 ? 13.804  -14.600 -2.443  1.00 17.32  ? 163 LEU A CB  1 
ATOM   1309 C CG  . LEU A 1 163 ? 14.066  -13.368 -3.311  1.00 17.77  ? 163 LEU A CG  1 
ATOM   1310 C CD1 . LEU A 1 163 ? 13.019  -12.306 -3.002  1.00 20.37  ? 163 LEU A CD1 1 
ATOM   1311 C CD2 . LEU A 1 163 ? 15.477  -12.830 -3.052  1.00 25.71  ? 163 LEU A CD2 1 
ATOM   1312 N N   . ARG A 1 164 ? 13.599  -17.810 -1.975  1.00 19.53  ? 164 ARG A N   1 
ATOM   1313 C CA  . ARG A 1 164 ? 13.385  -18.931 -1.057  1.00 21.83  ? 164 ARG A CA  1 
ATOM   1314 C C   . ARG A 1 164 ? 14.605  -19.844 -1.109  1.00 15.97  ? 164 ARG A C   1 
ATOM   1315 O O   . ARG A 1 164 ? 15.148  -20.252 -0.074  1.00 21.07  ? 164 ARG A O   1 
ATOM   1316 C CB  . ARG A 1 164 ? 12.139  -19.743 -1.450  1.00 20.50  ? 164 ARG A CB  1 
ATOM   1317 C CG  . ARG A 1 164 ? 10.819  -19.160 -0.975  1.00 25.22  ? 164 ARG A CG  1 
ATOM   1318 C CD  . ARG A 1 164 ? 9.638   -20.106 -1.229  1.00 26.86  ? 164 ARG A CD  1 
ATOM   1319 N NE  . ARG A 1 164 ? 9.369   -20.248 -2.648  1.00 62.22  ? 164 ARG A NE  1 
ATOM   1320 C CZ  . ARG A 1 164 ? 8.249   -19.859 -3.250  1.00 18.66  ? 164 ARG A CZ  1 
ATOM   1321 N NH1 . ARG A 1 164 ? 7.258   -19.294 -2.564  1.00 29.46  ? 164 ARG A NH1 1 
ATOM   1322 N NH2 . ARG A 1 164 ? 8.131   -20.039 -4.549  1.00 37.01  ? 164 ARG A NH2 1 
ATOM   1323 N N   . ARG A 1 165 ? 15.032  -20.155 -2.331  1.00 17.13  ? 165 ARG A N   1 
ATOM   1324 C CA  . ARG A 1 165 ? 16.177  -21.024 -2.565  1.00 19.91  ? 165 ARG A CA  1 
ATOM   1325 C C   . ARG A 1 165 ? 17.452  -20.445 -1.978  1.00 28.59  ? 165 ARG A C   1 
ATOM   1326 O O   . ARG A 1 165 ? 18.334  -21.180 -1.541  1.00 23.31  ? 165 ARG A O   1 
ATOM   1327 C CB  . ARG A 1 165 ? 16.363  -21.239 -4.068  1.00 25.08  ? 165 ARG A CB  1 
ATOM   1328 C CG  . ARG A 1 165 ? 17.467  -22.201 -4.437  1.00 39.29  ? 165 ARG A CG  1 
ATOM   1329 C CD  . ARG A 1 165 ? 17.693  -22.196 -5.939  1.00 34.70  ? 165 ARG A CD  1 
ATOM   1330 N NE  . ARG A 1 165 ? 16.429  -22.279 -6.662  1.00 40.02  ? 165 ARG A NE  1 
ATOM   1331 C CZ  . ARG A 1 165 ? 15.967  -21.332 -7.472  1.00 37.11  ? 165 ARG A CZ  1 
ATOM   1332 N NH1 . ARG A 1 165 ? 16.667  -20.223 -7.673  1.00 39.21  ? 165 ARG A NH1 1 
ATOM   1333 N NH2 . ARG A 1 165 ? 14.797  -21.490 -8.072  1.00 31.67  ? 165 ARG A NH2 1 
ATOM   1334 N N   . GLU A 1 166 ? 17.544  -19.121 -1.969  1.00 18.75  ? 166 GLU A N   1 
ATOM   1335 C CA  . GLU A 1 166 ? 18.725  -18.445 -1.447  1.00 19.62  ? 166 GLU A CA  1 
ATOM   1336 C C   . GLU A 1 166 ? 18.657  -18.183 0.054   1.00 19.24  ? 166 GLU A C   1 
ATOM   1337 O O   . GLU A 1 166 ? 19.643  -17.766 0.660   1.00 21.01  ? 166 GLU A O   1 
ATOM   1338 C CB  . GLU A 1 166 ? 18.928  -17.123 -2.189  1.00 21.12  ? 166 GLU A CB  1 
ATOM   1339 C CG  . GLU A 1 166 ? 19.400  -17.288 -3.619  1.00 19.49  ? 166 GLU A CG  1 
ATOM   1340 C CD  . GLU A 1 166 ? 19.324  -15.990 -4.390  1.00 32.51  ? 166 GLU A CD  1 
ATOM   1341 O OE1 . GLU A 1 166 ? 19.654  -14.945 -3.796  1.00 34.69  ? 166 GLU A OE1 1 
ATOM   1342 O OE2 . GLU A 1 166 ? 18.947  -16.017 -5.580  1.00 22.69  ? 166 GLU A OE2 1 
ATOM   1343 N N   . GLY A 1 167 ? 17.490  -18.399 0.646   1.00 20.94  ? 167 GLY A N   1 
ATOM   1344 C CA  . GLY A 1 167 ? 17.347  -18.195 2.080   1.00 24.18  ? 167 GLY A CA  1 
ATOM   1345 C C   . GLY A 1 167 ? 16.958  -16.810 2.570   1.00 25.00  ? 167 GLY A C   1 
ATOM   1346 O O   . GLY A 1 167 ? 16.906  -16.584 3.781   1.00 17.54  ? 167 GLY A O   1 
ATOM   1347 N N   . LEU A 1 168 ? 16.674  -15.879 1.662   1.00 16.47  ? 168 LEU A N   1 
ATOM   1348 C CA  . LEU A 1 168 ? 16.303  -14.530 2.079   1.00 19.93  ? 168 LEU A CA  1 
ATOM   1349 C C   . LEU A 1 168 ? 14.879  -14.452 2.609   1.00 18.41  ? 168 LEU A C   1 
ATOM   1350 O O   . LEU A 1 168 ? 14.578  -13.641 3.486   1.00 19.20  ? 168 LEU A O   1 
ATOM   1351 C CB  . LEU A 1 168 ? 16.480  -13.532 0.924   1.00 22.67  ? 168 LEU A CB  1 
ATOM   1352 C CG  . LEU A 1 168 ? 17.923  -13.103 0.634   1.00 28.83  ? 168 LEU A CG  1 
ATOM   1353 C CD1 . LEU A 1 168 ? 18.659  -14.250 -0.017  1.00 28.85  ? 168 LEU A CD1 1 
ATOM   1354 C CD2 . LEU A 1 168 ? 17.946  -11.880 -0.274  1.00 24.38  ? 168 LEU A CD2 1 
ATOM   1355 N N   . ILE A 1 169 ? 13.999  -15.285 2.068   1.00 14.81  ? 169 ILE A N   1 
ATOM   1356 C CA  . ILE A 1 169 ? 12.614  -15.298 2.516   1.00 14.13  ? 169 ILE A CA  1 
ATOM   1357 C C   . ILE A 1 169 ? 12.112  -16.730 2.611   1.00 12.48  ? 169 ILE A C   1 
ATOM   1358 O O   . ILE A 1 169 ? 12.781  -17.669 2.178   1.00 17.54  ? 169 ILE A O   1 
ATOM   1359 C CB  . ILE A 1 169 ? 11.665  -14.576 1.511   1.00 15.80  ? 169 ILE A CB  1 
ATOM   1360 C CG1 . ILE A 1 169 ? 11.622  -15.367 0.198   1.00 17.17  ? 169 ILE A CG1 1 
ATOM   1361 C CG2 . ILE A 1 169 ? 12.132  -13.142 1.277   1.00 16.04  ? 169 ILE A CG2 1 
ATOM   1362 C CD1 . ILE A 1 169 ? 10.615  -14.846 -0.826  1.00 24.55  ? 169 ILE A CD1 1 
ATOM   1363 N N   . ALA A 1 170 ? 10.928  -16.871 3.195   1.00 14.17  ? 170 ALA A N   1 
ATOM   1364 C CA  . ALA A 1 170 ? 10.239  -18.155 3.294   1.00 17.74  ? 170 ALA A CA  1 
ATOM   1365 C C   . ALA A 1 170 ? 8.769   -17.772 3.177   1.00 20.56  ? 170 ALA A C   1 
ATOM   1366 O O   . ALA A 1 170 ? 8.403   -16.623 3.469   1.00 19.16  ? 170 ALA A O   1 
ATOM   1367 C CB  . ALA A 1 170 ? 10.519  -18.825 4.635   1.00 23.22  ? 170 ALA A CB  1 
ATOM   1368 N N   . THR A 1 171 ? 7.929   -18.699 2.727   1.00 16.43  ? 171 THR A N   1 
ATOM   1369 C CA  . THR A 1 171 ? 6.509   -18.407 2.589   1.00 21.08  ? 171 THR A CA  1 
ATOM   1370 C C   . THR A 1 171 ? 5.651   -19.459 3.267   1.00 23.11  ? 171 THR A C   1 
ATOM   1371 O O   . THR A 1 171 ? 6.007   -20.633 3.326   1.00 19.68  ? 171 THR A O   1 
ATOM   1372 C CB  . THR A 1 171 ? 6.083   -18.300 1.105   1.00 20.33  ? 171 THR A CB  1 
ATOM   1373 O OG1 . THR A 1 171 ? 6.486   -19.479 0.393   1.00 17.02  ? 171 THR A OG1 1 
ATOM   1374 C CG2 . THR A 1 171 ? 6.732   -17.077 0.458   1.00 27.06  ? 171 THR A CG2 1 
ATOM   1375 N N   . ALA A 1 172 ? 4.518   -19.023 3.795   1.00 18.17  ? 172 ALA A N   1 
ATOM   1376 C CA  . ALA A 1 172 ? 3.601   -19.930 4.464   1.00 28.60  ? 172 ALA A CA  1 
ATOM   1377 C C   . ALA A 1 172 ? 2.356   -19.198 4.928   1.00 21.30  ? 172 ALA A C   1 
ATOM   1378 O O   . ALA A 1 172 ? 2.425   -18.043 5.373   1.00 28.62  ? 172 ALA A O   1 
ATOM   1379 C CB  . ALA A 1 172 ? 4.296   -20.588 5.664   1.00 31.89  ? 172 ALA A CB  1 
ATOM   1380 N N   . TYR A 1 173 ? 1.212   -19.865 4.802   1.00 23.66  ? 173 TYR A N   1 
ATOM   1381 C CA  . TYR A 1 173 ? -0.062  -19.312 5.251   1.00 26.61  ? 173 TYR A CA  1 
ATOM   1382 C C   . TYR A 1 173 ? -0.321  -17.892 4.741   1.00 27.54  ? 173 TYR A C   1 
ATOM   1383 O O   . TYR A 1 173 ? -0.646  -17.001 5.532   1.00 28.37  ? 173 TYR A O   1 
ATOM   1384 C CB  . TYR A 1 173 ? -0.099  -19.322 6.788   1.00 27.15  ? 173 TYR A CB  1 
ATOM   1385 C CG  . TYR A 1 173 ? 0.317   -20.650 7.397   1.00 45.47  ? 173 TYR A CG  1 
ATOM   1386 C CD1 . TYR A 1 173 ? -0.580  -21.717 7.479   1.00 46.40  ? 173 TYR A CD1 1 
ATOM   1387 C CD2 . TYR A 1 173 ? 1.627   -20.855 7.844   1.00 49.92  ? 173 TYR A CD2 1 
ATOM   1388 C CE1 . TYR A 1 173 ? -0.183  -22.960 7.985   1.00 59.76  ? 173 TYR A CE1 1 
ATOM   1389 C CE2 . TYR A 1 173 ? 2.038   -22.093 8.347   1.00 50.60  ? 173 TYR A CE2 1 
ATOM   1390 C CZ  . TYR A 1 173 ? 1.130   -23.143 8.411   1.00 64.50  ? 173 TYR A CZ  1 
ATOM   1391 O OH  . TYR A 1 173 ? 1.542   -24.383 8.854   1.00 43.93  ? 173 TYR A OH  1 
ATOM   1392 N N   . ARG A 1 174 ? -0.167  -17.695 3.431   1.00 23.07  ? 174 ARG A N   1 
ATOM   1393 C CA  . ARG A 1 174 ? -0.392  -16.398 2.783   1.00 25.47  ? 174 ARG A CA  1 
ATOM   1394 C C   . ARG A 1 174 ? 0.550   -15.293 3.270   1.00 30.18  ? 174 ARG A C   1 
ATOM   1395 O O   . ARG A 1 174 ? 0.262   -14.102 3.115   1.00 28.80  ? 174 ARG A O   1 
ATOM   1396 C CB  . ARG A 1 174 ? -1.846  -15.956 2.996   1.00 29.21  ? 174 ARG A CB  1 
ATOM   1397 C CG  . ARG A 1 174 ? -2.874  -16.971 2.506   1.00 61.98  ? 174 ARG A CG  1 
ATOM   1398 C CD  . ARG A 1 174 ? -4.298  -16.513 2.792   1.00 54.24  ? 174 ARG A CD  1 
ATOM   1399 N NE  . ARG A 1 174 ? -4.583  -15.211 2.196   1.00 98.58  ? 174 ARG A NE  1 
ATOM   1400 C CZ  . ARG A 1 174 ? -5.775  -14.622 2.219   1.00 111.12 ? 174 ARG A CZ  1 
ATOM   1401 N NH1 . ARG A 1 174 ? -6.802  -15.219 2.810   1.00 119.95 ? 174 ARG A NH1 1 
ATOM   1402 N NH2 . ARG A 1 174 ? -5.942  -13.433 1.652   1.00 114.13 ? 174 ARG A NH2 1 
ATOM   1403 N N   . ARG A 1 175 ? 1.673   -15.693 3.854   1.00 24.06  ? 175 ARG A N   1 
ATOM   1404 C CA  . ARG A 1 175 ? 2.649   -14.751 4.379   1.00 25.01  ? 175 ARG A CA  1 
ATOM   1405 C C   . ARG A 1 175 ? 4.001   -14.889 3.701   1.00 26.01  ? 175 ARG A C   1 
ATOM   1406 O O   . ARG A 1 175 ? 4.316   -15.917 3.105   1.00 22.62  ? 175 ARG A O   1 
ATOM   1407 C CB  . ARG A 1 175 ? 2.878   -14.993 5.873   1.00 24.26  ? 175 ARG A CB  1 
ATOM   1408 C CG  . ARG A 1 175 ? 1.633   -15.064 6.727   1.00 26.41  ? 175 ARG A CG  1 
ATOM   1409 C CD  . ARG A 1 175 ? 1.970   -15.669 8.086   1.00 22.84  ? 175 ARG A CD  1 
ATOM   1410 N NE  . ARG A 1 175 ? 0.799   -15.752 8.958   1.00 26.36  ? 175 ARG A NE  1 
ATOM   1411 C CZ  . ARG A 1 175 ? 0.816   -16.249 10.191  1.00 51.67  ? 175 ARG A CZ  1 
ATOM   1412 N NH1 . ARG A 1 175 ? 1.948   -16.714 10.707  1.00 53.39  ? 175 ARG A NH1 1 
ATOM   1413 N NH2 . ARG A 1 175 ? -0.299  -16.274 10.913  1.00 41.76  ? 175 ARG A NH2 1 
ATOM   1414 N N   . VAL A 1 176 ? 4.798   -13.836 3.812   1.00 19.34  ? 176 VAL A N   1 
ATOM   1415 C CA  . VAL A 1 176 ? 6.150   -13.850 3.292   1.00 19.59  ? 176 VAL A CA  1 
ATOM   1416 C C   . VAL A 1 176 ? 7.021   -13.494 4.490   1.00 20.13  ? 176 VAL A C   1 
ATOM   1417 O O   . VAL A 1 176 ? 6.942   -12.381 5.031   1.00 17.71  ? 176 VAL A O   1 
ATOM   1418 C CB  . VAL A 1 176 ? 6.367   -12.814 2.171   1.00 19.09  ? 176 VAL A CB  1 
ATOM   1419 C CG1 . VAL A 1 176 ? 7.818   -12.874 1.683   1.00 17.17  ? 176 VAL A CG1 1 
ATOM   1420 C CG2 . VAL A 1 176 ? 5.427   -13.101 1.020   1.00 13.89  ? 176 VAL A CG2 1 
ATOM   1421 N N   . TYR A 1 177 ? 7.826   -14.456 4.927   1.00 14.04  ? 177 TYR A N   1 
ATOM   1422 C CA  . TYR A 1 177 ? 8.724   -14.249 6.050   1.00 11.11  ? 177 TYR A CA  1 
ATOM   1423 C C   . TYR A 1 177 ? 10.020  -13.645 5.547   1.00 15.41  ? 177 TYR A C   1 
ATOM   1424 O O   . TYR A 1 177 ? 10.596  -14.125 4.578   1.00 20.56  ? 177 TYR A O   1 
ATOM   1425 C CB  . TYR A 1 177 ? 9.018   -15.585 6.754   1.00 16.10  ? 177 TYR A CB  1 
ATOM   1426 C CG  . TYR A 1 177 ? 7.891   -16.058 7.641   1.00 17.71  ? 177 TYR A CG  1 
ATOM   1427 C CD1 . TYR A 1 177 ? 7.903   -15.802 9.014   1.00 20.10  ? 177 TYR A CD1 1 
ATOM   1428 C CD2 . TYR A 1 177 ? 6.790   -16.720 7.103   1.00 18.76  ? 177 TYR A CD2 1 
ATOM   1429 C CE1 . TYR A 1 177 ? 6.840   -16.195 9.827   1.00 21.49  ? 177 TYR A CE1 1 
ATOM   1430 C CE2 . TYR A 1 177 ? 5.727   -17.111 7.902   1.00 21.90  ? 177 TYR A CE2 1 
ATOM   1431 C CZ  . TYR A 1 177 ? 5.757   -16.844 9.264   1.00 30.42  ? 177 TYR A CZ  1 
ATOM   1432 O OH  . TYR A 1 177 ? 4.693   -17.214 10.052  1.00 26.28  ? 177 TYR A OH  1 
ATOM   1433 N N   . LEU A 1 178 ? 10.474  -12.583 6.208   1.00 15.51  ? 178 LEU A N   1 
ATOM   1434 C CA  . LEU A 1 178 ? 11.716  -11.919 5.825   1.00 13.24  ? 178 LEU A CA  1 
ATOM   1435 C C   . LEU A 1 178 ? 12.801  -12.501 6.721   1.00 20.79  ? 178 LEU A C   1 
ATOM   1436 O O   . LEU A 1 178 ? 12.987  -12.052 7.849   1.00 24.05  ? 178 LEU A O   1 
ATOM   1437 C CB  . LEU A 1 178 ? 11.581  -10.404 6.032   1.00 12.01  ? 178 LEU A CB  1 
ATOM   1438 C CG  . LEU A 1 178 ? 10.337  -9.815  5.342   1.00 22.60  ? 178 LEU A CG  1 
ATOM   1439 C CD1 . LEU A 1 178 ? 10.422  -8.286  5.329   1.00 22.16  ? 178 LEU A CD1 1 
ATOM   1440 C CD2 . LEU A 1 178 ? 10.247  -10.354 3.907   1.00 17.15  ? 178 LEU A CD2 1 
ATOM   1441 N N   . LEU A 1 179 ? 13.513  -13.497 6.204   1.00 18.70  ? 179 LEU A N   1 
ATOM   1442 C CA  . LEU A 1 179 ? 14.538  -14.190 6.976   1.00 24.56  ? 179 LEU A CA  1 
ATOM   1443 C C   . LEU A 1 179 ? 15.898  -13.513 7.100   1.00 29.49  ? 179 LEU A C   1 
ATOM   1444 O O   . LEU A 1 179 ? 16.570  -13.654 8.119   1.00 29.80  ? 179 LEU A O   1 
ATOM   1445 C CB  . LEU A 1 179 ? 14.739  -15.598 6.412   1.00 19.44  ? 179 LEU A CB  1 
ATOM   1446 C CG  . LEU A 1 179 ? 13.502  -16.489 6.309   1.00 21.55  ? 179 LEU A CG  1 
ATOM   1447 C CD1 . LEU A 1 179 ? 13.937  -17.887 5.867   1.00 16.19  ? 179 LEU A CD1 1 
ATOM   1448 C CD2 . LEU A 1 179 ? 12.770  -16.536 7.648   1.00 23.41  ? 179 LEU A CD2 1 
ATOM   1449 N N   . ASP A 1 180 ? 16.319  -12.795 6.067   1.00 21.04  ? 180 ASP A N   1 
ATOM   1450 C CA  . ASP A 1 180 ? 17.615  -12.126 6.106   1.00 21.29  ? 180 ASP A CA  1 
ATOM   1451 C C   . ASP A 1 180 ? 17.397  -10.670 5.742   1.00 26.23  ? 180 ASP A C   1 
ATOM   1452 O O   . ASP A 1 180 ? 17.506  -10.295 4.579   1.00 24.87  ? 180 ASP A O   1 
ATOM   1453 C CB  . ASP A 1 180 ? 18.569  -12.765 5.098   1.00 20.27  ? 180 ASP A CB  1 
ATOM   1454 C CG  . ASP A 1 180 ? 20.013  -12.330 5.299   1.00 37.56  ? 180 ASP A CG  1 
ATOM   1455 O OD1 . ASP A 1 180 ? 20.236  -11.230 5.840   1.00 28.55  ? 180 ASP A OD1 1 
ATOM   1456 O OD2 . ASP A 1 180 ? 20.923  -13.085 4.904   1.00 33.25  ? 180 ASP A OD2 1 
ATOM   1457 N N   . LEU A 1 181 ? 17.087  -9.857  6.743   1.00 25.50  ? 181 LEU A N   1 
ATOM   1458 C CA  . LEU A 1 181 ? 16.826  -8.443  6.525   1.00 28.48  ? 181 LEU A CA  1 
ATOM   1459 C C   . LEU A 1 181 ? 18.003  -7.726  5.889   1.00 32.17  ? 181 LEU A C   1 
ATOM   1460 O O   . LEU A 1 181 ? 17.823  -6.911  4.986   1.00 25.70  ? 181 LEU A O   1 
ATOM   1461 C CB  . LEU A 1 181 ? 16.461  -7.776  7.847   1.00 32.46  ? 181 LEU A CB  1 
ATOM   1462 C CG  . LEU A 1 181 ? 15.142  -8.258  8.462   1.00 44.73  ? 181 LEU A CG  1 
ATOM   1463 C CD1 . LEU A 1 181 ? 14.936  -7.594  9.816   1.00 43.65  ? 181 LEU A CD1 1 
ATOM   1464 C CD2 . LEU A 1 181 ? 13.986  -7.934  7.519   1.00 42.29  ? 181 LEU A CD2 1 
ATOM   1465 N N   . ALA A 1 182 ? 19.207  -8.029  6.362   1.00 26.89  ? 182 ALA A N   1 
ATOM   1466 C CA  . ALA A 1 182 ? 20.407  -7.400  5.824   1.00 38.12  ? 182 ALA A CA  1 
ATOM   1467 C C   . ALA A 1 182 ? 20.549  -7.664  4.326   1.00 34.42  ? 182 ALA A C   1 
ATOM   1468 O O   . ALA A 1 182 ? 20.814  -6.740  3.555   1.00 28.72  ? 182 ALA A O   1 
ATOM   1469 C CB  . ALA A 1 182 ? 21.645  -7.908  6.562   1.00 40.83  ? 182 ALA A CB  1 
ATOM   1470 N N   . ALA A 1 183 ? 20.372  -8.922  3.919   1.00 23.41  ? 183 ALA A N   1 
ATOM   1471 C CA  . ALA A 1 183 ? 20.491  -9.283  2.508   1.00 20.67  ? 183 ALA A CA  1 
ATOM   1472 C C   . ALA A 1 183 ? 19.411  -8.572  1.688   1.00 23.01  ? 183 ALA A C   1 
ATOM   1473 O O   . ALA A 1 183 ? 19.678  -8.064  0.598   1.00 24.28  ? 183 ALA A O   1 
ATOM   1474 C CB  . ALA A 1 183 ? 20.370  -10.801 2.332   1.00 22.52  ? 183 ALA A CB  1 
ATOM   1475 N N   . LEU A 1 184 ? 18.192  -8.542  2.213   1.00 21.91  ? 184 LEU A N   1 
ATOM   1476 C CA  . LEU A 1 184 ? 17.091  -7.876  1.518   1.00 17.95  ? 184 LEU A CA  1 
ATOM   1477 C C   . LEU A 1 184 ? 17.375  -6.388  1.353   1.00 24.57  ? 184 LEU A C   1 
ATOM   1478 O O   . LEU A 1 184 ? 17.093  -5.807  0.305   1.00 19.02  ? 184 LEU A O   1 
ATOM   1479 C CB  . LEU A 1 184 ? 15.788  -8.086  2.282   1.00 14.23  ? 184 LEU A CB  1 
ATOM   1480 C CG  . LEU A 1 184 ? 15.248  -9.519  2.135   1.00 22.68  ? 184 LEU A CG  1 
ATOM   1481 C CD1 . LEU A 1 184 ? 14.119  -9.767  3.135   1.00 17.64  ? 184 LEU A CD1 1 
ATOM   1482 C CD2 . LEU A 1 184 ? 14.765  -9.731  0.708   1.00 17.88  ? 184 LEU A CD2 1 
ATOM   1483 N N   . GLU A 1 185 ? 17.932  -5.770  2.386   1.00 18.84  ? 185 GLU A N   1 
ATOM   1484 C CA  . GLU A 1 185 ? 18.261  -4.350  2.311   1.00 29.02  ? 185 GLU A CA  1 
ATOM   1485 C C   . GLU A 1 185 ? 19.263  -4.119  1.183   1.00 33.40  ? 185 GLU A C   1 
ATOM   1486 O O   . GLU A 1 185 ? 19.123  -3.180  0.393   1.00 24.84  ? 185 GLU A O   1 
ATOM   1487 C CB  . GLU A 1 185 ? 18.853  -3.873  3.634   1.00 35.36  ? 185 GLU A CB  1 
ATOM   1488 C CG  . GLU A 1 185 ? 17.849  -3.749  4.761   1.00 45.18  ? 185 GLU A CG  1 
ATOM   1489 C CD  . GLU A 1 185 ? 18.500  -3.320  6.063   1.00 66.75  ? 185 GLU A CD  1 
ATOM   1490 O OE1 . GLU A 1 185 ? 19.369  -2.422  6.024   1.00 76.35  ? 185 GLU A OE1 1 
ATOM   1491 O OE2 . GLU A 1 185 ? 18.140  -3.873  7.124   1.00 69.50  ? 185 GLU A OE2 1 
ATOM   1492 N N   . ARG A 1 186 ? 20.274  -4.982  1.106   1.00 29.28  ? 186 ARG A N   1 
ATOM   1493 C CA  . ARG A 1 186 ? 21.284  -4.867  0.060   1.00 30.99  ? 186 ARG A CA  1 
ATOM   1494 C C   . ARG A 1 186 ? 20.650  -5.041  -1.316  1.00 29.97  ? 186 ARG A C   1 
ATOM   1495 O O   . ARG A 1 186 ? 21.029  -4.367  -2.271  1.00 24.00  ? 186 ARG A O   1 
ATOM   1496 C CB  . ARG A 1 186 ? 22.391  -5.921  0.237   1.00 30.61  ? 186 ARG A CB  1 
ATOM   1497 C CG  . ARG A 1 186 ? 23.242  -5.764  1.493   1.00 46.74  ? 186 ARG A CG  1 
ATOM   1498 C CD  . ARG A 1 186 ? 24.565  -6.536  1.377   1.00 42.16  ? 186 ARG A CD  1 
ATOM   1499 N NE  . ARG A 1 186 ? 24.397  -7.990  1.297   1.00 32.77  ? 186 ARG A NE  1 
ATOM   1500 C CZ  . ARG A 1 186 ? 24.111  -8.776  2.332   1.00 51.97  ? 186 ARG A CZ  1 
ATOM   1501 N NH1 . ARG A 1 186 ? 23.979  -10.084 2.150   1.00 53.06  ? 186 ARG A NH1 1 
ATOM   1502 N NH2 . ARG A 1 186 ? 23.959  -8.264  3.550   1.00 36.61  ? 186 ARG A NH2 1 
ATOM   1503 N N   . GLU A 1 187 ? 19.688  -5.949  -1.429  1.00 21.59  ? 187 GLU A N   1 
ATOM   1504 C CA  . GLU A 1 187 ? 19.043  -6.168  -2.717  1.00 17.08  ? 187 GLU A CA  1 
ATOM   1505 C C   . GLU A 1 187 ? 18.239  -4.935  -3.135  1.00 20.15  ? 187 GLU A C   1 
ATOM   1506 O O   . GLU A 1 187 ? 18.270  -4.531  -4.299  1.00 22.60  ? 187 GLU A O   1 
ATOM   1507 C CB  . GLU A 1 187 ? 18.104  -7.379  -2.652  1.00 29.37  ? 187 GLU A CB  1 
ATOM   1508 C CG  . GLU A 1 187 ? 18.780  -8.729  -2.422  1.00 26.31  ? 187 GLU A CG  1 
ATOM   1509 C CD  . GLU A 1 187 ? 19.497  -9.268  -3.652  1.00 45.15  ? 187 GLU A CD  1 
ATOM   1510 O OE1 . GLU A 1 187 ? 19.074  -8.966  -4.790  1.00 33.41  ? 187 GLU A OE1 1 
ATOM   1511 O OE2 . GLU A 1 187 ? 20.477  -10.019 -3.480  1.00 37.49  ? 187 GLU A OE2 1 
ATOM   1512 N N   . ALA A 1 188 ? 17.515  -4.353  -2.185  1.00 23.40  ? 188 ALA A N   1 
ATOM   1513 C CA  . ALA A 1 188 ? 16.679  -3.184  -2.457  1.00 26.34  ? 188 ALA A CA  1 
ATOM   1514 C C   . ALA A 1 188 ? 17.512  -1.942  -2.752  1.00 40.23  ? 188 ALA A C   1 
ATOM   1515 O O   . ALA A 1 188 ? 17.103  -1.083  -3.534  1.00 31.07  ? 188 ALA A O   1 
ATOM   1516 C CB  . ALA A 1 188 ? 15.760  -2.912  -1.263  1.00 21.73  ? 188 ALA A CB  1 
ATOM   1517 N N   . GLY A 1 189 ? 18.678  -1.851  -2.119  1.00 24.71  ? 189 GLY A N   1 
ATOM   1518 C CA  . GLY A 1 189 ? 19.542  -0.701  -2.318  1.00 38.50  ? 189 GLY A CA  1 
ATOM   1519 C C   . GLY A 1 189 ? 19.054  0.462   -1.476  1.00 44.15  ? 189 GLY A C   1 
ATOM   1520 O O   . GLY A 1 189 ? 19.551  0.703   -0.376  1.00 60.80  ? 189 GLY A O   1 
ATOM   1521 N N   . SER A 1 190 ? 18.073  1.186   -1.999  1.00 52.88  ? 190 SER A N   1 
ATOM   1522 C CA  . SER A 1 190 ? 17.494  2.321   -1.295  1.00 54.35  ? 190 SER A CA  1 
ATOM   1523 C C   . SER A 1 190 ? 16.170  1.870   -0.688  1.00 42.38  ? 190 SER A C   1 
ATOM   1524 O O   . SER A 1 190 ? 15.459  1.068   -1.285  1.00 31.27  ? 190 SER A O   1 
ATOM   1525 C CB  . SER A 1 190 ? 17.239  3.473   -2.271  1.00 63.59  ? 190 SER A CB  1 
ATOM   1526 O OG  . SER A 1 190 ? 16.300  3.103   -3.273  1.00 53.56  ? 190 SER A OG  1 
ATOM   1527 N N   . ALA A 1 191 ? 15.848  2.370   0.497   1.00 40.56  ? 191 ALA A N   1 
ATOM   1528 C CA  . ALA A 1 191 ? 14.594  2.006   1.141   1.00 42.73  ? 191 ALA A CA  1 
ATOM   1529 C C   . ALA A 1 191 ? 13.463  2.853   0.563   1.00 40.52  ? 191 ALA A C   1 
ATOM   1530 O O   . ALA A 1 191 ? 13.702  3.903   -0.030  1.00 38.64  ? 191 ALA A O   1 
ATOM   1531 C CB  . ALA A 1 191 ? 14.690  2.223   2.637   1.00 38.47  ? 191 ALA A CB  1 
ATOM   1532 N N   . LEU A 1 192 ? 12.233  2.383   0.733   1.00 28.94  ? 192 LEU A N   1 
ATOM   1533 C CA  . LEU A 1 192 ? 11.055  3.100   0.252   1.00 30.50  ? 192 LEU A CA  1 
ATOM   1534 C C   . LEU A 1 192 ? 10.412  3.828   1.441   1.00 41.53  ? 192 LEU A C   1 
ATOM   1535 O O   . LEU A 1 192 ? 10.237  3.237   2.507   1.00 49.71  ? 192 LEU A O   1 
ATOM   1536 C CB  . LEU A 1 192 ? 10.076  2.097   -0.369  1.00 25.99  ? 192 LEU A CB  1 
ATOM   1537 C CG  . LEU A 1 192 ? 8.717   2.542   -0.897  1.00 35.10  ? 192 LEU A CG  1 
ATOM   1538 C CD1 . LEU A 1 192 ? 8.876   3.720   -1.840  1.00 32.41  ? 192 LEU A CD1 1 
ATOM   1539 C CD2 . LEU A 1 192 ? 8.063   1.362   -1.598  1.00 30.95  ? 192 LEU A CD2 1 
ATOM   1540 N N   . GLU A 1 193 ? 10.069  5.104   1.256   1.00 47.55  ? 193 GLU A N   1 
ATOM   1541 C CA  . GLU A 1 193 ? 9.453   5.921   2.315   1.00 62.11  ? 193 GLU A CA  1 
ATOM   1542 C C   . GLU A 1 193 ? 8.303   5.192   3.019   1.00 47.22  ? 193 GLU A C   1 
ATOM   1543 O O   . GLU A 1 193 ? 7.288   4.882   2.398   1.00 66.66  ? 193 GLU A O   1 
ATOM   1544 C CB  . GLU A 1 193 ? 8.908   7.237   1.735   1.00 51.34  ? 193 GLU A CB  1 
ATOM   1545 C CG  . GLU A 1 193 ? 9.876   8.028   0.855   1.00 70.91  ? 193 GLU A CG  1 
ATOM   1546 C CD  . GLU A 1 193 ? 10.805  8.961   1.618   1.00 66.49  ? 193 GLU A CD  1 
ATOM   1547 O OE1 . GLU A 1 193 ? 10.312  9.858   2.341   1.00 43.47  ? 193 GLU A OE1 1 
ATOM   1548 O OE2 . GLU A 1 193 ? 12.036  8.805   1.477   1.00 46.53  ? 193 GLU A OE2 1 
ATOM   1549 N N   . ALA A 1 194 ? 8.458   4.943   4.318   1.00 52.76  ? 194 ALA A N   1 
ATOM   1550 C CA  . ALA A 1 194 ? 7.432   4.248   5.095   1.00 44.64  ? 194 ALA A CA  1 
ATOM   1551 C C   . ALA A 1 194 ? 6.573   5.198   5.931   1.00 58.87  ? 194 ALA A C   1 
ATOM   1552 O O   . ALA A 1 194 ? 5.542   4.801   6.478   1.00 52.76  ? 194 ALA A O   1 
ATOM   1553 C CB  . ALA A 1 194 ? 8.088   3.208   5.999   1.00 68.96  ? 194 ALA A CB  1 
ATOM   1554 N N   . ALA A 1 195 ? 7.004   6.452   6.032   1.00 48.23  ? 195 ALA A N   1 
ATOM   1555 C CA  . ALA A 1 195 ? 6.277   7.464   6.794   1.00 52.16  ? 195 ALA A CA  1 
ATOM   1556 C C   . ALA A 1 195 ? 6.680   8.861   6.319   1.00 56.29  ? 195 ALA A C   1 
ATOM   1557 O O   . ALA A 1 195 ? 7.636   8.940   5.514   1.00 30.81  ? 195 ALA A O   1 
ATOM   1558 C CB  . ALA A 1 195 ? 6.576   7.310   8.286   1.00 55.14  ? 195 ALA A CB  1 
ATOM   1559 O OXT . ALA A 1 195 ? 6.047   9.854   6.756   1.00 35.57  ? 195 ALA A OXT 1 
HETATM 1560 O O   . HOH B 2 .   ? 14.294  -19.756 2.418   1.00 17.12  ? 196 HOH A O   1 
HETATM 1561 O O   . HOH B 2 .   ? -7.317  11.351  -6.359  1.00 16.66  ? 197 HOH A O   1 
HETATM 1562 O O   . HOH B 2 .   ? -8.635  8.137   -4.540  1.00 15.94  ? 198 HOH A O   1 
HETATM 1563 O O   . HOH B 2 .   ? 12.550  -22.269 -4.565  1.00 16.88  ? 199 HOH A O   1 
HETATM 1564 O O   . HOH B 2 .   ? -18.002 7.467   -0.155  1.00 21.76  ? 200 HOH A O   1 
HETATM 1565 O O   . HOH B 2 .   ? -12.884 8.376   -13.652 1.00 15.77  ? 201 HOH A O   1 
HETATM 1566 O O   . HOH B 2 .   ? -0.024  -3.774  -3.811  1.00 14.40  ? 202 HOH A O   1 
HETATM 1567 O O   . HOH B 2 .   ? -15.653 1.894   -10.764 1.00 17.01  ? 203 HOH A O   1 
HETATM 1568 O O   . HOH B 2 .   ? 2.893   -1.518  -10.476 1.00 18.44  ? 204 HOH A O   1 
HETATM 1569 O O   . HOH B 2 .   ? 2.214   5.412   -0.839  1.00 22.18  ? 205 HOH A O   1 
HETATM 1570 O O   . HOH B 2 .   ? 1.280   8.149   -0.495  1.00 17.37  ? 206 HOH A O   1 
HETATM 1571 O O   . HOH B 2 .   ? 0.093   13.096  9.052   1.00 21.21  ? 207 HOH A O   1 
HETATM 1572 O O   . HOH B 2 .   ? -1.383  -13.993 -6.005  1.00 23.22  ? 208 HOH A O   1 
HETATM 1573 O O   . HOH B 2 .   ? 6.929   -18.694 -6.101  1.00 20.58  ? 209 HOH A O   1 
HETATM 1574 O O   . HOH B 2 .   ? -3.464  -0.339  12.313  1.00 16.63  ? 210 HOH A O   1 
HETATM 1575 O O   . HOH B 2 .   ? 4.063   -17.892 -1.547  1.00 20.81  ? 211 HOH A O   1 
HETATM 1576 O O   . HOH B 2 .   ? 9.754   -22.201 -4.519  1.00 22.88  ? 212 HOH A O   1 
HETATM 1577 O O   . HOH B 2 .   ? -13.607 0.285   -9.697  1.00 19.80  ? 213 HOH A O   1 
HETATM 1578 O O   . HOH B 2 .   ? -14.006 10.343  -11.775 1.00 20.10  ? 214 HOH A O   1 
HETATM 1579 O O   . HOH B 2 .   ? -0.803  7.505   0.927   1.00 17.08  ? 215 HOH A O   1 
HETATM 1580 O O   . HOH B 2 .   ? -17.670 15.420  9.486   1.00 26.55  ? 216 HOH A O   1 
HETATM 1581 O O   . HOH B 2 .   ? 18.632  -4.094  -9.671  1.00 20.22  ? 217 HOH A O   1 
HETATM 1582 O O   . HOH B 2 .   ? 12.082  -0.446  1.422   1.00 23.36  ? 218 HOH A O   1 
HETATM 1583 O O   . HOH B 2 .   ? 10.997  -12.959 -12.769 1.00 23.35  ? 219 HOH A O   1 
HETATM 1584 O O   . HOH B 2 .   ? 18.865  -7.011  -6.472  1.00 33.64  ? 220 HOH A O   1 
HETATM 1585 O O   . HOH B 2 .   ? 17.947  -6.586  -8.838  1.00 25.25  ? 221 HOH A O   1 
HETATM 1586 O O   . HOH B 2 .   ? -17.713 3.935   2.316   1.00 24.80  ? 222 HOH A O   1 
HETATM 1587 O O   . HOH B 2 .   ? -6.746  -8.220  8.408   1.00 32.20  ? 223 HOH A O   1 
HETATM 1588 O O   . HOH B 2 .   ? 16.105  -13.491 -8.844  1.00 27.98  ? 224 HOH A O   1 
HETATM 1589 O O   . HOH B 2 .   ? -18.209 4.777   -1.275  1.00 23.67  ? 225 HOH A O   1 
HETATM 1590 O O   . HOH B 2 .   ? 11.896  5.813   -3.724  1.00 22.88  ? 226 HOH A O   1 
HETATM 1591 O O   . HOH B 2 .   ? 15.364  -9.200  -11.192 1.00 24.98  ? 227 HOH A O   1 
HETATM 1592 O O   . HOH B 2 .   ? -0.295  -15.321 -3.692  1.00 28.81  ? 228 HOH A O   1 
HETATM 1593 O O   . HOH B 2 .   ? 2.978   -16.718 0.873   1.00 23.06  ? 229 HOH A O   1 
HETATM 1594 O O   . HOH B 2 .   ? -0.365  8.759   8.404   1.00 21.86  ? 230 HOH A O   1 
HETATM 1595 O O   . HOH B 2 .   ? -20.544 12.412  3.580   1.00 25.70  ? 231 HOH A O   1 
HETATM 1596 O O   . HOH B 2 .   ? -20.094 7.262   -3.512  1.00 22.48  ? 232 HOH A O   1 
HETATM 1597 O O   . HOH B 2 .   ? -19.584 9.668   -0.567  1.00 26.02  ? 233 HOH A O   1 
HETATM 1598 O O   . HOH B 2 .   ? -8.125  2.968   -16.697 1.00 32.28  ? 234 HOH A O   1 
HETATM 1599 O O   . HOH B 2 .   ? 13.685  -6.678  -14.056 1.00 25.76  ? 235 HOH A O   1 
HETATM 1600 O O   . HOH B 2 .   ? 7.185   -8.417  -15.082 1.00 29.71  ? 236 HOH A O   1 
HETATM 1601 O O   . HOH B 2 .   ? -16.534 -4.507  -1.412  1.00 29.69  ? 237 HOH A O   1 
HETATM 1602 O O   . HOH B 2 .   ? 10.659  -5.728  -14.772 1.00 33.80  ? 238 HOH A O   1 
HETATM 1603 O O   . HOH B 2 .   ? -10.611 -9.107  6.693   1.00 29.37  ? 239 HOH A O   1 
HETATM 1604 O O   . HOH B 2 .   ? -4.444  -10.758 -4.225  1.00 35.19  ? 240 HOH A O   1 
HETATM 1605 O O   . HOH B 2 .   ? 1.810   -14.824 -0.602  1.00 25.79  ? 241 HOH A O   1 
HETATM 1606 O O   . HOH B 2 .   ? -0.846  -11.883 11.368  1.00 42.90  ? 242 HOH A O   1 
HETATM 1607 O O   . HOH B 2 .   ? 0.572   5.279   10.184  1.00 27.79  ? 243 HOH A O   1 
HETATM 1608 O O   . HOH B 2 .   ? 8.486   -2.280  -15.257 1.00 34.65  ? 244 HOH A O   1 
HETATM 1609 O O   . HOH B 2 .   ? -10.154 1.835   -13.356 1.00 40.37  ? 245 HOH A O   1 
HETATM 1610 O O   . HOH B 2 .   ? 2.743   5.516   1.801   1.00 28.11  ? 246 HOH A O   1 
HETATM 1611 O O   . HOH B 2 .   ? 14.783  5.750   -6.468  1.00 34.39  ? 247 HOH A O   1 
HETATM 1612 O O   . HOH B 2 .   ? -0.109  -9.885  -12.566 1.00 30.75  ? 248 HOH A O   1 
HETATM 1613 O O   . HOH B 2 .   ? 17.393  -11.089 9.509   1.00 32.22  ? 249 HOH A O   1 
HETATM 1614 O O   . HOH B 2 .   ? 2.004   -3.812  -12.100 1.00 25.48  ? 250 HOH A O   1 
HETATM 1615 O O   . HOH B 2 .   ? -16.628 -3.223  -4.478  1.00 31.27  ? 251 HOH A O   1 
HETATM 1616 O O   . HOH B 2 .   ? -1.572  15.643  9.824   1.00 28.95  ? 252 HOH A O   1 
HETATM 1617 O O   . HOH B 2 .   ? -0.520  -6.103  -11.525 1.00 45.49  ? 253 HOH A O   1 
HETATM 1618 O O   . HOH B 2 .   ? -3.314  12.483  10.438  1.00 38.01  ? 254 HOH A O   1 
HETATM 1619 O O   . HOH B 2 .   ? 1.434   -18.786 1.594   1.00 33.88  ? 255 HOH A O   1 
HETATM 1620 O O   . HOH B 2 .   ? -18.115 -3.017  3.122   1.00 40.39  ? 256 HOH A O   1 
HETATM 1621 O O   . HOH B 2 .   ? 22.769  -2.529  -2.131  1.00 46.44  ? 257 HOH A O   1 
HETATM 1622 O O   . HOH B 2 .   ? -21.553 0.579   -6.117  1.00 32.96  ? 258 HOH A O   1 
HETATM 1623 O O   . HOH B 2 .   ? 13.205  -23.654 -6.717  1.00 36.72  ? 259 HOH A O   1 
HETATM 1624 O O   . HOH B 2 .   ? -0.226  -9.782  8.950   1.00 33.58  ? 260 HOH A O   1 
HETATM 1625 O O   . HOH B 2 .   ? -4.539  -7.643  -6.723  1.00 34.59  ? 261 HOH A O   1 
HETATM 1626 O O   . HOH B 2 .   ? -18.399 -2.398  5.627   1.00 33.15  ? 262 HOH A O   1 
HETATM 1627 O O   . HOH B 2 .   ? -3.416  -8.706  4.576   1.00 35.88  ? 263 HOH A O   1 
HETATM 1628 O O   . HOH B 2 .   ? 0.118   -1.409  -21.134 1.00 44.85  ? 264 HOH A O   1 
HETATM 1629 O O   . HOH B 2 .   ? -5.015  6.190   13.619  1.00 34.21  ? 265 HOH A O   1 
HETATM 1630 O O   . HOH B 2 .   ? 17.671  -0.675  1.591   1.00 37.20  ? 266 HOH A O   1 
HETATM 1631 O O   . HOH B 2 .   ? -11.540 -6.185  -4.171  1.00 30.35  ? 267 HOH A O   1 
HETATM 1632 O O   . HOH B 2 .   ? -19.189 1.788   -3.517  1.00 37.21  ? 268 HOH A O   1 
HETATM 1633 O O   . HOH B 2 .   ? 23.274  -11.584 4.882   1.00 37.52  ? 269 HOH A O   1 
HETATM 1634 O O   . HOH B 2 .   ? 2.450   -17.183 13.491  1.00 39.59  ? 270 HOH A O   1 
HETATM 1635 O O   . HOH B 2 .   ? -5.423  13.832  11.298  1.00 47.43  ? 271 HOH A O   1 
HETATM 1636 O O   . HOH B 2 .   ? 1.604   -4.598  12.302  1.00 34.02  ? 272 HOH A O   1 
HETATM 1637 O O   . HOH B 2 .   ? -9.765  2.503   -10.064 1.00 28.95  ? 273 HOH A O   1 
HETATM 1638 O O   . HOH B 2 .   ? 13.094  -3.284  -14.729 1.00 41.58  ? 274 HOH A O   1 
HETATM 1639 O O   . HOH B 2 .   ? -17.326 16.614  -1.603  1.00 37.49  ? 275 HOH A O   1 
HETATM 1640 O O   . HOH B 2 .   ? -12.672 21.649  -0.362  1.00 33.21  ? 276 HOH A O   1 
HETATM 1641 O O   . HOH B 2 .   ? -20.573 15.213  2.570   1.00 45.18  ? 277 HOH A O   1 
HETATM 1642 O O   . HOH B 2 .   ? -1.104  -13.662 8.224   1.00 31.23  ? 278 HOH A O   1 
HETATM 1643 O O   . HOH B 2 .   ? 13.690  -0.123  -13.209 1.00 33.16  ? 279 HOH A O   1 
HETATM 1644 O O   . HOH B 2 .   ? 12.353  5.598   -15.338 1.00 48.23  ? 280 HOH A O   1 
HETATM 1645 O O   . HOH B 2 .   ? -6.928  -3.614  11.160  1.00 36.13  ? 281 HOH A O   1 
HETATM 1646 O O   . HOH B 2 .   ? 10.666  -0.243  -13.789 1.00 39.90  ? 282 HOH A O   1 
HETATM 1647 O O   . HOH B 2 .   ? 3.312   -9.474  15.736  1.00 43.02  ? 283 HOH A O   1 
HETATM 1648 O O   . HOH B 2 .   ? -24.473 9.237   -6.770  1.00 33.87  ? 284 HOH A O   1 
HETATM 1649 O O   . HOH B 2 .   ? 11.405  -2.381  7.089   1.00 33.31  ? 285 HOH A O   1 
HETATM 1650 O O   . HOH B 2 .   ? 1.465   3.031   -9.677  1.00 26.10  ? 286 HOH A O   1 
HETATM 1651 O O   . HOH B 2 .   ? -17.989 4.814   -3.959  1.00 23.98  ? 287 HOH A O   1 
HETATM 1652 O O   . HOH B 2 .   ? 3.394   9.940   6.982   1.00 29.30  ? 288 HOH A O   1 
HETATM 1653 O O   . HOH B 2 .   ? 15.485  -25.516 -5.795  1.00 32.71  ? 289 HOH A O   1 
HETATM 1654 O O   . HOH B 2 .   ? 12.913  -12.133 10.427  1.00 26.04  ? 290 HOH A O   1 
HETATM 1655 O O   . HOH B 2 .   ? 11.307  0.231   4.059   1.00 36.08  ? 291 HOH A O   1 
HETATM 1656 O O   . HOH B 2 .   ? 14.297  -13.458 -13.031 1.00 38.06  ? 292 HOH A O   1 
HETATM 1657 O O   . HOH B 2 .   ? -22.307 9.493   -1.457  1.00 29.78  ? 293 HOH A O   1 
HETATM 1658 O O   . HOH B 2 .   ? -19.315 12.967  6.246   1.00 34.11  ? 294 HOH A O   1 
HETATM 1659 O O   . HOH B 2 .   ? 15.869  -11.841 -10.794 1.00 26.08  ? 295 HOH A O   1 
HETATM 1660 O O   . HOH B 2 .   ? 13.585  3.737   -4.866  1.00 32.25  ? 296 HOH A O   1 
HETATM 1661 O O   . HOH B 2 .   ? -11.809 9.175   -15.829 1.00 31.11  ? 297 HOH A O   1 
HETATM 1662 O O   . HOH B 2 .   ? 2.842   3.560   -2.219  1.00 32.47  ? 298 HOH A O   1 
HETATM 1663 O O   . HOH B 2 .   ? 2.123   -17.232 -10.201 1.00 39.54  ? 299 HOH A O   1 
HETATM 1664 O O   . HOH B 2 .   ? -4.289  -3.043  11.989  1.00 36.37  ? 300 HOH A O   1 
HETATM 1665 O O   . HOH B 2 .   ? 2.689   -19.911 -2.371  1.00 41.24  ? 301 HOH A O   1 
HETATM 1666 O O   . HOH B 2 .   ? -17.023 0.795   -2.564  1.00 31.78  ? 302 HOH A O   1 
HETATM 1667 O O   . HOH B 2 .   ? -2.993  -0.996  -20.746 1.00 41.05  ? 303 HOH A O   1 
HETATM 1668 O O   . HOH B 2 .   ? -17.470 -2.232  0.518   1.00 32.13  ? 304 HOH A O   1 
HETATM 1669 O O   . HOH B 2 .   ? 13.143  -19.460 -9.789  1.00 39.95  ? 305 HOH A O   1 
HETATM 1670 O O   . HOH B 2 .   ? -15.541 19.023  -4.466  1.00 36.18  ? 306 HOH A O   1 
HETATM 1671 O O   . HOH B 2 .   ? -15.007 21.689  -8.058  1.00 42.72  ? 307 HOH A O   1 
HETATM 1672 O O   . HOH B 2 .   ? -6.456  8.549   12.630  1.00 42.87  ? 308 HOH A O   1 
HETATM 1673 O O   . HOH B 2 .   ? 22.129  -4.481  4.634   1.00 43.68  ? 309 HOH A O   1 
HETATM 1674 O O   . HOH B 2 .   ? 8.560   -5.481  10.850  1.00 53.35  ? 310 HOH A O   1 
HETATM 1675 O O   . HOH B 2 .   ? -8.133  -7.179  -5.530  1.00 41.81  ? 311 HOH A O   1 
HETATM 1676 O O   . HOH B 2 .   ? -1.042  22.550  7.878   1.00 35.20  ? 312 HOH A O   1 
HETATM 1677 O O   . HOH B 2 .   ? -8.612  -3.134  13.281  1.00 49.22  ? 313 HOH A O   1 
HETATM 1678 O O   . HOH B 2 .   ? -0.251  -4.153  -12.992 1.00 41.69  ? 314 HOH A O   1 
HETATM 1679 O O   . HOH B 2 .   ? -19.015 18.478  3.398   1.00 48.93  ? 315 HOH A O   1 
HETATM 1680 O O   . HOH B 2 .   ? 10.727  -13.190 15.461  1.00 51.19  ? 316 HOH A O   1 
HETATM 1681 O O   . HOH B 2 .   ? 0.171   -7.524  -13.391 1.00 40.75  ? 317 HOH A O   1 
HETATM 1682 O O   . HOH B 2 .   ? -17.906 22.737  -9.753  1.00 56.60  ? 318 HOH A O   1 
HETATM 1683 O O   . HOH B 2 .   ? -22.519 7.726   -7.497  1.00 19.48  ? 319 HOH A O   1 
HETATM 1684 O O   . HOH B 2 .   ? -18.250 16.277  -4.247  1.00 49.06  ? 320 HOH A O   1 
HETATM 1685 O O   . HOH B 2 .   ? 5.991   16.451  1.488   1.00 28.52  ? 321 HOH A O   1 
HETATM 1686 O O   . HOH B 2 .   ? 21.662  -10.240 -5.929  1.00 46.77  ? 322 HOH A O   1 
HETATM 1687 O O   . HOH B 2 .   ? 18.455  -18.385 -7.048  1.00 37.33  ? 323 HOH A O   1 
HETATM 1688 O O   . HOH B 2 .   ? 24.509  -5.491  4.677   1.00 51.27  ? 324 HOH A O   1 
HETATM 1689 O O   . HOH B 2 .   ? -23.077 5.251   -7.154  1.00 36.51  ? 325 HOH A O   1 
HETATM 1690 O O   . HOH B 2 .   ? -23.306 2.821   -7.575  1.00 43.75  ? 326 HOH A O   1 
HETATM 1691 O O   . HOH B 2 .   ? 6.443   5.652   -0.170  1.00 27.61  ? 327 HOH A O   1 
HETATM 1692 O O   . HOH B 2 .   ? 16.047  -18.682 -11.261 1.00 45.41  ? 328 HOH A O   1 
HETATM 1693 O O   . HOH B 2 .   ? 5.037   3.386   -0.692  1.00 34.09  ? 329 HOH A O   1 
HETATM 1694 O O   . HOH B 2 .   ? -11.540 -6.571  11.869  1.00 45.28  ? 330 HOH A O   1 
HETATM 1695 O O   . HOH B 2 .   ? -2.231  -8.605  1.703   1.00 63.23  ? 331 HOH A O   1 
HETATM 1696 O O   . HOH B 2 .   ? -5.558  6.693   -16.045 1.00 36.65  ? 332 HOH A O   1 
HETATM 1697 O O   . HOH B 2 .   ? -5.537  9.857   -16.819 1.00 40.93  ? 333 HOH A O   1 
HETATM 1698 O O   . HOH B 2 .   ? -15.609 17.713  8.691   1.00 42.98  ? 334 HOH A O   1 
HETATM 1699 O O   . HOH B 2 .   ? -13.343 19.744  12.293  1.00 41.92  ? 335 HOH A O   1 
HETATM 1700 O O   . HOH B 2 .   ? -12.099 -10.799 3.313   1.00 41.15  ? 336 HOH A O   1 
HETATM 1701 O O   . HOH B 2 .   ? -3.535  -7.324  -12.529 1.00 44.24  ? 337 HOH A O   1 
HETATM 1702 O O   . HOH B 2 .   ? 18.398  -8.518  -10.662 1.00 36.21  ? 338 HOH A O   1 
HETATM 1703 O O   . HOH B 2 .   ? 10.590  -20.504 -10.517 1.00 38.07  ? 339 HOH A O   1 
HETATM 1704 O O   . HOH B 2 .   ? 21.805  -14.529 -2.037  1.00 47.21  ? 340 HOH A O   1 
HETATM 1705 O O   . HOH B 2 .   ? 2.956   6.228   9.080   1.00 43.37  ? 341 HOH A O   1 
# 
loop_
_pdbx_poly_seq_scheme.asym_id 
_pdbx_poly_seq_scheme.entity_id 
_pdbx_poly_seq_scheme.seq_id 
_pdbx_poly_seq_scheme.mon_id 
_pdbx_poly_seq_scheme.ndb_seq_num 
_pdbx_poly_seq_scheme.pdb_seq_num 
_pdbx_poly_seq_scheme.auth_seq_num 
_pdbx_poly_seq_scheme.pdb_mon_id 
_pdbx_poly_seq_scheme.auth_mon_id 
_pdbx_poly_seq_scheme.pdb_strand_id 
_pdbx_poly_seq_scheme.pdb_ins_code 
_pdbx_poly_seq_scheme.hetero 
A 1 1   MET 1   1   1   MET MET A . n 
A 1 2   LYS 2   2   2   LYS LYS A . n 
A 1 3   ARG 3   3   3   ARG ARG A . n 
A 1 4   PHE 4   4   4   PHE PHE A . n 
A 1 5   ALA 5   5   5   ALA ALA A . n 
A 1 6   ARG 6   6   6   ARG ARG A . n 
A 1 7   LYS 7   7   7   LYS LYS A . n 
A 1 8   GLU 8   8   8   GLU GLU A . n 
A 1 9   THR 9   9   9   THR THR A . n 
A 1 10  ILE 10  10  10  ILE ILE A . n 
A 1 11  TYR 11  11  11  TYR TYR A . n 
A 1 12  LEU 12  12  12  LEU LEU A . n 
A 1 13  ARG 13  13  13  ARG ARG A . n 
A 1 14  GLY 14  14  14  GLY GLY A . n 
A 1 15  GLU 15  15  15  GLU GLU A . n 
A 1 16  GLU 16  16  16  GLU GLU A . n 
A 1 17  ALA 17  17  17  ALA ALA A . n 
A 1 18  ARG 18  18  18  ARG ARG A . n 
A 1 19  THR 19  19  19  THR THR A . n 
A 1 20  LEU 20  20  20  LEU LEU A . n 
A 1 21  TYR 21  21  21  TYR TYR A . n 
A 1 22  ARG 22  22  22  ARG ARG A . n 
A 1 23  LEU 23  23  23  LEU LEU A . n 
A 1 24  GLU 24  24  24  GLU GLU A . n 
A 1 25  GLU 25  25  25  GLU GLU A . n 
A 1 26  GLY 26  26  26  GLY GLY A . n 
A 1 27  LEU 27  27  27  LEU LEU A . n 
A 1 28  VAL 28  28  28  VAL VAL A . n 
A 1 29  ARG 29  29  29  ARG ARG A . n 
A 1 30  VAL 30  30  30  VAL VAL A . n 
A 1 31  VAL 31  31  31  VAL VAL A . n 
A 1 32  GLU 32  32  32  GLU GLU A . n 
A 1 33  LEU 33  33  33  LEU LEU A . n 
A 1 34  LEU 34  34  34  LEU LEU A . n 
A 1 35  PRO 35  35  35  PRO PRO A . n 
A 1 36  ASP 36  36  36  ASP ASP A . n 
A 1 37  GLY 37  37  37  GLY GLY A . n 
A 1 38  ARG 38  38  38  ARG ARG A . n 
A 1 39  LEU 39  39  39  LEU LEU A . n 
A 1 40  ILE 40  40  40  ILE ILE A . n 
A 1 41  THR 41  41  41  THR THR A . n 
A 1 42  LEU 42  42  42  LEU LEU A . n 
A 1 43  ARG 43  43  43  ARG ARG A . n 
A 1 44  HIS 44  44  44  HIS HIS A . n 
A 1 45  VAL 45  45  45  VAL VAL A . n 
A 1 46  LEU 46  46  46  LEU LEU A . n 
A 1 47  PRO 47  47  47  PRO PRO A . n 
A 1 48  GLY 48  48  48  GLY GLY A . n 
A 1 49  ASP 49  49  49  ASP ASP A . n 
A 1 50  TYR 50  50  50  TYR TYR A . n 
A 1 51  PHE 51  51  51  PHE PHE A . n 
A 1 52  GLY 52  52  52  GLY GLY A . n 
A 1 53  GLU 53  53  53  GLU GLU A . n 
A 1 54  GLU 54  54  54  GLU GLU A . n 
A 1 55  ALA 55  55  55  ALA ALA A . n 
A 1 56  LEU 56  56  56  LEU LEU A . n 
A 1 57  GLU 57  57  57  GLU GLU A . n 
A 1 58  GLY 58  58  58  GLY GLY A . n 
A 1 59  LYS 59  59  59  LYS LYS A . n 
A 1 60  ALA 60  60  60  ALA ALA A . n 
A 1 61  TYR 61  61  61  TYR TYR A . n 
A 1 62  ARG 62  62  62  ARG ARG A . n 
A 1 63  TYR 63  63  63  TYR TYR A . n 
A 1 64  THR 64  64  64  THR THR A . n 
A 1 65  ALA 65  65  65  ALA ALA A . n 
A 1 66  GLU 66  66  66  GLU GLU A . n 
A 1 67  ALA 67  67  67  ALA ALA A . n 
A 1 68  MET 68  68  68  MET MET A . n 
A 1 69  THR 69  69  69  THR THR A . n 
A 1 70  GLU 70  70  70  GLU GLU A . n 
A 1 71  ALA 71  71  71  ALA ALA A . n 
A 1 72  VAL 72  72  72  VAL VAL A . n 
A 1 73  VAL 73  73  73  VAL VAL A . n 
A 1 74  GLN 74  74  74  GLN GLN A . n 
A 1 75  GLY 75  75  75  GLY GLY A . n 
A 1 76  LEU 76  76  76  LEU LEU A . n 
A 1 77  GLU 77  77  77  GLU GLU A . n 
A 1 78  PRO 78  78  78  PRO PRO A . n 
A 1 79  ARG 79  79  79  ARG ARG A . n 
A 1 80  ALA 80  80  80  ALA ALA A . n 
A 1 81  MET 81  81  81  MET MET A . n 
A 1 82  ASP 82  82  82  ASP ASP A . n 
A 1 83  HIS 83  83  83  HIS HIS A . n 
A 1 84  GLU 84  84  84  GLU GLU A . n 
A 1 85  ALA 85  85  85  ALA ALA A . n 
A 1 86  LEU 86  86  86  LEU LEU A . n 
A 1 87  HIS 87  87  87  HIS HIS A . n 
A 1 88  ARG 88  88  88  ARG ARG A . n 
A 1 89  VAL 89  89  89  VAL VAL A . n 
A 1 90  ALA 90  90  90  ALA ALA A . n 
A 1 91  ARG 91  91  91  ARG ARG A . n 
A 1 92  ASN 92  92  92  ASN ASN A . n 
A 1 93  LEU 93  93  93  LEU LEU A . n 
A 1 94  ALA 94  94  94  ALA ALA A . n 
A 1 95  ARG 95  95  95  ARG ARG A . n 
A 1 96  GLN 96  96  96  GLN GLN A . n 
A 1 97  MET 97  97  97  MET MET A . n 
A 1 98  ARG 98  98  98  ARG ARG A . n 
A 1 99  ARG 99  99  99  ARG ARG A . n 
A 1 100 VAL 100 100 100 VAL VAL A . n 
A 1 101 GLN 101 101 101 GLN GLN A . n 
A 1 102 ALA 102 102 102 ALA ALA A . n 
A 1 103 TYR 103 103 103 TYR TYR A . n 
A 1 104 GLU 104 104 104 GLU GLU A . n 
A 1 105 ALA 105 105 105 ALA ALA A . n 
A 1 106 HIS 106 106 106 HIS HIS A . n 
A 1 107 LEU 107 107 107 LEU LEU A . n 
A 1 108 GLN 108 108 108 GLN GLN A . n 
A 1 109 THR 109 109 109 THR THR A . n 
A 1 110 GLY 110 110 110 GLY GLY A . n 
A 1 111 GLU 111 111 111 GLU GLU A . n 
A 1 112 LEU 112 112 112 LEU LEU A . n 
A 1 113 ARG 113 113 113 ARG ARG A . n 
A 1 114 ALA 114 114 114 ALA ALA A . n 
A 1 115 ARG 115 115 115 ARG ARG A . n 
A 1 116 ILE 116 116 116 ILE ILE A . n 
A 1 117 ALA 117 117 117 ALA ALA A . n 
A 1 118 ARG 118 118 118 ARG ARG A . n 
A 1 119 TYR 119 119 119 TYR TYR A . n 
A 1 120 LEU 120 120 120 LEU LEU A . n 
A 1 121 LEU 121 121 121 LEU LEU A . n 
A 1 122 PHE 122 122 122 PHE PHE A . n 
A 1 123 LEU 123 123 123 LEU LEU A . n 
A 1 124 ALA 124 124 124 ALA ALA A . n 
A 1 125 ASP 125 125 125 ASP ASP A . n 
A 1 126 THR 126 126 126 THR THR A . n 
A 1 127 PRO 127 127 127 PRO PRO A . n 
A 1 128 LEU 128 128 128 LEU LEU A . n 
A 1 129 SER 129 129 129 SER SER A . n 
A 1 130 ALA 130 130 130 ALA ALA A . n 
A 1 131 ARG 131 131 131 ARG ARG A . n 
A 1 132 ASP 132 132 132 ASP ASP A . n 
A 1 133 ARG 133 133 133 ARG ARG A . n 
A 1 134 GLN 134 134 134 GLN GLN A . n 
A 1 135 GLY 135 135 135 GLY GLY A . n 
A 1 136 ILE 136 136 136 ILE ILE A . n 
A 1 137 TYR 137 137 137 TYR TYR A . n 
A 1 138 VAL 138 138 138 VAL VAL A . n 
A 1 139 THR 139 139 139 THR THR A . n 
A 1 140 VAL 140 140 140 VAL VAL A . n 
A 1 141 SER 141 141 141 SER SER A . n 
A 1 142 HIS 142 142 142 HIS HIS A . n 
A 1 143 GLU 143 143 143 GLU GLU A . n 
A 1 144 GLU 144 144 144 GLU GLU A . n 
A 1 145 ILE 145 145 145 ILE ILE A . n 
A 1 146 ALA 146 146 146 ALA ALA A . n 
A 1 147 ASP 147 147 147 ASP ASP A . n 
A 1 148 ALA 148 148 148 ALA ALA A . n 
A 1 149 THR 149 149 149 THR THR A . n 
A 1 150 ALA 150 150 150 ALA ALA A . n 
A 1 151 SER 151 151 151 SER SER A . n 
A 1 152 ILE 152 152 152 ILE ILE A . n 
A 1 153 ARG 153 153 153 ARG ARG A . n 
A 1 154 GLU 154 154 154 GLU GLU A . n 
A 1 155 SER 155 155 155 SER SER A . n 
A 1 156 VAL 156 156 156 VAL VAL A . n 
A 1 157 SER 157 157 157 SER SER A . n 
A 1 158 LYS 158 158 158 LYS LYS A . n 
A 1 159 VAL 159 159 159 VAL VAL A . n 
A 1 160 LEU 160 160 160 LEU LEU A . n 
A 1 161 ALA 161 161 161 ALA ALA A . n 
A 1 162 ASP 162 162 162 ASP ASP A . n 
A 1 163 LEU 163 163 163 LEU LEU A . n 
A 1 164 ARG 164 164 164 ARG ARG A . n 
A 1 165 ARG 165 165 165 ARG ARG A . n 
A 1 166 GLU 166 166 166 GLU GLU A . n 
A 1 167 GLY 167 167 167 GLY GLY A . n 
A 1 168 LEU 168 168 168 LEU LEU A . n 
A 1 169 ILE 169 169 169 ILE ILE A . n 
A 1 170 ALA 170 170 170 ALA ALA A . n 
A 1 171 THR 171 171 171 THR THR A . n 
A 1 172 ALA 172 172 172 ALA ALA A . n 
A 1 173 TYR 173 173 173 TYR TYR A . n 
A 1 174 ARG 174 174 174 ARG ARG A . n 
A 1 175 ARG 175 175 175 ARG ARG A . n 
A 1 176 VAL 176 176 176 VAL VAL A . n 
A 1 177 TYR 177 177 177 TYR TYR A . n 
A 1 178 LEU 178 178 178 LEU LEU A . n 
A 1 179 LEU 179 179 179 LEU LEU A . n 
A 1 180 ASP 180 180 180 ASP ASP A . n 
A 1 181 LEU 181 181 181 LEU LEU A . n 
A 1 182 ALA 182 182 182 ALA ALA A . n 
A 1 183 ALA 183 183 183 ALA ALA A . n 
A 1 184 LEU 184 184 184 LEU LEU A . n 
A 1 185 GLU 185 185 185 GLU GLU A . n 
A 1 186 ARG 186 186 186 ARG ARG A . n 
A 1 187 GLU 187 187 187 GLU GLU A . n 
A 1 188 ALA 188 188 188 ALA ALA A . n 
A 1 189 GLY 189 189 189 GLY GLY A . n 
A 1 190 SER 190 190 190 SER SER A . n 
A 1 191 ALA 191 191 191 ALA ALA A . n 
A 1 192 LEU 192 192 192 LEU LEU A . n 
A 1 193 GLU 193 193 193 GLU GLU A . n 
A 1 194 ALA 194 194 194 ALA ALA A . n 
A 1 195 ALA 195 195 195 ALA ALA A . n 
# 
_pdbx_SG_project.id                    1 
_pdbx_SG_project.project_name          ? 
_pdbx_SG_project.full_name_of_center   'RIKEN Structural Genomics/Proteomics Initiative' 
_pdbx_SG_project.initial_of_center     RSGI 
# 
loop_
_pdbx_nonpoly_scheme.asym_id 
_pdbx_nonpoly_scheme.entity_id 
_pdbx_nonpoly_scheme.mon_id 
_pdbx_nonpoly_scheme.ndb_seq_num 
_pdbx_nonpoly_scheme.pdb_seq_num 
_pdbx_nonpoly_scheme.auth_seq_num 
_pdbx_nonpoly_scheme.pdb_mon_id 
_pdbx_nonpoly_scheme.auth_mon_id 
_pdbx_nonpoly_scheme.pdb_strand_id 
_pdbx_nonpoly_scheme.pdb_ins_code 
B 2 HOH 1   196 1   HOH HOH A . 
B 2 HOH 2   197 2   HOH HOH A . 
B 2 HOH 3   198 3   HOH HOH A . 
B 2 HOH 4   199 4   HOH HOH A . 
B 2 HOH 5   200 5   HOH HOH A . 
B 2 HOH 6   201 6   HOH HOH A . 
B 2 HOH 7   202 7   HOH HOH A . 
B 2 HOH 8   203 8   HOH HOH A . 
B 2 HOH 9   204 9   HOH HOH A . 
B 2 HOH 10  205 10  HOH HOH A . 
B 2 HOH 11  206 11  HOH HOH A . 
B 2 HOH 12  207 12  HOH HOH A . 
B 2 HOH 13  208 13  HOH HOH A . 
B 2 HOH 14  209 14  HOH HOH A . 
B 2 HOH 15  210 15  HOH HOH A . 
B 2 HOH 16  211 16  HOH HOH A . 
B 2 HOH 17  212 17  HOH HOH A . 
B 2 HOH 18  213 18  HOH HOH A . 
B 2 HOH 19  214 19  HOH HOH A . 
B 2 HOH 20  215 20  HOH HOH A . 
B 2 HOH 21  216 21  HOH HOH A . 
B 2 HOH 22  217 22  HOH HOH A . 
B 2 HOH 23  218 23  HOH HOH A . 
B 2 HOH 24  219 24  HOH HOH A . 
B 2 HOH 25  220 25  HOH HOH A . 
B 2 HOH 26  221 26  HOH HOH A . 
B 2 HOH 27  222 27  HOH HOH A . 
B 2 HOH 28  223 28  HOH HOH A . 
B 2 HOH 29  224 29  HOH HOH A . 
B 2 HOH 30  225 30  HOH HOH A . 
B 2 HOH 31  226 31  HOH HOH A . 
B 2 HOH 32  227 32  HOH HOH A . 
B 2 HOH 33  228 33  HOH HOH A . 
B 2 HOH 34  229 34  HOH HOH A . 
B 2 HOH 35  230 35  HOH HOH A . 
B 2 HOH 36  231 36  HOH HOH A . 
B 2 HOH 37  232 37  HOH HOH A . 
B 2 HOH 38  233 38  HOH HOH A . 
B 2 HOH 39  234 39  HOH HOH A . 
B 2 HOH 40  235 40  HOH HOH A . 
B 2 HOH 41  236 41  HOH HOH A . 
B 2 HOH 42  237 42  HOH HOH A . 
B 2 HOH 43  238 43  HOH HOH A . 
B 2 HOH 44  239 44  HOH HOH A . 
B 2 HOH 45  240 45  HOH HOH A . 
B 2 HOH 46  241 46  HOH HOH A . 
B 2 HOH 47  242 47  HOH HOH A . 
B 2 HOH 48  243 48  HOH HOH A . 
B 2 HOH 49  244 49  HOH HOH A . 
B 2 HOH 50  245 50  HOH HOH A . 
B 2 HOH 51  246 51  HOH HOH A . 
B 2 HOH 52  247 52  HOH HOH A . 
B 2 HOH 53  248 53  HOH HOH A . 
B 2 HOH 54  249 54  HOH HOH A . 
B 2 HOH 55  250 55  HOH HOH A . 
B 2 HOH 56  251 56  HOH HOH A . 
B 2 HOH 57  252 57  HOH HOH A . 
B 2 HOH 58  253 58  HOH HOH A . 
B 2 HOH 59  254 59  HOH HOH A . 
B 2 HOH 60  255 60  HOH HOH A . 
B 2 HOH 61  256 61  HOH HOH A . 
B 2 HOH 62  257 62  HOH HOH A . 
B 2 HOH 63  258 63  HOH HOH A . 
B 2 HOH 64  259 64  HOH HOH A . 
B 2 HOH 65  260 65  HOH HOH A . 
B 2 HOH 66  261 66  HOH HOH A . 
B 2 HOH 67  262 67  HOH HOH A . 
B 2 HOH 68  263 68  HOH HOH A . 
B 2 HOH 69  264 69  HOH HOH A . 
B 2 HOH 70  265 70  HOH HOH A . 
B 2 HOH 71  266 71  HOH HOH A . 
B 2 HOH 72  267 72  HOH HOH A . 
B 2 HOH 73  268 73  HOH HOH A . 
B 2 HOH 74  269 74  HOH HOH A . 
B 2 HOH 75  270 75  HOH HOH A . 
B 2 HOH 76  271 76  HOH HOH A . 
B 2 HOH 77  272 77  HOH HOH A . 
B 2 HOH 78  273 78  HOH HOH A . 
B 2 HOH 79  274 79  HOH HOH A . 
B 2 HOH 80  275 80  HOH HOH A . 
B 2 HOH 81  276 81  HOH HOH A . 
B 2 HOH 82  277 82  HOH HOH A . 
B 2 HOH 83  278 83  HOH HOH A . 
B 2 HOH 84  279 84  HOH HOH A . 
B 2 HOH 85  280 85  HOH HOH A . 
B 2 HOH 86  281 86  HOH HOH A . 
B 2 HOH 87  282 87  HOH HOH A . 
B 2 HOH 88  283 88  HOH HOH A . 
B 2 HOH 89  284 89  HOH HOH A . 
B 2 HOH 90  285 90  HOH HOH A . 
B 2 HOH 91  286 91  HOH HOH A . 
B 2 HOH 92  287 92  HOH HOH A . 
B 2 HOH 93  288 93  HOH HOH A . 
B 2 HOH 94  289 94  HOH HOH A . 
B 2 HOH 95  290 95  HOH HOH A . 
B 2 HOH 96  291 96  HOH HOH A . 
B 2 HOH 97  292 97  HOH HOH A . 
B 2 HOH 98  293 98  HOH HOH A . 
B 2 HOH 99  294 99  HOH HOH A . 
B 2 HOH 100 295 100 HOH HOH A . 
B 2 HOH 101 296 101 HOH HOH A . 
B 2 HOH 102 297 102 HOH HOH A . 
B 2 HOH 103 298 103 HOH HOH A . 
B 2 HOH 104 299 104 HOH HOH A . 
B 2 HOH 105 300 105 HOH HOH A . 
B 2 HOH 106 301 106 HOH HOH A . 
B 2 HOH 107 302 107 HOH HOH A . 
B 2 HOH 108 303 108 HOH HOH A . 
B 2 HOH 109 304 109 HOH HOH A . 
B 2 HOH 110 305 110 HOH HOH A . 
B 2 HOH 111 306 111 HOH HOH A . 
B 2 HOH 112 307 112 HOH HOH A . 
B 2 HOH 113 308 113 HOH HOH A . 
B 2 HOH 114 309 114 HOH HOH A . 
B 2 HOH 115 310 115 HOH HOH A . 
B 2 HOH 116 311 116 HOH HOH A . 
B 2 HOH 117 312 117 HOH HOH A . 
B 2 HOH 118 313 118 HOH HOH A . 
B 2 HOH 119 314 119 HOH HOH A . 
B 2 HOH 120 315 120 HOH HOH A . 
B 2 HOH 121 316 121 HOH HOH A . 
B 2 HOH 122 317 122 HOH HOH A . 
B 2 HOH 123 318 123 HOH HOH A . 
B 2 HOH 124 319 124 HOH HOH A . 
B 2 HOH 125 320 125 HOH HOH A . 
B 2 HOH 126 321 126 HOH HOH A . 
B 2 HOH 127 322 127 HOH HOH A . 
B 2 HOH 128 323 128 HOH HOH A . 
B 2 HOH 129 324 129 HOH HOH A . 
B 2 HOH 130 325 130 HOH HOH A . 
B 2 HOH 131 326 131 HOH HOH A . 
B 2 HOH 132 327 132 HOH HOH A . 
B 2 HOH 133 328 133 HOH HOH A . 
B 2 HOH 134 329 134 HOH HOH A . 
B 2 HOH 135 330 135 HOH HOH A . 
B 2 HOH 136 331 136 HOH HOH A . 
B 2 HOH 137 332 137 HOH HOH A . 
B 2 HOH 138 333 138 HOH HOH A . 
B 2 HOH 139 334 139 HOH HOH A . 
B 2 HOH 140 335 140 HOH HOH A . 
B 2 HOH 141 336 141 HOH HOH A . 
B 2 HOH 142 337 142 HOH HOH A . 
B 2 HOH 143 338 143 HOH HOH A . 
B 2 HOH 144 339 144 HOH HOH A . 
B 2 HOH 145 340 145 HOH HOH A . 
B 2 HOH 146 341 146 HOH HOH A . 
# 
_pdbx_struct_assembly.id                   1 
_pdbx_struct_assembly.details              author_and_software_defined_assembly 
_pdbx_struct_assembly.method_details       PISA 
_pdbx_struct_assembly.oligomeric_details   dimeric 
_pdbx_struct_assembly.oligomeric_count     2 
# 
_pdbx_struct_assembly_gen.assembly_id       1 
_pdbx_struct_assembly_gen.oper_expression   1,2 
_pdbx_struct_assembly_gen.asym_id_list      A,B 
# 
loop_
_pdbx_struct_assembly_prop.biol_id 
_pdbx_struct_assembly_prop.type 
_pdbx_struct_assembly_prop.value 
_pdbx_struct_assembly_prop.details 
1 'ABSA (A^2)' 3660  ? 
1 MORE         -13   ? 
1 'SSA (A^2)'  16910 ? 
# 
loop_
_pdbx_struct_oper_list.id 
_pdbx_struct_oper_list.type 
_pdbx_struct_oper_list.name 
_pdbx_struct_oper_list.symmetry_operation 
_pdbx_struct_oper_list.matrix[1][1] 
_pdbx_struct_oper_list.matrix[1][2] 
_pdbx_struct_oper_list.matrix[1][3] 
_pdbx_struct_oper_list.vector[1] 
_pdbx_struct_oper_list.matrix[2][1] 
_pdbx_struct_oper_list.matrix[2][2] 
_pdbx_struct_oper_list.matrix[2][3] 
_pdbx_struct_oper_list.vector[2] 
_pdbx_struct_oper_list.matrix[3][1] 
_pdbx_struct_oper_list.matrix[3][2] 
_pdbx_struct_oper_list.matrix[3][3] 
_pdbx_struct_oper_list.vector[3] 
1 'identity operation'         1_555  x,y,z              1.0000000000  0.0000000000  0.0000000000  0.0000000000 0.0000000000  1.0000000000  0.0000000000 0.0000000000  0.0000000000  0.0000000000 1.0000000000  0.0000000000   
2 'crystal symmetry operation' 18_645 -x+5/4,z-1/4,y+1/4 -0.6442311558 -0.5552103444 -0.5260301240 5.4644484685 -0.5552103444 -0.1335426597 0.8209188946 18.4727749999 -0.5260301240 0.8209188946 -0.2222261845 -15.8017476074 
# 
loop_
_pdbx_audit_revision_history.ordinal 
_pdbx_audit_revision_history.data_content_type 
_pdbx_audit_revision_history.major_revision 
_pdbx_audit_revision_history.minor_revision 
_pdbx_audit_revision_history.revision_date 
1 'Structure model' 1 0 2011-06-15 
2 'Structure model' 1 1 2011-07-13 
3 'Structure model' 1 2 2012-03-14 
4 'Structure model' 1 3 2013-06-19 
5 'Structure model' 1 4 2023-11-01 
# 
_pdbx_audit_revision_details.ordinal             1 
_pdbx_audit_revision_details.revision_ordinal    1 
_pdbx_audit_revision_details.data_content_type   'Structure model' 
_pdbx_audit_revision_details.provider            repository 
_pdbx_audit_revision_details.type                'Initial release' 
_pdbx_audit_revision_details.description         ? 
_pdbx_audit_revision_details.details             ? 
# 
loop_
_pdbx_audit_revision_group.ordinal 
_pdbx_audit_revision_group.revision_ordinal 
_pdbx_audit_revision_group.data_content_type 
_pdbx_audit_revision_group.group 
1 2 'Structure model' 'Version format compliance' 
2 3 'Structure model' 'Database references'       
3 4 'Structure model' 'Database references'       
4 5 'Structure model' 'Data collection'           
5 5 'Structure model' 'Database references'       
6 5 'Structure model' 'Refinement description'    
# 
loop_
_pdbx_audit_revision_category.ordinal 
_pdbx_audit_revision_category.revision_ordinal 
_pdbx_audit_revision_category.data_content_type 
_pdbx_audit_revision_category.category 
1 5 'Structure model' chem_comp_atom                
2 5 'Structure model' chem_comp_bond                
3 5 'Structure model' database_2                    
4 5 'Structure model' pdbx_initial_refinement_model 
# 
loop_
_pdbx_audit_revision_item.ordinal 
_pdbx_audit_revision_item.revision_ordinal 
_pdbx_audit_revision_item.data_content_type 
_pdbx_audit_revision_item.item 
1 5 'Structure model' '_database_2.pdbx_DOI'                
2 5 'Structure model' '_database_2.pdbx_database_accession' 
# 
loop_
_software.name 
_software.classification 
_software.version 
_software.citation_id 
_software.pdbx_ordinal 
BSS      'data collection' .   ? 1 
MOLREP   phasing           .   ? 2 
CNS      refinement        1.3 ? 3 
HKL-2000 'data reduction'  .   ? 4 
HKL-2000 'data scaling'    .   ? 5 
# 
loop_
_pdbx_validate_torsion.id 
_pdbx_validate_torsion.PDB_model_num 
_pdbx_validate_torsion.auth_comp_id 
_pdbx_validate_torsion.auth_asym_id 
_pdbx_validate_torsion.auth_seq_id 
_pdbx_validate_torsion.PDB_ins_code 
_pdbx_validate_torsion.label_alt_id 
_pdbx_validate_torsion.phi 
_pdbx_validate_torsion.psi 
1 1 LYS A 7   ? ? 81.64   -7.71  
2 1 GLU A 57  ? ? -133.28 -35.04 
3 1 ALA A 172 ? ? -177.69 141.27 
# 
loop_
_chem_comp_atom.comp_id 
_chem_comp_atom.atom_id 
_chem_comp_atom.type_symbol 
_chem_comp_atom.pdbx_aromatic_flag 
_chem_comp_atom.pdbx_stereo_config 
_chem_comp_atom.pdbx_ordinal 
ALA N    N N N 1   
ALA CA   C N S 2   
ALA C    C N N 3   
ALA O    O N N 4   
ALA CB   C N N 5   
ALA OXT  O N N 6   
ALA H    H N N 7   
ALA H2   H N N 8   
ALA HA   H N N 9   
ALA HB1  H N N 10  
ALA HB2  H N N 11  
ALA HB3  H N N 12  
ALA HXT  H N N 13  
ARG N    N N N 14  
ARG CA   C N S 15  
ARG C    C N N 16  
ARG O    O N N 17  
ARG CB   C N N 18  
ARG CG   C N N 19  
ARG CD   C N N 20  
ARG NE   N N N 21  
ARG CZ   C N N 22  
ARG NH1  N N N 23  
ARG NH2  N N N 24  
ARG OXT  O N N 25  
ARG H    H N N 26  
ARG H2   H N N 27  
ARG HA   H N N 28  
ARG HB2  H N N 29  
ARG HB3  H N N 30  
ARG HG2  H N N 31  
ARG HG3  H N N 32  
ARG HD2  H N N 33  
ARG HD3  H N N 34  
ARG HE   H N N 35  
ARG HH11 H N N 36  
ARG HH12 H N N 37  
ARG HH21 H N N 38  
ARG HH22 H N N 39  
ARG HXT  H N N 40  
ASN N    N N N 41  
ASN CA   C N S 42  
ASN C    C N N 43  
ASN O    O N N 44  
ASN CB   C N N 45  
ASN CG   C N N 46  
ASN OD1  O N N 47  
ASN ND2  N N N 48  
ASN OXT  O N N 49  
ASN H    H N N 50  
ASN H2   H N N 51  
ASN HA   H N N 52  
ASN HB2  H N N 53  
ASN HB3  H N N 54  
ASN HD21 H N N 55  
ASN HD22 H N N 56  
ASN HXT  H N N 57  
ASP N    N N N 58  
ASP CA   C N S 59  
ASP C    C N N 60  
ASP O    O N N 61  
ASP CB   C N N 62  
ASP CG   C N N 63  
ASP OD1  O N N 64  
ASP OD2  O N N 65  
ASP OXT  O N N 66  
ASP H    H N N 67  
ASP H2   H N N 68  
ASP HA   H N N 69  
ASP HB2  H N N 70  
ASP HB3  H N N 71  
ASP HD2  H N N 72  
ASP HXT  H N N 73  
GLN N    N N N 74  
GLN CA   C N S 75  
GLN C    C N N 76  
GLN O    O N N 77  
GLN CB   C N N 78  
GLN CG   C N N 79  
GLN CD   C N N 80  
GLN OE1  O N N 81  
GLN NE2  N N N 82  
GLN OXT  O N N 83  
GLN H    H N N 84  
GLN H2   H N N 85  
GLN HA   H N N 86  
GLN HB2  H N N 87  
GLN HB3  H N N 88  
GLN HG2  H N N 89  
GLN HG3  H N N 90  
GLN HE21 H N N 91  
GLN HE22 H N N 92  
GLN HXT  H N N 93  
GLU N    N N N 94  
GLU CA   C N S 95  
GLU C    C N N 96  
GLU O    O N N 97  
GLU CB   C N N 98  
GLU CG   C N N 99  
GLU CD   C N N 100 
GLU OE1  O N N 101 
GLU OE2  O N N 102 
GLU OXT  O N N 103 
GLU H    H N N 104 
GLU H2   H N N 105 
GLU HA   H N N 106 
GLU HB2  H N N 107 
GLU HB3  H N N 108 
GLU HG2  H N N 109 
GLU HG3  H N N 110 
GLU HE2  H N N 111 
GLU HXT  H N N 112 
GLY N    N N N 113 
GLY CA   C N N 114 
GLY C    C N N 115 
GLY O    O N N 116 
GLY OXT  O N N 117 
GLY H    H N N 118 
GLY H2   H N N 119 
GLY HA2  H N N 120 
GLY HA3  H N N 121 
GLY HXT  H N N 122 
HIS N    N N N 123 
HIS CA   C N S 124 
HIS C    C N N 125 
HIS O    O N N 126 
HIS CB   C N N 127 
HIS CG   C Y N 128 
HIS ND1  N Y N 129 
HIS CD2  C Y N 130 
HIS CE1  C Y N 131 
HIS NE2  N Y N 132 
HIS OXT  O N N 133 
HIS H    H N N 134 
HIS H2   H N N 135 
HIS HA   H N N 136 
HIS HB2  H N N 137 
HIS HB3  H N N 138 
HIS HD1  H N N 139 
HIS HD2  H N N 140 
HIS HE1  H N N 141 
HIS HE2  H N N 142 
HIS HXT  H N N 143 
HOH O    O N N 144 
HOH H1   H N N 145 
HOH H2   H N N 146 
ILE N    N N N 147 
ILE CA   C N S 148 
ILE C    C N N 149 
ILE O    O N N 150 
ILE CB   C N S 151 
ILE CG1  C N N 152 
ILE CG2  C N N 153 
ILE CD1  C N N 154 
ILE OXT  O N N 155 
ILE H    H N N 156 
ILE H2   H N N 157 
ILE HA   H N N 158 
ILE HB   H N N 159 
ILE HG12 H N N 160 
ILE HG13 H N N 161 
ILE HG21 H N N 162 
ILE HG22 H N N 163 
ILE HG23 H N N 164 
ILE HD11 H N N 165 
ILE HD12 H N N 166 
ILE HD13 H N N 167 
ILE HXT  H N N 168 
LEU N    N N N 169 
LEU CA   C N S 170 
LEU C    C N N 171 
LEU O    O N N 172 
LEU CB   C N N 173 
LEU CG   C N N 174 
LEU CD1  C N N 175 
LEU CD2  C N N 176 
LEU OXT  O N N 177 
LEU H    H N N 178 
LEU H2   H N N 179 
LEU HA   H N N 180 
LEU HB2  H N N 181 
LEU HB3  H N N 182 
LEU HG   H N N 183 
LEU HD11 H N N 184 
LEU HD12 H N N 185 
LEU HD13 H N N 186 
LEU HD21 H N N 187 
LEU HD22 H N N 188 
LEU HD23 H N N 189 
LEU HXT  H N N 190 
LYS N    N N N 191 
LYS CA   C N S 192 
LYS C    C N N 193 
LYS O    O N N 194 
LYS CB   C N N 195 
LYS CG   C N N 196 
LYS CD   C N N 197 
LYS CE   C N N 198 
LYS NZ   N N N 199 
LYS OXT  O N N 200 
LYS H    H N N 201 
LYS H2   H N N 202 
LYS HA   H N N 203 
LYS HB2  H N N 204 
LYS HB3  H N N 205 
LYS HG2  H N N 206 
LYS HG3  H N N 207 
LYS HD2  H N N 208 
LYS HD3  H N N 209 
LYS HE2  H N N 210 
LYS HE3  H N N 211 
LYS HZ1  H N N 212 
LYS HZ2  H N N 213 
LYS HZ3  H N N 214 
LYS HXT  H N N 215 
MET N    N N N 216 
MET CA   C N S 217 
MET C    C N N 218 
MET O    O N N 219 
MET CB   C N N 220 
MET CG   C N N 221 
MET SD   S N N 222 
MET CE   C N N 223 
MET OXT  O N N 224 
MET H    H N N 225 
MET H2   H N N 226 
MET HA   H N N 227 
MET HB2  H N N 228 
MET HB3  H N N 229 
MET HG2  H N N 230 
MET HG3  H N N 231 
MET HE1  H N N 232 
MET HE2  H N N 233 
MET HE3  H N N 234 
MET HXT  H N N 235 
PHE N    N N N 236 
PHE CA   C N S 237 
PHE C    C N N 238 
PHE O    O N N 239 
PHE CB   C N N 240 
PHE CG   C Y N 241 
PHE CD1  C Y N 242 
PHE CD2  C Y N 243 
PHE CE1  C Y N 244 
PHE CE2  C Y N 245 
PHE CZ   C Y N 246 
PHE OXT  O N N 247 
PHE H    H N N 248 
PHE H2   H N N 249 
PHE HA   H N N 250 
PHE HB2  H N N 251 
PHE HB3  H N N 252 
PHE HD1  H N N 253 
PHE HD2  H N N 254 
PHE HE1  H N N 255 
PHE HE2  H N N 256 
PHE HZ   H N N 257 
PHE HXT  H N N 258 
PRO N    N N N 259 
PRO CA   C N S 260 
PRO C    C N N 261 
PRO O    O N N 262 
PRO CB   C N N 263 
PRO CG   C N N 264 
PRO CD   C N N 265 
PRO OXT  O N N 266 
PRO H    H N N 267 
PRO HA   H N N 268 
PRO HB2  H N N 269 
PRO HB3  H N N 270 
PRO HG2  H N N 271 
PRO HG3  H N N 272 
PRO HD2  H N N 273 
PRO HD3  H N N 274 
PRO HXT  H N N 275 
SER N    N N N 276 
SER CA   C N S 277 
SER C    C N N 278 
SER O    O N N 279 
SER CB   C N N 280 
SER OG   O N N 281 
SER OXT  O N N 282 
SER H    H N N 283 
SER H2   H N N 284 
SER HA   H N N 285 
SER HB2  H N N 286 
SER HB3  H N N 287 
SER HG   H N N 288 
SER HXT  H N N 289 
THR N    N N N 290 
THR CA   C N S 291 
THR C    C N N 292 
THR O    O N N 293 
THR CB   C N R 294 
THR OG1  O N N 295 
THR CG2  C N N 296 
THR OXT  O N N 297 
THR H    H N N 298 
THR H2   H N N 299 
THR HA   H N N 300 
THR HB   H N N 301 
THR HG1  H N N 302 
THR HG21 H N N 303 
THR HG22 H N N 304 
THR HG23 H N N 305 
THR HXT  H N N 306 
TYR N    N N N 307 
TYR CA   C N S 308 
TYR C    C N N 309 
TYR O    O N N 310 
TYR CB   C N N 311 
TYR CG   C Y N 312 
TYR CD1  C Y N 313 
TYR CD2  C Y N 314 
TYR CE1  C Y N 315 
TYR CE2  C Y N 316 
TYR CZ   C Y N 317 
TYR OH   O N N 318 
TYR OXT  O N N 319 
TYR H    H N N 320 
TYR H2   H N N 321 
TYR HA   H N N 322 
TYR HB2  H N N 323 
TYR HB3  H N N 324 
TYR HD1  H N N 325 
TYR HD2  H N N 326 
TYR HE1  H N N 327 
TYR HE2  H N N 328 
TYR HH   H N N 329 
TYR HXT  H N N 330 
VAL N    N N N 331 
VAL CA   C N S 332 
VAL C    C N N 333 
VAL O    O N N 334 
VAL CB   C N N 335 
VAL CG1  C N N 336 
VAL CG2  C N N 337 
VAL OXT  O N N 338 
VAL H    H N N 339 
VAL H2   H N N 340 
VAL HA   H N N 341 
VAL HB   H N N 342 
VAL HG11 H N N 343 
VAL HG12 H N N 344 
VAL HG13 H N N 345 
VAL HG21 H N N 346 
VAL HG22 H N N 347 
VAL HG23 H N N 348 
VAL HXT  H N N 349 
# 
loop_
_chem_comp_bond.comp_id 
_chem_comp_bond.atom_id_1 
_chem_comp_bond.atom_id_2 
_chem_comp_bond.value_order 
_chem_comp_bond.pdbx_aromatic_flag 
_chem_comp_bond.pdbx_stereo_config 
_chem_comp_bond.pdbx_ordinal 
ALA N   CA   sing N N 1   
ALA N   H    sing N N 2   
ALA N   H2   sing N N 3   
ALA CA  C    sing N N 4   
ALA CA  CB   sing N N 5   
ALA CA  HA   sing N N 6   
ALA C   O    doub N N 7   
ALA C   OXT  sing N N 8   
ALA CB  HB1  sing N N 9   
ALA CB  HB2  sing N N 10  
ALA CB  HB3  sing N N 11  
ALA OXT HXT  sing N N 12  
ARG N   CA   sing N N 13  
ARG N   H    sing N N 14  
ARG N   H2   sing N N 15  
ARG CA  C    sing N N 16  
ARG CA  CB   sing N N 17  
ARG CA  HA   sing N N 18  
ARG C   O    doub N N 19  
ARG C   OXT  sing N N 20  
ARG CB  CG   sing N N 21  
ARG CB  HB2  sing N N 22  
ARG CB  HB3  sing N N 23  
ARG CG  CD   sing N N 24  
ARG CG  HG2  sing N N 25  
ARG CG  HG3  sing N N 26  
ARG CD  NE   sing N N 27  
ARG CD  HD2  sing N N 28  
ARG CD  HD3  sing N N 29  
ARG NE  CZ   sing N N 30  
ARG NE  HE   sing N N 31  
ARG CZ  NH1  sing N N 32  
ARG CZ  NH2  doub N N 33  
ARG NH1 HH11 sing N N 34  
ARG NH1 HH12 sing N N 35  
ARG NH2 HH21 sing N N 36  
ARG NH2 HH22 sing N N 37  
ARG OXT HXT  sing N N 38  
ASN N   CA   sing N N 39  
ASN N   H    sing N N 40  
ASN N   H2   sing N N 41  
ASN CA  C    sing N N 42  
ASN CA  CB   sing N N 43  
ASN CA  HA   sing N N 44  
ASN C   O    doub N N 45  
ASN C   OXT  sing N N 46  
ASN CB  CG   sing N N 47  
ASN CB  HB2  sing N N 48  
ASN CB  HB3  sing N N 49  
ASN CG  OD1  doub N N 50  
ASN CG  ND2  sing N N 51  
ASN ND2 HD21 sing N N 52  
ASN ND2 HD22 sing N N 53  
ASN OXT HXT  sing N N 54  
ASP N   CA   sing N N 55  
ASP N   H    sing N N 56  
ASP N   H2   sing N N 57  
ASP CA  C    sing N N 58  
ASP CA  CB   sing N N 59  
ASP CA  HA   sing N N 60  
ASP C   O    doub N N 61  
ASP C   OXT  sing N N 62  
ASP CB  CG   sing N N 63  
ASP CB  HB2  sing N N 64  
ASP CB  HB3  sing N N 65  
ASP CG  OD1  doub N N 66  
ASP CG  OD2  sing N N 67  
ASP OD2 HD2  sing N N 68  
ASP OXT HXT  sing N N 69  
GLN N   CA   sing N N 70  
GLN N   H    sing N N 71  
GLN N   H2   sing N N 72  
GLN CA  C    sing N N 73  
GLN CA  CB   sing N N 74  
GLN CA  HA   sing N N 75  
GLN C   O    doub N N 76  
GLN C   OXT  sing N N 77  
GLN CB  CG   sing N N 78  
GLN CB  HB2  sing N N 79  
GLN CB  HB3  sing N N 80  
GLN CG  CD   sing N N 81  
GLN CG  HG2  sing N N 82  
GLN CG  HG3  sing N N 83  
GLN CD  OE1  doub N N 84  
GLN CD  NE2  sing N N 85  
GLN NE2 HE21 sing N N 86  
GLN NE2 HE22 sing N N 87  
GLN OXT HXT  sing N N 88  
GLU N   CA   sing N N 89  
GLU N   H    sing N N 90  
GLU N   H2   sing N N 91  
GLU CA  C    sing N N 92  
GLU CA  CB   sing N N 93  
GLU CA  HA   sing N N 94  
GLU C   O    doub N N 95  
GLU C   OXT  sing N N 96  
GLU CB  CG   sing N N 97  
GLU CB  HB2  sing N N 98  
GLU CB  HB3  sing N N 99  
GLU CG  CD   sing N N 100 
GLU CG  HG2  sing N N 101 
GLU CG  HG3  sing N N 102 
GLU CD  OE1  doub N N 103 
GLU CD  OE2  sing N N 104 
GLU OE2 HE2  sing N N 105 
GLU OXT HXT  sing N N 106 
GLY N   CA   sing N N 107 
GLY N   H    sing N N 108 
GLY N   H2   sing N N 109 
GLY CA  C    sing N N 110 
GLY CA  HA2  sing N N 111 
GLY CA  HA3  sing N N 112 
GLY C   O    doub N N 113 
GLY C   OXT  sing N N 114 
GLY OXT HXT  sing N N 115 
HIS N   CA   sing N N 116 
HIS N   H    sing N N 117 
HIS N   H2   sing N N 118 
HIS CA  C    sing N N 119 
HIS CA  CB   sing N N 120 
HIS CA  HA   sing N N 121 
HIS C   O    doub N N 122 
HIS C   OXT  sing N N 123 
HIS CB  CG   sing N N 124 
HIS CB  HB2  sing N N 125 
HIS CB  HB3  sing N N 126 
HIS CG  ND1  sing Y N 127 
HIS CG  CD2  doub Y N 128 
HIS ND1 CE1  doub Y N 129 
HIS ND1 HD1  sing N N 130 
HIS CD2 NE2  sing Y N 131 
HIS CD2 HD2  sing N N 132 
HIS CE1 NE2  sing Y N 133 
HIS CE1 HE1  sing N N 134 
HIS NE2 HE2  sing N N 135 
HIS OXT HXT  sing N N 136 
HOH O   H1   sing N N 137 
HOH O   H2   sing N N 138 
ILE N   CA   sing N N 139 
ILE N   H    sing N N 140 
ILE N   H2   sing N N 141 
ILE CA  C    sing N N 142 
ILE CA  CB   sing N N 143 
ILE CA  HA   sing N N 144 
ILE C   O    doub N N 145 
ILE C   OXT  sing N N 146 
ILE CB  CG1  sing N N 147 
ILE CB  CG2  sing N N 148 
ILE CB  HB   sing N N 149 
ILE CG1 CD1  sing N N 150 
ILE CG1 HG12 sing N N 151 
ILE CG1 HG13 sing N N 152 
ILE CG2 HG21 sing N N 153 
ILE CG2 HG22 sing N N 154 
ILE CG2 HG23 sing N N 155 
ILE CD1 HD11 sing N N 156 
ILE CD1 HD12 sing N N 157 
ILE CD1 HD13 sing N N 158 
ILE OXT HXT  sing N N 159 
LEU N   CA   sing N N 160 
LEU N   H    sing N N 161 
LEU N   H2   sing N N 162 
LEU CA  C    sing N N 163 
LEU CA  CB   sing N N 164 
LEU CA  HA   sing N N 165 
LEU C   O    doub N N 166 
LEU C   OXT  sing N N 167 
LEU CB  CG   sing N N 168 
LEU CB  HB2  sing N N 169 
LEU CB  HB3  sing N N 170 
LEU CG  CD1  sing N N 171 
LEU CG  CD2  sing N N 172 
LEU CG  HG   sing N N 173 
LEU CD1 HD11 sing N N 174 
LEU CD1 HD12 sing N N 175 
LEU CD1 HD13 sing N N 176 
LEU CD2 HD21 sing N N 177 
LEU CD2 HD22 sing N N 178 
LEU CD2 HD23 sing N N 179 
LEU OXT HXT  sing N N 180 
LYS N   CA   sing N N 181 
LYS N   H    sing N N 182 
LYS N   H2   sing N N 183 
LYS CA  C    sing N N 184 
LYS CA  CB   sing N N 185 
LYS CA  HA   sing N N 186 
LYS C   O    doub N N 187 
LYS C   OXT  sing N N 188 
LYS CB  CG   sing N N 189 
LYS CB  HB2  sing N N 190 
LYS CB  HB3  sing N N 191 
LYS CG  CD   sing N N 192 
LYS CG  HG2  sing N N 193 
LYS CG  HG3  sing N N 194 
LYS CD  CE   sing N N 195 
LYS CD  HD2  sing N N 196 
LYS CD  HD3  sing N N 197 
LYS CE  NZ   sing N N 198 
LYS CE  HE2  sing N N 199 
LYS CE  HE3  sing N N 200 
LYS NZ  HZ1  sing N N 201 
LYS NZ  HZ2  sing N N 202 
LYS NZ  HZ3  sing N N 203 
LYS OXT HXT  sing N N 204 
MET N   CA   sing N N 205 
MET N   H    sing N N 206 
MET N   H2   sing N N 207 
MET CA  C    sing N N 208 
MET CA  CB   sing N N 209 
MET CA  HA   sing N N 210 
MET C   O    doub N N 211 
MET C   OXT  sing N N 212 
MET CB  CG   sing N N 213 
MET CB  HB2  sing N N 214 
MET CB  HB3  sing N N 215 
MET CG  SD   sing N N 216 
MET CG  HG2  sing N N 217 
MET CG  HG3  sing N N 218 
MET SD  CE   sing N N 219 
MET CE  HE1  sing N N 220 
MET CE  HE2  sing N N 221 
MET CE  HE3  sing N N 222 
MET OXT HXT  sing N N 223 
PHE N   CA   sing N N 224 
PHE N   H    sing N N 225 
PHE N   H2   sing N N 226 
PHE CA  C    sing N N 227 
PHE CA  CB   sing N N 228 
PHE CA  HA   sing N N 229 
PHE C   O    doub N N 230 
PHE C   OXT  sing N N 231 
PHE CB  CG   sing N N 232 
PHE CB  HB2  sing N N 233 
PHE CB  HB3  sing N N 234 
PHE CG  CD1  doub Y N 235 
PHE CG  CD2  sing Y N 236 
PHE CD1 CE1  sing Y N 237 
PHE CD1 HD1  sing N N 238 
PHE CD2 CE2  doub Y N 239 
PHE CD2 HD2  sing N N 240 
PHE CE1 CZ   doub Y N 241 
PHE CE1 HE1  sing N N 242 
PHE CE2 CZ   sing Y N 243 
PHE CE2 HE2  sing N N 244 
PHE CZ  HZ   sing N N 245 
PHE OXT HXT  sing N N 246 
PRO N   CA   sing N N 247 
PRO N   CD   sing N N 248 
PRO N   H    sing N N 249 
PRO CA  C    sing N N 250 
PRO CA  CB   sing N N 251 
PRO CA  HA   sing N N 252 
PRO C   O    doub N N 253 
PRO C   OXT  sing N N 254 
PRO CB  CG   sing N N 255 
PRO CB  HB2  sing N N 256 
PRO CB  HB3  sing N N 257 
PRO CG  CD   sing N N 258 
PRO CG  HG2  sing N N 259 
PRO CG  HG3  sing N N 260 
PRO CD  HD2  sing N N 261 
PRO CD  HD3  sing N N 262 
PRO OXT HXT  sing N N 263 
SER N   CA   sing N N 264 
SER N   H    sing N N 265 
SER N   H2   sing N N 266 
SER CA  C    sing N N 267 
SER CA  CB   sing N N 268 
SER CA  HA   sing N N 269 
SER C   O    doub N N 270 
SER C   OXT  sing N N 271 
SER CB  OG   sing N N 272 
SER CB  HB2  sing N N 273 
SER CB  HB3  sing N N 274 
SER OG  HG   sing N N 275 
SER OXT HXT  sing N N 276 
THR N   CA   sing N N 277 
THR N   H    sing N N 278 
THR N   H2   sing N N 279 
THR CA  C    sing N N 280 
THR CA  CB   sing N N 281 
THR CA  HA   sing N N 282 
THR C   O    doub N N 283 
THR C   OXT  sing N N 284 
THR CB  OG1  sing N N 285 
THR CB  CG2  sing N N 286 
THR CB  HB   sing N N 287 
THR OG1 HG1  sing N N 288 
THR CG2 HG21 sing N N 289 
THR CG2 HG22 sing N N 290 
THR CG2 HG23 sing N N 291 
THR OXT HXT  sing N N 292 
TYR N   CA   sing N N 293 
TYR N   H    sing N N 294 
TYR N   H2   sing N N 295 
TYR CA  C    sing N N 296 
TYR CA  CB   sing N N 297 
TYR CA  HA   sing N N 298 
TYR C   O    doub N N 299 
TYR C   OXT  sing N N 300 
TYR CB  CG   sing N N 301 
TYR CB  HB2  sing N N 302 
TYR CB  HB3  sing N N 303 
TYR CG  CD1  doub Y N 304 
TYR CG  CD2  sing Y N 305 
TYR CD1 CE1  sing Y N 306 
TYR CD1 HD1  sing N N 307 
TYR CD2 CE2  doub Y N 308 
TYR CD2 HD2  sing N N 309 
TYR CE1 CZ   doub Y N 310 
TYR CE1 HE1  sing N N 311 
TYR CE2 CZ   sing Y N 312 
TYR CE2 HE2  sing N N 313 
TYR CZ  OH   sing N N 314 
TYR OH  HH   sing N N 315 
TYR OXT HXT  sing N N 316 
VAL N   CA   sing N N 317 
VAL N   H    sing N N 318 
VAL N   H2   sing N N 319 
VAL CA  C    sing N N 320 
VAL CA  CB   sing N N 321 
VAL CA  HA   sing N N 322 
VAL C   O    doub N N 323 
VAL C   OXT  sing N N 324 
VAL CB  CG1  sing N N 325 
VAL CB  CG2  sing N N 326 
VAL CB  HB   sing N N 327 
VAL CG1 HG11 sing N N 328 
VAL CG1 HG12 sing N N 329 
VAL CG1 HG13 sing N N 330 
VAL CG2 HG21 sing N N 331 
VAL CG2 HG22 sing N N 332 
VAL CG2 HG23 sing N N 333 
VAL OXT HXT  sing N N 334 
# 
_pdbx_entity_nonpoly.entity_id   2 
_pdbx_entity_nonpoly.name        water 
_pdbx_entity_nonpoly.comp_id     HOH 
# 
_pdbx_initial_refinement_model.id               1 
_pdbx_initial_refinement_model.entity_id_list   ? 
_pdbx_initial_refinement_model.type             'experimental model' 
_pdbx_initial_refinement_model.source_name      PDB 
_pdbx_initial_refinement_model.accession_code   2ZCW 
_pdbx_initial_refinement_model.details          'PDB ENTRY 2ZCW' 
# 
